data_1UEZ
#
_entry.id   1UEZ
#
_cell.length_a   1.000
_cell.length_b   1.000
_cell.length_c   1.000
_cell.angle_alpha   90.00
_cell.angle_beta   90.00
_cell.angle_gamma   90.00
#
_symmetry.space_group_name_H-M   'P 1'
#
_entity_poly.entity_id   1
_entity_poly.type   'polypeptide(L)'
_entity_poly.pdbx_seq_one_letter_code
;GSSGSSGEVRLVSLRRAKAHEGLGFSIRGGSEHGVGIYVSLVEPGSLAEKEGLRVGDQILRVNDKSLARVTHAEAVKALK
GSKKLVLSVYSAGRISGPSSG
;
_entity_poly.pdbx_strand_id   A
#
# COMPACT_ATOMS: atom_id res chain seq x y z
N GLY A 1 -18.91 -2.98 26.03
CA GLY A 1 -17.59 -3.39 25.57
C GLY A 1 -17.04 -2.41 24.52
N SER A 2 -16.20 -2.95 23.64
CA SER A 2 -15.61 -2.14 22.59
C SER A 2 -16.21 -2.52 21.24
N SER A 3 -16.24 -1.55 20.34
CA SER A 3 -16.79 -1.76 19.01
C SER A 3 -15.98 -0.99 17.98
N GLY A 4 -15.27 -1.73 17.13
CA GLY A 4 -14.46 -1.12 16.10
C GLY A 4 -14.48 -1.96 14.82
N SER A 5 -15.50 -1.73 14.02
CA SER A 5 -15.66 -2.44 12.77
C SER A 5 -15.27 -1.55 11.60
N SER A 6 -15.97 -0.43 11.49
CA SER A 6 -15.70 0.52 10.43
C SER A 6 -14.29 1.09 10.56
N GLY A 7 -13.47 0.80 9.57
CA GLY A 7 -12.10 1.27 9.56
C GLY A 7 -11.16 0.22 10.15
N GLU A 8 -10.14 -0.11 9.39
CA GLU A 8 -9.15 -1.09 9.82
C GLU A 8 -7.95 -1.11 8.87
N VAL A 9 -6.83 -0.65 9.41
CA VAL A 9 -5.60 -0.62 8.62
C VAL A 9 -5.05 -2.03 8.46
N ARG A 10 -4.84 -2.42 7.22
CA ARG A 10 -4.31 -3.74 6.92
C ARG A 10 -2.79 -3.69 6.77
N LEU A 11 -2.18 -4.86 6.81
CA LEU A 11 -0.73 -4.96 6.67
C LEU A 11 -0.40 -5.81 5.44
N VAL A 12 0.11 -5.13 4.43
CA VAL A 12 0.48 -5.80 3.19
C VAL A 12 2.00 -6.00 3.15
N SER A 13 2.40 -7.15 2.66
CA SER A 13 3.82 -7.47 2.55
C SER A 13 4.15 -7.94 1.13
N LEU A 14 5.13 -7.27 0.54
CA LEU A 14 5.56 -7.60 -0.81
C LEU A 14 7.05 -7.91 -0.81
N ARG A 15 7.39 -9.03 -1.44
CA ARG A 15 8.78 -9.45 -1.51
C ARG A 15 9.14 -9.85 -2.94
N ARG A 16 10.39 -9.58 -3.31
CA ARG A 16 10.86 -9.91 -4.64
C ARG A 16 12.34 -9.58 -4.78
N ALA A 17 12.69 -8.38 -4.32
CA ALA A 17 14.08 -7.93 -4.38
C ALA A 17 14.59 -8.06 -5.82
N LYS A 18 14.11 -7.15 -6.66
CA LYS A 18 14.51 -7.14 -8.05
C LYS A 18 13.88 -5.93 -8.76
N ALA A 19 14.75 -5.00 -9.16
CA ALA A 19 14.29 -3.81 -9.85
C ALA A 19 13.75 -4.18 -11.23
N HIS A 20 12.63 -4.90 -11.21
CA HIS A 20 12.02 -5.33 -12.46
C HIS A 20 10.64 -4.68 -12.58
N GLU A 21 9.89 -4.74 -11.50
CA GLU A 21 8.55 -4.16 -11.48
C GLU A 21 8.33 -3.36 -10.20
N GLY A 22 8.68 -3.98 -9.08
CA GLY A 22 8.55 -3.34 -7.79
C GLY A 22 8.00 -4.32 -6.74
N LEU A 23 6.83 -4.00 -6.23
CA LEU A 23 6.20 -4.84 -5.22
C LEU A 23 4.92 -5.45 -5.81
N GLY A 24 4.70 -5.18 -7.09
CA GLY A 24 3.53 -5.70 -7.77
C GLY A 24 2.45 -4.61 -7.91
N PHE A 25 2.57 -3.60 -7.06
CA PHE A 25 1.62 -2.50 -7.08
C PHE A 25 2.34 -1.16 -7.19
N SER A 26 1.80 -0.30 -8.05
CA SER A 26 2.38 1.02 -8.26
C SER A 26 1.70 2.04 -7.34
N ILE A 27 2.45 3.09 -7.02
CA ILE A 27 1.93 4.13 -6.16
C ILE A 27 1.77 5.42 -6.97
N ARG A 28 1.07 6.38 -6.37
CA ARG A 28 0.84 7.65 -7.02
C ARG A 28 0.69 8.77 -5.98
N GLY A 29 0.72 9.99 -6.47
CA GLY A 29 0.59 11.15 -5.60
C GLY A 29 1.96 11.72 -5.23
N GLY A 30 2.13 12.01 -3.95
CA GLY A 30 3.38 12.56 -3.47
C GLY A 30 3.19 13.98 -2.94
N SER A 31 3.97 14.32 -1.92
CA SER A 31 3.90 15.63 -1.33
C SER A 31 4.14 16.71 -2.40
N GLU A 32 4.81 16.30 -3.46
CA GLU A 32 5.11 17.20 -4.55
C GLU A 32 3.82 17.65 -5.24
N HIS A 33 2.77 16.87 -5.03
CA HIS A 33 1.47 17.18 -5.62
C HIS A 33 0.52 17.67 -4.53
N GLY A 34 0.97 17.55 -3.30
CA GLY A 34 0.17 17.97 -2.15
C GLY A 34 -0.63 16.81 -1.58
N VAL A 35 -0.43 15.64 -2.18
CA VAL A 35 -1.12 14.44 -1.73
C VAL A 35 -0.12 13.47 -1.11
N GLY A 36 -0.65 12.48 -0.42
CA GLY A 36 0.18 11.48 0.24
C GLY A 36 0.57 10.36 -0.75
N ILE A 37 0.26 9.14 -0.35
CA ILE A 37 0.56 7.99 -1.18
C ILE A 37 -0.67 7.10 -1.30
N TYR A 38 -0.83 6.50 -2.46
CA TYR A 38 -1.97 5.63 -2.71
C TYR A 38 -1.70 4.69 -3.89
N VAL A 39 -2.34 3.54 -3.86
CA VAL A 39 -2.18 2.56 -4.91
C VAL A 39 -2.76 3.12 -6.22
N SER A 40 -1.95 3.02 -7.27
CA SER A 40 -2.37 3.51 -8.58
C SER A 40 -2.67 2.33 -9.51
N LEU A 41 -1.87 1.28 -9.37
CA LEU A 41 -2.04 0.09 -10.18
C LEU A 41 -1.71 -1.14 -9.35
N VAL A 42 -2.46 -2.21 -9.60
CA VAL A 42 -2.25 -3.45 -8.89
C VAL A 42 -2.32 -4.62 -9.87
N GLU A 43 -1.21 -5.33 -9.99
CA GLU A 43 -1.14 -6.46 -10.89
C GLU A 43 -2.04 -7.59 -10.40
N PRO A 44 -2.72 -8.25 -11.37
CA PRO A 44 -3.61 -9.35 -11.05
C PRO A 44 -2.82 -10.61 -10.69
N GLY A 45 -3.54 -11.57 -10.11
CA GLY A 45 -2.92 -12.83 -9.71
C GLY A 45 -1.51 -12.59 -9.15
N SER A 46 -1.33 -11.42 -8.57
CA SER A 46 -0.04 -11.06 -7.99
C SER A 46 -0.06 -11.26 -6.47
N LEU A 47 1.09 -11.02 -5.86
CA LEU A 47 1.20 -11.17 -4.42
C LEU A 47 0.45 -10.03 -3.73
N ALA A 48 0.76 -8.82 -4.15
CA ALA A 48 0.11 -7.64 -3.59
C ALA A 48 -1.40 -7.86 -3.56
N GLU A 49 -1.97 -7.97 -4.75
CA GLU A 49 -3.40 -8.18 -4.88
C GLU A 49 -3.85 -9.35 -3.98
N LYS A 50 -2.93 -10.27 -3.76
CA LYS A 50 -3.21 -11.42 -2.93
C LYS A 50 -3.25 -10.99 -1.46
N GLU A 51 -2.39 -10.03 -1.13
CA GLU A 51 -2.31 -9.53 0.22
C GLU A 51 -3.56 -8.71 0.56
N GLY A 52 -4.26 -8.30 -0.49
CA GLY A 52 -5.47 -7.51 -0.32
C GLY A 52 -5.36 -6.18 -1.08
N LEU A 53 -4.13 -5.72 -1.22
CA LEU A 53 -3.86 -4.46 -1.91
C LEU A 53 -4.79 -4.36 -3.12
N ARG A 54 -5.07 -3.12 -3.50
CA ARG A 54 -5.94 -2.87 -4.64
C ARG A 54 -5.91 -1.38 -5.00
N VAL A 55 -6.06 -1.11 -6.29
CA VAL A 55 -6.06 0.25 -6.79
C VAL A 55 -7.10 1.07 -6.01
N GLY A 56 -6.60 1.87 -5.08
CA GLY A 56 -7.48 2.70 -4.26
C GLY A 56 -7.14 2.55 -2.78
N ASP A 57 -5.85 2.49 -2.50
CA ASP A 57 -5.40 2.35 -1.13
C ASP A 57 -4.53 3.55 -0.76
N GLN A 58 -4.18 3.62 0.52
CA GLN A 58 -3.36 4.72 1.01
C GLN A 58 -2.21 4.18 1.86
N ILE A 59 -1.01 4.27 1.31
CA ILE A 59 0.18 3.80 1.99
C ILE A 59 0.48 4.73 3.18
N LEU A 60 -0.09 4.38 4.32
CA LEU A 60 0.11 5.17 5.52
C LEU A 60 1.56 5.04 5.99
N ARG A 61 2.03 3.81 6.02
CA ARG A 61 3.40 3.53 6.44
C ARG A 61 4.04 2.51 5.50
N VAL A 62 5.37 2.50 5.49
CA VAL A 62 6.11 1.59 4.66
C VAL A 62 7.37 1.12 5.41
N ASN A 63 7.37 -0.17 5.75
CA ASN A 63 8.49 -0.75 6.46
C ASN A 63 8.39 -0.39 7.95
N ASP A 64 8.33 0.90 8.21
CA ASP A 64 8.22 1.38 9.58
C ASP A 64 7.99 2.89 9.56
N LYS A 65 8.72 3.56 8.70
CA LYS A 65 8.60 5.01 8.58
C LYS A 65 7.24 5.36 7.99
N SER A 66 6.69 6.47 8.45
CA SER A 66 5.40 6.93 7.98
C SER A 66 5.57 8.00 6.91
N LEU A 67 5.07 7.71 5.71
CA LEU A 67 5.17 8.64 4.61
C LEU A 67 4.29 9.86 4.90
N ALA A 68 2.99 9.61 4.99
CA ALA A 68 2.05 10.68 5.26
C ALA A 68 2.02 11.64 4.08
N ARG A 69 3.06 12.46 4.00
CA ARG A 69 3.17 13.44 2.93
C ARG A 69 4.64 13.68 2.58
N VAL A 70 5.14 12.88 1.66
CA VAL A 70 6.52 13.00 1.23
C VAL A 70 6.60 12.96 -0.29
N THR A 71 7.63 13.57 -0.83
CA THR A 71 7.83 13.60 -2.27
C THR A 71 7.80 12.19 -2.84
N HIS A 72 7.37 12.11 -4.10
CA HIS A 72 7.29 10.82 -4.78
C HIS A 72 8.64 10.10 -4.69
N ALA A 73 9.69 10.90 -4.55
CA ALA A 73 11.03 10.36 -4.46
C ALA A 73 11.24 9.78 -3.06
N GLU A 74 10.57 10.38 -2.09
CA GLU A 74 10.66 9.93 -0.70
C GLU A 74 9.98 8.58 -0.54
N ALA A 75 8.71 8.54 -0.91
CA ALA A 75 7.92 7.32 -0.81
C ALA A 75 8.65 6.19 -1.53
N VAL A 76 9.03 6.46 -2.77
CA VAL A 76 9.73 5.49 -3.58
C VAL A 76 11.00 5.04 -2.84
N LYS A 77 11.78 6.02 -2.43
CA LYS A 77 13.02 5.75 -1.71
C LYS A 77 12.71 4.84 -0.52
N ALA A 78 11.44 4.85 -0.11
CA ALA A 78 11.02 4.04 1.02
C ALA A 78 10.57 2.67 0.51
N LEU A 79 9.98 2.67 -0.67
CA LEU A 79 9.50 1.44 -1.28
C LEU A 79 10.66 0.75 -2.00
N LYS A 80 10.32 -0.30 -2.72
CA LYS A 80 11.32 -1.05 -3.47
C LYS A 80 12.07 -1.97 -2.51
N GLY A 81 12.99 -2.74 -3.08
CA GLY A 81 13.79 -3.66 -2.29
C GLY A 81 14.23 -3.02 -0.98
N SER A 82 14.11 -3.79 0.10
CA SER A 82 14.50 -3.32 1.41
C SER A 82 14.10 -4.33 2.48
N LYS A 83 14.44 -5.58 2.22
CA LYS A 83 14.11 -6.66 3.15
C LYS A 83 12.61 -6.71 3.36
N LYS A 84 12.19 -7.68 4.15
CA LYS A 84 10.76 -7.85 4.44
C LYS A 84 10.13 -6.48 4.66
N LEU A 85 9.50 -5.98 3.61
CA LEU A 85 8.85 -4.68 3.66
C LEU A 85 7.41 -4.86 4.13
N VAL A 86 6.94 -3.88 4.88
CA VAL A 86 5.57 -3.92 5.39
C VAL A 86 4.81 -2.71 4.88
N LEU A 87 3.91 -2.98 3.94
CA LEU A 87 3.10 -1.92 3.34
C LEU A 87 1.87 -1.68 4.23
N SER A 88 1.76 -0.46 4.73
CA SER A 88 0.65 -0.10 5.58
C SER A 88 -0.41 0.65 4.76
N VAL A 89 -1.55 -0.02 4.58
CA VAL A 89 -2.64 0.56 3.82
C VAL A 89 -3.91 0.57 4.68
N TYR A 90 -4.67 1.64 4.54
CA TYR A 90 -5.91 1.78 5.28
C TYR A 90 -7.12 1.39 4.44
N SER A 91 -8.11 0.81 5.10
CA SER A 91 -9.32 0.39 4.42
C SER A 91 -10.55 0.92 5.16
N ALA A 92 -11.58 1.23 4.39
CA ALA A 92 -12.81 1.74 4.96
C ALA A 92 -14.00 1.05 4.29
N GLY A 93 -14.45 -0.03 4.92
CA GLY A 93 -15.57 -0.78 4.40
C GLY A 93 -15.28 -2.28 4.42
N ARG A 94 -16.36 -3.07 4.49
CA ARG A 94 -16.23 -4.50 4.52
C ARG A 94 -17.10 -5.14 3.43
N ILE A 95 -16.67 -6.31 2.98
CA ILE A 95 -17.40 -7.03 1.94
C ILE A 95 -18.09 -8.24 2.56
N SER A 96 -18.97 -8.85 1.77
CA SER A 96 -19.72 -10.01 2.23
C SER A 96 -18.87 -11.28 2.05
N GLY A 97 -18.85 -12.09 3.09
CA GLY A 97 -18.09 -13.33 3.06
C GLY A 97 -17.20 -13.46 4.31
N PRO A 98 -16.00 -14.04 4.09
CA PRO A 98 -15.06 -14.23 5.18
C PRO A 98 -14.38 -12.92 5.57
N SER A 99 -14.58 -12.53 6.82
CA SER A 99 -14.01 -11.30 7.33
C SER A 99 -13.84 -11.40 8.85
N SER A 100 -14.91 -11.83 9.51
CA SER A 100 -14.89 -11.96 10.96
C SER A 100 -14.96 -13.44 11.35
N GLY A 101 -15.98 -14.12 10.83
CA GLY A 101 -16.16 -15.52 11.11
C GLY A 101 -17.21 -15.73 12.22
N GLY A 1 -8.64 5.94 29.20
CA GLY A 1 -7.59 5.42 28.34
C GLY A 1 -7.55 6.17 27.01
N SER A 2 -7.11 5.47 25.98
CA SER A 2 -7.01 6.07 24.66
C SER A 2 -7.43 5.04 23.60
N SER A 3 -8.41 5.43 22.79
CA SER A 3 -8.91 4.57 21.75
C SER A 3 -9.53 5.41 20.63
N GLY A 4 -9.49 4.86 19.42
CA GLY A 4 -10.04 5.54 18.27
C GLY A 4 -10.97 4.61 17.47
N SER A 5 -11.61 5.19 16.46
CA SER A 5 -12.52 4.43 15.62
C SER A 5 -12.60 5.07 14.24
N SER A 6 -12.40 4.23 13.22
CA SER A 6 -12.45 4.71 11.85
C SER A 6 -12.62 3.52 10.89
N GLY A 7 -11.56 2.73 10.81
CA GLY A 7 -11.57 1.56 9.94
C GLY A 7 -10.65 0.47 10.48
N GLU A 8 -9.78 -0.02 9.60
CA GLU A 8 -8.84 -1.06 9.97
C GLU A 8 -7.66 -1.08 9.00
N VAL A 9 -6.53 -0.60 9.49
CA VAL A 9 -5.32 -0.55 8.67
C VAL A 9 -4.75 -1.96 8.54
N ARG A 10 -4.57 -2.38 7.29
CA ARG A 10 -4.04 -3.70 7.02
C ARG A 10 -2.52 -3.62 6.80
N LEU A 11 -1.90 -4.79 6.85
CA LEU A 11 -0.46 -4.87 6.67
C LEU A 11 -0.15 -5.78 5.47
N VAL A 12 0.19 -5.15 4.36
CA VAL A 12 0.51 -5.89 3.14
C VAL A 12 2.03 -6.12 3.07
N SER A 13 2.39 -7.26 2.52
CA SER A 13 3.80 -7.61 2.38
C SER A 13 4.09 -8.02 0.94
N LEU A 14 5.14 -7.42 0.40
CA LEU A 14 5.53 -7.71 -0.97
C LEU A 14 7.02 -8.10 -0.99
N ARG A 15 7.40 -8.78 -2.07
CA ARG A 15 8.77 -9.23 -2.23
C ARG A 15 9.57 -8.21 -3.03
N ARG A 16 10.89 -8.40 -3.02
CA ARG A 16 11.77 -7.49 -3.74
C ARG A 16 12.43 -8.23 -4.92
N ALA A 17 12.00 -9.47 -5.12
CA ALA A 17 12.52 -10.28 -6.19
C ALA A 17 11.76 -11.60 -6.25
N LYS A 18 11.14 -11.84 -7.40
CA LYS A 18 10.37 -13.06 -7.60
C LYS A 18 9.83 -13.10 -9.02
N ALA A 19 10.76 -13.00 -9.97
CA ALA A 19 10.39 -13.02 -11.38
C ALA A 19 9.30 -11.98 -11.63
N HIS A 20 9.57 -10.77 -11.18
CA HIS A 20 8.63 -9.67 -11.35
C HIS A 20 9.38 -8.34 -11.34
N GLU A 21 8.64 -7.28 -11.61
CA GLU A 21 9.22 -5.95 -11.63
C GLU A 21 9.57 -5.49 -10.21
N GLY A 22 8.54 -5.43 -9.37
CA GLY A 22 8.73 -5.01 -8.00
C GLY A 22 7.63 -5.57 -7.10
N LEU A 23 7.31 -4.82 -6.06
CA LEU A 23 6.27 -5.23 -5.13
C LEU A 23 5.12 -5.86 -5.90
N GLY A 24 4.81 -5.26 -7.05
CA GLY A 24 3.72 -5.75 -7.88
C GLY A 24 2.59 -4.73 -7.97
N PHE A 25 2.79 -3.61 -7.28
CA PHE A 25 1.80 -2.55 -7.27
C PHE A 25 2.46 -1.18 -7.36
N SER A 26 1.92 -0.34 -8.24
CA SER A 26 2.45 1.00 -8.43
C SER A 26 1.75 1.98 -7.49
N ILE A 27 2.51 2.95 -7.03
CA ILE A 27 1.97 3.96 -6.12
C ILE A 27 1.97 5.32 -6.83
N ARG A 28 1.18 6.23 -6.28
CA ARG A 28 1.07 7.56 -6.84
C ARG A 28 0.90 8.60 -5.73
N GLY A 29 0.97 9.86 -6.11
CA GLY A 29 0.82 10.95 -5.16
C GLY A 29 2.13 11.71 -4.98
N GLY A 30 2.28 12.31 -3.81
CA GLY A 30 3.48 13.08 -3.51
C GLY A 30 3.13 14.41 -2.83
N SER A 31 3.92 14.74 -1.83
CA SER A 31 3.71 15.98 -1.08
C SER A 31 3.80 17.18 -2.04
N GLU A 32 4.66 17.04 -3.03
CA GLU A 32 4.85 18.10 -4.01
C GLU A 32 3.52 18.46 -4.67
N HIS A 33 2.70 17.44 -4.86
CA HIS A 33 1.38 17.63 -5.47
C HIS A 33 0.40 18.14 -4.42
N GLY A 34 0.68 17.79 -3.17
CA GLY A 34 -0.18 18.19 -2.06
C GLY A 34 -0.90 16.99 -1.46
N VAL A 35 -0.76 15.86 -2.13
CA VAL A 35 -1.40 14.64 -1.67
C VAL A 35 -0.35 13.71 -1.08
N GLY A 36 -0.82 12.62 -0.49
CA GLY A 36 0.07 11.65 0.13
C GLY A 36 0.46 10.56 -0.87
N ILE A 37 0.18 9.33 -0.49
CA ILE A 37 0.50 8.19 -1.33
C ILE A 37 -0.72 7.27 -1.43
N TYR A 38 -0.87 6.67 -2.60
CA TYR A 38 -1.99 5.78 -2.84
C TYR A 38 -1.70 4.84 -4.01
N VAL A 39 -2.30 3.66 -3.94
CA VAL A 39 -2.11 2.66 -4.99
C VAL A 39 -2.62 3.22 -6.32
N SER A 40 -1.83 2.99 -7.36
CA SER A 40 -2.18 3.47 -8.69
C SER A 40 -2.53 2.29 -9.60
N LEU A 41 -1.82 1.19 -9.38
CA LEU A 41 -2.03 -0.01 -10.17
C LEU A 41 -1.73 -1.24 -9.31
N VAL A 42 -2.46 -2.31 -9.59
CA VAL A 42 -2.26 -3.56 -8.86
C VAL A 42 -2.26 -4.73 -9.85
N GLU A 43 -1.18 -5.50 -9.80
CA GLU A 43 -1.04 -6.64 -10.68
C GLU A 43 -2.05 -7.72 -10.30
N PRO A 44 -2.62 -8.37 -11.35
CA PRO A 44 -3.59 -9.43 -11.15
C PRO A 44 -2.92 -10.71 -10.65
N GLY A 45 -3.73 -11.56 -10.03
CA GLY A 45 -3.22 -12.82 -9.51
C GLY A 45 -1.82 -12.66 -8.93
N SER A 46 -1.58 -11.48 -8.37
CA SER A 46 -0.28 -11.19 -7.80
C SER A 46 -0.36 -11.26 -6.27
N LEU A 47 0.80 -11.15 -5.64
CA LEU A 47 0.87 -11.20 -4.19
C LEU A 47 0.19 -9.96 -3.60
N ALA A 48 0.62 -8.81 -4.08
CA ALA A 48 0.06 -7.55 -3.62
C ALA A 48 -1.47 -7.69 -3.50
N GLU A 49 -2.09 -8.01 -4.63
CA GLU A 49 -3.54 -8.17 -4.67
C GLU A 49 -3.97 -9.24 -3.66
N LYS A 50 -3.18 -10.31 -3.61
CA LYS A 50 -3.48 -11.41 -2.71
C LYS A 50 -3.42 -10.91 -1.26
N GLU A 51 -2.50 -9.98 -1.02
CA GLU A 51 -2.33 -9.41 0.30
C GLU A 51 -3.55 -8.57 0.68
N GLY A 52 -4.23 -8.09 -0.36
CA GLY A 52 -5.41 -7.27 -0.15
C GLY A 52 -5.29 -5.93 -0.88
N LEU A 53 -4.06 -5.61 -1.25
CA LEU A 53 -3.79 -4.36 -1.96
C LEU A 53 -4.81 -4.19 -3.08
N ARG A 54 -4.97 -2.95 -3.52
CA ARG A 54 -5.91 -2.63 -4.57
C ARG A 54 -5.94 -1.13 -4.82
N VAL A 55 -5.87 -0.77 -6.10
CA VAL A 55 -5.89 0.63 -6.49
C VAL A 55 -6.99 1.36 -5.72
N GLY A 56 -6.57 2.31 -4.91
CA GLY A 56 -7.50 3.09 -4.11
C GLY A 56 -7.02 3.21 -2.67
N ASP A 57 -6.34 2.16 -2.21
CA ASP A 57 -5.82 2.13 -0.86
C ASP A 57 -4.97 3.38 -0.61
N GLN A 58 -4.38 3.43 0.57
CA GLN A 58 -3.54 4.57 0.94
C GLN A 58 -2.35 4.09 1.76
N ILE A 59 -1.17 4.24 1.17
CA ILE A 59 0.06 3.83 1.83
C ILE A 59 0.34 4.77 3.00
N LEU A 60 -0.13 4.37 4.17
CA LEU A 60 0.07 5.17 5.37
C LEU A 60 1.53 5.07 5.81
N ARG A 61 2.00 3.85 5.93
CA ARG A 61 3.37 3.61 6.34
C ARG A 61 4.04 2.59 5.41
N VAL A 62 5.36 2.56 5.46
CA VAL A 62 6.12 1.65 4.63
C VAL A 62 7.34 1.14 5.42
N ASN A 63 7.31 -0.16 5.70
CA ASN A 63 8.40 -0.77 6.44
C ASN A 63 8.22 -0.49 7.93
N ASP A 64 8.27 0.79 8.26
CA ASP A 64 8.12 1.22 9.65
C ASP A 64 7.81 2.71 9.68
N LYS A 65 8.55 3.46 8.88
CA LYS A 65 8.36 4.90 8.82
C LYS A 65 7.04 5.21 8.13
N SER A 66 6.57 6.44 8.33
CA SER A 66 5.32 6.87 7.73
C SER A 66 5.60 7.90 6.64
N LEU A 67 4.86 7.76 5.54
CA LEU A 67 5.01 8.66 4.42
C LEU A 67 4.12 9.90 4.64
N ALA A 68 4.20 10.45 5.83
CA ALA A 68 3.42 11.61 6.18
C ALA A 68 3.73 12.74 5.19
N ARG A 69 2.84 12.89 4.22
CA ARG A 69 3.00 13.92 3.21
C ARG A 69 4.48 14.04 2.81
N VAL A 70 4.88 13.16 1.90
CA VAL A 70 6.26 13.15 1.42
C VAL A 70 6.26 13.09 -0.11
N THR A 71 7.29 13.66 -0.70
CA THR A 71 7.42 13.68 -2.14
C THR A 71 7.41 12.25 -2.68
N HIS A 72 7.13 12.14 -3.97
CA HIS A 72 7.08 10.85 -4.63
C HIS A 72 8.45 10.16 -4.52
N ALA A 73 9.48 11.00 -4.48
CA ALA A 73 10.84 10.49 -4.38
C ALA A 73 11.06 9.91 -2.98
N GLU A 74 10.38 10.50 -2.01
CA GLU A 74 10.49 10.04 -0.64
C GLU A 74 9.88 8.64 -0.49
N ALA A 75 8.61 8.55 -0.85
CA ALA A 75 7.90 7.28 -0.77
C ALA A 75 8.70 6.20 -1.50
N VAL A 76 9.08 6.53 -2.73
CA VAL A 76 9.85 5.60 -3.54
C VAL A 76 11.09 5.15 -2.77
N LYS A 77 11.88 6.13 -2.38
CA LYS A 77 13.10 5.86 -1.63
C LYS A 77 12.77 4.96 -0.44
N ALA A 78 11.50 4.99 -0.05
CA ALA A 78 11.05 4.20 1.08
C ALA A 78 10.62 2.82 0.58
N LEU A 79 9.86 2.82 -0.50
CA LEU A 79 9.37 1.59 -1.09
C LEU A 79 10.54 0.87 -1.78
N LYS A 80 11.37 0.23 -0.98
CA LYS A 80 12.52 -0.48 -1.51
C LYS A 80 12.61 -1.85 -0.83
N GLY A 81 13.40 -2.72 -1.43
CA GLY A 81 13.59 -4.06 -0.90
C GLY A 81 14.35 -4.03 0.42
N SER A 82 13.59 -3.78 1.49
CA SER A 82 14.17 -3.71 2.81
C SER A 82 13.75 -4.93 3.64
N LYS A 83 14.42 -5.13 4.75
CA LYS A 83 14.12 -6.25 5.63
C LYS A 83 12.60 -6.36 5.80
N LYS A 84 12.02 -7.23 4.99
CA LYS A 84 10.58 -7.45 5.05
C LYS A 84 9.86 -6.10 4.92
N LEU A 85 9.39 -5.82 3.71
CA LEU A 85 8.69 -4.58 3.45
C LEU A 85 7.22 -4.74 3.81
N VAL A 86 6.83 -4.06 4.89
CA VAL A 86 5.46 -4.12 5.36
C VAL A 86 4.71 -2.87 4.89
N LEU A 87 3.89 -3.05 3.87
CA LEU A 87 3.12 -1.96 3.32
C LEU A 87 1.91 -1.69 4.22
N SER A 88 1.83 -0.46 4.71
CA SER A 88 0.73 -0.07 5.59
C SER A 88 -0.34 0.65 4.78
N VAL A 89 -1.44 -0.06 4.55
CA VAL A 89 -2.56 0.50 3.79
C VAL A 89 -3.81 0.50 4.66
N TYR A 90 -4.64 1.50 4.44
CA TYR A 90 -5.88 1.62 5.20
C TYR A 90 -7.08 1.20 4.36
N SER A 91 -7.71 0.12 4.78
CA SER A 91 -8.88 -0.41 4.08
C SER A 91 -10.15 0.19 4.67
N ALA A 92 -11.06 0.56 3.78
CA ALA A 92 -12.32 1.15 4.19
C ALA A 92 -13.46 0.47 3.43
N GLY A 93 -14.68 0.80 3.85
CA GLY A 93 -15.86 0.23 3.22
C GLY A 93 -16.37 -0.98 3.99
N ARG A 94 -17.68 -1.04 4.14
CA ARG A 94 -18.30 -2.14 4.86
C ARG A 94 -17.67 -3.47 4.44
N ILE A 95 -18.00 -3.90 3.23
CA ILE A 95 -17.48 -5.14 2.71
C ILE A 95 -16.73 -4.87 1.40
N SER A 96 -15.43 -5.06 1.45
CA SER A 96 -14.59 -4.83 0.28
C SER A 96 -13.96 -6.15 -0.18
N GLY A 97 -13.47 -6.13 -1.41
CA GLY A 97 -12.85 -7.32 -1.98
C GLY A 97 -13.89 -8.36 -2.36
N PRO A 98 -13.54 -9.18 -3.39
CA PRO A 98 -14.44 -10.22 -3.87
C PRO A 98 -14.46 -11.40 -2.90
N SER A 99 -15.35 -12.35 -3.18
CA SER A 99 -15.47 -13.53 -2.35
C SER A 99 -15.74 -14.76 -3.23
N SER A 100 -14.82 -15.70 -3.15
CA SER A 100 -14.95 -16.93 -3.93
C SER A 100 -15.70 -17.99 -3.12
N GLY A 101 -16.64 -18.64 -3.78
CA GLY A 101 -17.43 -19.68 -3.15
C GLY A 101 -18.47 -19.06 -2.20
N GLY A 1 -20.87 13.11 22.82
CA GLY A 1 -21.99 12.69 21.99
C GLY A 1 -21.99 11.17 21.79
N SER A 2 -22.69 10.74 20.76
CA SER A 2 -22.78 9.32 20.47
C SER A 2 -22.37 9.07 19.01
N SER A 3 -21.09 8.79 18.84
CA SER A 3 -20.55 8.53 17.52
C SER A 3 -19.11 8.04 17.62
N GLY A 4 -18.73 7.17 16.68
CA GLY A 4 -17.39 6.62 16.66
C GLY A 4 -17.35 5.32 15.87
N SER A 5 -16.79 5.39 14.68
CA SER A 5 -16.68 4.23 13.83
C SER A 5 -15.42 4.33 12.96
N SER A 6 -14.56 3.33 13.11
CA SER A 6 -13.32 3.29 12.35
C SER A 6 -13.15 1.92 11.69
N GLY A 7 -12.37 1.92 10.62
CA GLY A 7 -12.12 0.68 9.89
C GLY A 7 -11.00 -0.13 10.56
N GLU A 8 -9.94 -0.34 9.80
CA GLU A 8 -8.80 -1.09 10.30
C GLU A 8 -7.66 -1.09 9.27
N VAL A 9 -6.46 -0.84 9.77
CA VAL A 9 -5.29 -0.81 8.91
C VAL A 9 -4.72 -2.22 8.77
N ARG A 10 -4.50 -2.62 7.53
CA ARG A 10 -3.95 -3.94 7.26
C ARG A 10 -2.43 -3.87 7.12
N LEU A 11 -1.82 -5.04 7.07
CA LEU A 11 -0.37 -5.13 6.95
C LEU A 11 -0.02 -6.02 5.75
N VAL A 12 0.32 -5.37 4.65
CA VAL A 12 0.67 -6.09 3.44
C VAL A 12 2.20 -6.24 3.36
N SER A 13 2.63 -7.37 2.85
CA SER A 13 4.05 -7.65 2.71
C SER A 13 4.36 -8.10 1.29
N LEU A 14 5.14 -7.28 0.59
CA LEU A 14 5.51 -7.57 -0.77
C LEU A 14 7.03 -7.79 -0.84
N ARG A 15 7.42 -8.87 -1.50
CA ARG A 15 8.83 -9.19 -1.65
C ARG A 15 9.27 -8.98 -3.10
N ARG A 16 10.58 -9.08 -3.31
CA ARG A 16 11.14 -8.90 -4.63
C ARG A 16 11.78 -10.22 -5.12
N ALA A 17 11.09 -11.31 -4.81
CA ALA A 17 11.58 -12.62 -5.20
C ALA A 17 10.38 -13.53 -5.50
N LYS A 18 9.88 -13.44 -6.72
CA LYS A 18 8.75 -14.25 -7.13
C LYS A 18 8.65 -14.24 -8.66
N ALA A 19 9.81 -14.33 -9.29
CA ALA A 19 9.88 -14.34 -10.74
C ALA A 19 9.82 -12.90 -11.26
N HIS A 20 8.74 -12.22 -10.91
CA HIS A 20 8.56 -10.83 -11.32
C HIS A 20 9.00 -9.90 -10.20
N GLU A 21 10.25 -9.45 -10.31
CA GLU A 21 10.81 -8.54 -9.33
C GLU A 21 9.93 -7.30 -9.17
N GLY A 22 9.46 -7.09 -7.95
CA GLY A 22 8.61 -5.95 -7.66
C GLY A 22 7.40 -6.36 -6.81
N LEU A 23 6.89 -5.40 -6.06
CA LEU A 23 5.75 -5.65 -5.20
C LEU A 23 4.56 -6.09 -6.06
N GLY A 24 4.53 -5.57 -7.28
CA GLY A 24 3.46 -5.90 -8.21
C GLY A 24 2.37 -4.82 -8.19
N PHE A 25 2.67 -3.74 -7.49
CA PHE A 25 1.73 -2.63 -7.39
C PHE A 25 2.47 -1.29 -7.37
N SER A 26 2.00 -0.38 -8.21
CA SER A 26 2.60 0.94 -8.30
C SER A 26 1.94 1.89 -7.29
N ILE A 27 2.59 3.02 -7.07
CA ILE A 27 2.08 4.01 -6.14
C ILE A 27 2.01 5.37 -6.84
N ARG A 28 1.32 6.30 -6.20
CA ARG A 28 1.18 7.64 -6.75
C ARG A 28 0.91 8.65 -5.62
N GLY A 29 1.04 9.92 -5.97
CA GLY A 29 0.82 10.98 -4.99
C GLY A 29 2.11 11.76 -4.73
N GLY A 30 2.20 12.32 -3.54
CA GLY A 30 3.37 13.08 -3.15
C GLY A 30 2.96 14.39 -2.44
N SER A 31 3.81 14.80 -1.52
CA SER A 31 3.55 16.02 -0.76
C SER A 31 3.54 17.22 -1.71
N GLU A 32 4.30 17.09 -2.79
CA GLU A 32 4.38 18.15 -3.77
C GLU A 32 3.01 18.43 -4.38
N HIS A 33 2.19 17.39 -4.41
CA HIS A 33 0.85 17.52 -4.96
C HIS A 33 -0.13 17.86 -3.85
N GLY A 34 0.35 17.72 -2.61
CA GLY A 34 -0.47 18.01 -1.45
C GLY A 34 -1.23 16.76 -0.99
N VAL A 35 -1.05 15.69 -1.74
CA VAL A 35 -1.71 14.43 -1.43
C VAL A 35 -0.69 13.48 -0.80
N GLY A 36 -1.21 12.43 -0.18
CA GLY A 36 -0.35 11.44 0.46
C GLY A 36 0.19 10.44 -0.57
N ILE A 37 -0.03 9.16 -0.28
CA ILE A 37 0.43 8.11 -1.16
C ILE A 37 -0.70 7.11 -1.38
N TYR A 38 -0.73 6.54 -2.58
CA TYR A 38 -1.75 5.56 -2.93
C TYR A 38 -1.31 4.71 -4.11
N VAL A 39 -1.97 3.58 -4.26
CA VAL A 39 -1.65 2.66 -5.35
C VAL A 39 -2.21 3.23 -6.66
N SER A 40 -1.39 3.12 -7.70
CA SER A 40 -1.79 3.62 -9.01
C SER A 40 -2.11 2.45 -9.94
N LEU A 41 -1.49 1.32 -9.65
CA LEU A 41 -1.70 0.12 -10.45
C LEU A 41 -1.46 -1.12 -9.59
N VAL A 42 -2.19 -2.18 -9.89
CA VAL A 42 -2.06 -3.42 -9.16
C VAL A 42 -2.05 -4.59 -10.15
N GLU A 43 -0.95 -5.33 -10.12
CA GLU A 43 -0.79 -6.48 -11.00
C GLU A 43 -1.79 -7.57 -10.62
N PRO A 44 -2.33 -8.25 -11.67
CA PRO A 44 -3.29 -9.32 -11.46
C PRO A 44 -2.60 -10.59 -10.95
N GLY A 45 -3.41 -11.49 -10.41
CA GLY A 45 -2.89 -12.74 -9.88
C GLY A 45 -1.54 -12.52 -9.19
N SER A 46 -1.38 -11.33 -8.64
CA SER A 46 -0.15 -10.99 -7.94
C SER A 46 -0.35 -11.15 -6.43
N LEU A 47 0.75 -10.98 -5.70
CA LEU A 47 0.71 -11.10 -4.26
C LEU A 47 -0.09 -9.93 -3.67
N ALA A 48 0.33 -8.72 -4.03
CA ALA A 48 -0.32 -7.52 -3.55
C ALA A 48 -1.84 -7.71 -3.65
N GLU A 49 -2.31 -7.82 -4.88
CA GLU A 49 -3.73 -8.01 -5.13
C GLU A 49 -4.28 -9.15 -4.27
N LYS A 50 -3.39 -10.08 -3.95
CA LYS A 50 -3.77 -11.23 -3.15
C LYS A 50 -3.80 -10.83 -1.67
N GLU A 51 -2.96 -9.86 -1.34
CA GLU A 51 -2.88 -9.37 0.02
C GLU A 51 -4.05 -8.42 0.31
N GLY A 52 -4.68 -7.97 -0.75
CA GLY A 52 -5.81 -7.06 -0.63
C GLY A 52 -5.55 -5.75 -1.37
N LEU A 53 -4.27 -5.46 -1.57
CA LEU A 53 -3.87 -4.24 -2.25
C LEU A 53 -4.75 -4.04 -3.48
N ARG A 54 -4.79 -2.81 -3.95
CA ARG A 54 -5.59 -2.48 -5.12
C ARG A 54 -5.62 -0.95 -5.33
N VAL A 55 -5.65 -0.57 -6.60
CA VAL A 55 -5.68 0.84 -6.95
C VAL A 55 -6.78 1.54 -6.15
N GLY A 56 -6.36 2.42 -5.26
CA GLY A 56 -7.30 3.15 -4.43
C GLY A 56 -6.85 3.15 -2.96
N ASP A 57 -6.11 2.11 -2.61
CA ASP A 57 -5.63 1.96 -1.25
C ASP A 57 -4.82 3.21 -0.87
N GLN A 58 -4.48 3.29 0.41
CA GLN A 58 -3.72 4.42 0.91
C GLN A 58 -2.50 3.92 1.70
N ILE A 59 -1.32 4.19 1.16
CA ILE A 59 -0.10 3.78 1.80
C ILE A 59 0.22 4.73 2.96
N LEU A 60 -0.28 4.37 4.13
CA LEU A 60 -0.06 5.19 5.32
C LEU A 60 1.42 5.16 5.68
N ARG A 61 1.90 3.96 6.00
CA ARG A 61 3.30 3.79 6.38
C ARG A 61 3.97 2.79 5.43
N VAL A 62 5.30 2.74 5.53
CA VAL A 62 6.07 1.84 4.70
C VAL A 62 7.26 1.30 5.50
N ASN A 63 7.20 0.00 5.76
CA ASN A 63 8.27 -0.65 6.51
C ASN A 63 8.19 -0.21 7.98
N ASP A 64 8.39 1.08 8.19
CA ASP A 64 8.33 1.63 9.53
C ASP A 64 8.04 3.13 9.45
N LYS A 65 8.73 3.80 8.53
CA LYS A 65 8.55 5.23 8.35
C LYS A 65 7.16 5.49 7.78
N SER A 66 6.63 6.66 8.11
CA SER A 66 5.30 7.04 7.65
C SER A 66 5.43 8.09 6.54
N LEU A 67 4.74 7.82 5.44
CA LEU A 67 4.75 8.72 4.31
C LEU A 67 3.62 9.74 4.45
N ALA A 68 3.51 10.30 5.65
CA ALA A 68 2.47 11.28 5.93
C ALA A 68 2.40 12.28 4.77
N ARG A 69 3.51 12.98 4.56
CA ARG A 69 3.58 13.96 3.49
C ARG A 69 5.00 14.04 2.94
N VAL A 70 5.25 13.21 1.94
CA VAL A 70 6.57 13.16 1.31
C VAL A 70 6.40 13.12 -0.21
N THR A 71 7.45 13.51 -0.91
CA THR A 71 7.43 13.51 -2.36
C THR A 71 7.36 12.08 -2.90
N HIS A 72 6.92 11.96 -4.14
CA HIS A 72 6.80 10.66 -4.77
C HIS A 72 8.13 9.92 -4.67
N ALA A 73 9.21 10.69 -4.72
CA ALA A 73 10.55 10.13 -4.64
C ALA A 73 10.77 9.56 -3.24
N GLU A 74 10.51 10.40 -2.24
CA GLU A 74 10.67 9.99 -0.86
C GLU A 74 9.93 8.68 -0.60
N ALA A 75 8.65 8.68 -0.95
CA ALA A 75 7.82 7.50 -0.76
C ALA A 75 8.51 6.29 -1.42
N VAL A 76 8.84 6.45 -2.69
CA VAL A 76 9.49 5.39 -3.44
C VAL A 76 10.75 4.96 -2.70
N LYS A 77 11.64 5.93 -2.49
CA LYS A 77 12.89 5.66 -1.79
C LYS A 77 12.59 4.98 -0.46
N ALA A 78 11.37 5.16 0.01
CA ALA A 78 10.95 4.57 1.26
C ALA A 78 10.50 3.12 1.01
N LEU A 79 9.81 2.94 -0.10
CA LEU A 79 9.31 1.62 -0.46
C LEU A 79 10.50 0.66 -0.63
N LYS A 80 11.13 0.75 -1.79
CA LYS A 80 12.28 -0.09 -2.08
C LYS A 80 11.87 -1.56 -1.92
N GLY A 81 12.87 -2.43 -1.98
CA GLY A 81 12.64 -3.85 -1.85
C GLY A 81 13.50 -4.45 -0.73
N SER A 82 12.97 -4.40 0.48
CA SER A 82 13.67 -4.93 1.63
C SER A 82 13.39 -6.43 1.77
N LYS A 83 14.28 -7.10 2.50
CA LYS A 83 14.14 -8.53 2.73
C LYS A 83 12.68 -8.84 3.06
N LYS A 84 12.02 -7.86 3.64
CA LYS A 84 10.61 -8.02 4.01
C LYS A 84 10.04 -6.66 4.40
N LEU A 85 9.43 -6.01 3.42
CA LEU A 85 8.83 -4.71 3.64
C LEU A 85 7.39 -4.88 4.09
N VAL A 86 6.98 -4.01 4.99
CA VAL A 86 5.63 -4.06 5.53
C VAL A 86 4.83 -2.84 5.03
N LEU A 87 3.97 -3.10 4.06
CA LEU A 87 3.16 -2.04 3.48
C LEU A 87 1.98 -1.74 4.42
N SER A 88 1.95 -0.50 4.90
CA SER A 88 0.90 -0.08 5.80
C SER A 88 -0.21 0.63 5.01
N VAL A 89 -1.33 -0.07 4.87
CA VAL A 89 -2.46 0.48 4.15
C VAL A 89 -3.70 0.44 5.05
N TYR A 90 -4.59 1.40 4.83
CA TYR A 90 -5.80 1.48 5.60
C TYR A 90 -6.98 0.87 4.84
N SER A 91 -7.43 -0.27 5.33
CA SER A 91 -8.55 -0.97 4.72
C SER A 91 -9.86 -0.45 5.26
N ALA A 92 -10.85 -0.35 4.38
CA ALA A 92 -12.17 0.13 4.77
C ALA A 92 -13.22 -0.47 3.85
N GLY A 93 -14.48 -0.25 4.20
CA GLY A 93 -15.58 -0.77 3.42
C GLY A 93 -15.40 -2.26 3.12
N ARG A 94 -15.69 -3.07 4.13
CA ARG A 94 -15.57 -4.51 3.99
C ARG A 94 -14.10 -4.89 3.75
N ILE A 95 -13.82 -6.17 3.95
CA ILE A 95 -12.47 -6.67 3.77
C ILE A 95 -12.31 -7.19 2.34
N SER A 96 -11.11 -7.04 1.81
CA SER A 96 -10.82 -7.48 0.46
C SER A 96 -11.40 -8.88 0.23
N GLY A 97 -10.92 -9.82 1.03
CA GLY A 97 -11.38 -11.20 0.92
C GLY A 97 -11.38 -11.88 2.30
N PRO A 98 -12.21 -12.95 2.40
CA PRO A 98 -12.31 -13.69 3.65
C PRO A 98 -11.09 -14.57 3.87
N SER A 99 -10.75 -15.33 2.82
CA SER A 99 -9.60 -16.23 2.89
C SER A 99 -8.99 -16.38 1.50
N SER A 100 -7.77 -15.86 1.37
CA SER A 100 -7.05 -15.93 0.10
C SER A 100 -6.49 -17.33 -0.10
N GLY A 101 -7.26 -18.15 -0.82
CA GLY A 101 -6.85 -19.51 -1.09
C GLY A 101 -8.03 -20.36 -1.55
N GLY A 1 -15.02 -8.66 25.91
CA GLY A 1 -14.62 -9.11 24.58
C GLY A 1 -14.88 -8.03 23.53
N SER A 2 -15.21 -8.48 22.33
CA SER A 2 -15.48 -7.57 21.24
C SER A 2 -16.22 -8.30 20.12
N SER A 3 -16.69 -7.52 19.16
CA SER A 3 -17.41 -8.08 18.02
C SER A 3 -16.70 -7.73 16.72
N GLY A 4 -16.60 -6.43 16.47
CA GLY A 4 -15.94 -5.95 15.27
C GLY A 4 -15.89 -4.42 15.24
N SER A 5 -15.65 -3.89 14.05
CA SER A 5 -15.58 -2.45 13.87
C SER A 5 -15.31 -2.11 12.41
N SER A 6 -15.57 -0.86 12.06
CA SER A 6 -15.36 -0.40 10.70
C SER A 6 -13.99 0.27 10.57
N GLY A 7 -13.47 0.27 9.35
CA GLY A 7 -12.18 0.86 9.09
C GLY A 7 -11.08 0.18 9.91
N GLU A 8 -10.09 -0.34 9.21
CA GLU A 8 -8.97 -1.01 9.84
C GLU A 8 -7.77 -1.08 8.91
N VAL A 9 -6.63 -0.65 9.44
CA VAL A 9 -5.41 -0.66 8.65
C VAL A 9 -4.85 -2.08 8.58
N ARG A 10 -4.52 -2.49 7.37
CA ARG A 10 -3.98 -3.82 7.16
C ARG A 10 -2.46 -3.75 6.95
N LEU A 11 -1.84 -4.93 6.95
CA LEU A 11 -0.41 -5.02 6.77
C LEU A 11 -0.10 -5.92 5.57
N VAL A 12 0.22 -5.29 4.45
CA VAL A 12 0.53 -6.02 3.24
C VAL A 12 2.04 -6.22 3.14
N SER A 13 2.43 -7.39 2.68
CA SER A 13 3.85 -7.72 2.52
C SER A 13 4.11 -8.24 1.11
N LEU A 14 5.00 -7.55 0.41
CA LEU A 14 5.35 -7.93 -0.94
C LEU A 14 6.82 -8.38 -0.97
N ARG A 15 7.02 -9.57 -1.52
CA ARG A 15 8.36 -10.12 -1.62
C ARG A 15 9.07 -9.59 -2.88
N ARG A 16 10.37 -9.81 -2.92
CA ARG A 16 11.17 -9.36 -4.04
C ARG A 16 10.50 -9.78 -5.36
N ALA A 17 10.80 -9.01 -6.40
CA ALA A 17 10.24 -9.29 -7.71
C ALA A 17 11.00 -8.48 -8.77
N LYS A 18 10.96 -7.17 -8.62
CA LYS A 18 11.64 -6.28 -9.55
C LYS A 18 12.82 -5.63 -8.83
N ALA A 19 12.68 -5.47 -7.52
CA ALA A 19 13.73 -4.86 -6.72
C ALA A 19 13.63 -3.34 -6.83
N HIS A 20 14.03 -2.83 -7.99
CA HIS A 20 13.99 -1.41 -8.24
C HIS A 20 12.55 -0.96 -8.44
N GLU A 21 11.86 -0.73 -7.34
CA GLU A 21 10.47 -0.31 -7.38
C GLU A 21 9.66 -1.24 -8.28
N GLY A 22 8.97 -2.17 -7.63
CA GLY A 22 8.15 -3.13 -8.35
C GLY A 22 7.75 -4.30 -7.44
N LEU A 23 6.73 -4.06 -6.64
CA LEU A 23 6.23 -5.07 -5.73
C LEU A 23 4.88 -5.58 -6.22
N GLY A 24 4.65 -5.41 -7.51
CA GLY A 24 3.41 -5.85 -8.12
C GLY A 24 2.35 -4.74 -8.06
N PHE A 25 2.59 -3.78 -7.18
CA PHE A 25 1.68 -2.67 -7.02
C PHE A 25 2.43 -1.34 -7.07
N SER A 26 1.90 -0.43 -7.89
CA SER A 26 2.51 0.88 -8.04
C SER A 26 1.92 1.85 -7.01
N ILE A 27 2.61 2.97 -6.83
CA ILE A 27 2.17 3.99 -5.89
C ILE A 27 2.15 5.35 -6.59
N ARG A 28 1.37 6.26 -6.02
CA ARG A 28 1.24 7.59 -6.57
C ARG A 28 1.04 8.61 -5.45
N GLY A 29 1.08 9.88 -5.83
CA GLY A 29 0.91 10.96 -4.87
C GLY A 29 2.24 11.60 -4.52
N GLY A 30 2.28 12.19 -3.33
CA GLY A 30 3.49 12.85 -2.87
C GLY A 30 3.19 14.27 -2.37
N SER A 31 3.77 14.60 -1.23
CA SER A 31 3.58 15.92 -0.65
C SER A 31 3.66 16.99 -1.74
N GLU A 32 4.42 16.68 -2.77
CA GLU A 32 4.59 17.60 -3.88
C GLU A 32 3.22 18.11 -4.36
N HIS A 33 2.40 17.16 -4.78
CA HIS A 33 1.06 17.49 -5.27
C HIS A 33 0.20 18.00 -4.11
N GLY A 34 0.64 17.67 -2.91
CA GLY A 34 -0.07 18.08 -1.71
C GLY A 34 -0.84 16.91 -1.10
N VAL A 35 -0.67 15.74 -1.71
CA VAL A 35 -1.35 14.55 -1.24
C VAL A 35 -0.31 13.57 -0.69
N GLY A 36 -0.81 12.51 -0.07
CA GLY A 36 0.06 11.49 0.50
C GLY A 36 0.46 10.46 -0.55
N ILE A 37 0.21 9.20 -0.22
CA ILE A 37 0.55 8.11 -1.11
C ILE A 37 -0.66 7.18 -1.25
N TYR A 38 -0.82 6.64 -2.44
CA TYR A 38 -1.93 5.73 -2.72
C TYR A 38 -1.62 4.82 -3.91
N VAL A 39 -2.22 3.64 -3.89
CA VAL A 39 -2.01 2.67 -4.95
C VAL A 39 -2.54 3.25 -6.26
N SER A 40 -1.76 3.08 -7.32
CA SER A 40 -2.14 3.57 -8.63
C SER A 40 -2.39 2.41 -9.59
N LEU A 41 -1.65 1.33 -9.34
CA LEU A 41 -1.79 0.14 -10.17
C LEU A 41 -1.55 -1.10 -9.31
N VAL A 42 -2.23 -2.17 -9.68
CA VAL A 42 -2.11 -3.42 -8.95
C VAL A 42 -2.01 -4.58 -9.95
N GLU A 43 -0.89 -5.30 -9.86
CA GLU A 43 -0.65 -6.43 -10.74
C GLU A 43 -1.66 -7.55 -10.45
N PRO A 44 -2.17 -8.17 -11.55
CA PRO A 44 -3.14 -9.24 -11.42
C PRO A 44 -2.44 -10.54 -10.99
N GLY A 45 -3.25 -11.46 -10.47
CA GLY A 45 -2.73 -12.73 -10.01
C GLY A 45 -1.37 -12.57 -9.33
N SER A 46 -1.18 -11.40 -8.73
CA SER A 46 0.06 -11.10 -8.05
C SER A 46 -0.11 -11.27 -6.55
N LEU A 47 0.98 -11.08 -5.82
CA LEU A 47 0.97 -11.22 -4.38
C LEU A 47 0.12 -10.08 -3.78
N ALA A 48 0.46 -8.87 -4.18
CA ALA A 48 -0.25 -7.70 -3.70
C ALA A 48 -1.76 -7.98 -3.71
N GLU A 49 -2.30 -8.09 -4.91
CA GLU A 49 -3.71 -8.35 -5.07
C GLU A 49 -4.13 -9.55 -4.22
N LYS A 50 -3.15 -10.39 -3.91
CA LYS A 50 -3.40 -11.57 -3.10
C LYS A 50 -3.47 -11.17 -1.63
N GLU A 51 -2.69 -10.15 -1.28
CA GLU A 51 -2.66 -9.67 0.09
C GLU A 51 -3.87 -8.79 0.37
N GLY A 52 -4.57 -8.44 -0.70
CA GLY A 52 -5.75 -7.60 -0.59
C GLY A 52 -5.52 -6.24 -1.25
N LEU A 53 -4.25 -5.91 -1.43
CA LEU A 53 -3.89 -4.65 -2.04
C LEU A 53 -4.77 -4.40 -3.27
N ARG A 54 -4.84 -3.14 -3.66
CA ARG A 54 -5.64 -2.76 -4.82
C ARG A 54 -5.54 -1.25 -5.05
N VAL A 55 -5.79 -0.86 -6.30
CA VAL A 55 -5.74 0.54 -6.66
C VAL A 55 -6.83 1.30 -5.91
N GLY A 56 -6.40 2.26 -5.11
CA GLY A 56 -7.33 3.05 -4.33
C GLY A 56 -6.89 3.14 -2.86
N ASP A 57 -6.16 2.11 -2.44
CA ASP A 57 -5.69 2.06 -1.07
C ASP A 57 -4.85 3.31 -0.78
N GLN A 58 -4.34 3.37 0.44
CA GLN A 58 -3.52 4.49 0.86
C GLN A 58 -2.33 4.01 1.68
N ILE A 59 -1.15 4.12 1.08
CA ILE A 59 0.07 3.69 1.75
C ILE A 59 0.43 4.71 2.84
N LEU A 60 -0.19 4.53 3.99
CA LEU A 60 0.05 5.42 5.12
C LEU A 60 1.53 5.36 5.50
N ARG A 61 1.95 4.15 5.88
CA ARG A 61 3.34 3.94 6.27
C ARG A 61 4.05 3.05 5.26
N VAL A 62 5.37 3.07 5.31
CA VAL A 62 6.18 2.27 4.41
C VAL A 62 7.38 1.70 5.17
N ASN A 63 7.39 0.39 5.31
CA ASN A 63 8.47 -0.28 6.01
C ASN A 63 8.38 0.03 7.50
N ASP A 64 8.53 1.32 7.82
CA ASP A 64 8.47 1.76 9.19
C ASP A 64 8.12 3.25 9.23
N LYS A 65 8.79 4.01 8.37
CA LYS A 65 8.56 5.44 8.29
C LYS A 65 7.15 5.69 7.76
N SER A 66 6.65 6.87 8.06
CA SER A 66 5.31 7.26 7.61
C SER A 66 5.40 8.37 6.57
N LEU A 67 4.83 8.09 5.41
CA LEU A 67 4.84 9.06 4.32
C LEU A 67 3.69 10.06 4.51
N ALA A 68 3.64 10.62 5.72
CA ALA A 68 2.60 11.58 6.05
C ALA A 68 2.60 12.69 4.98
N ARG A 69 3.74 13.34 4.86
CA ARG A 69 3.88 14.42 3.89
C ARG A 69 5.27 14.40 3.26
N VAL A 70 5.42 13.51 2.29
CA VAL A 70 6.70 13.37 1.60
C VAL A 70 6.45 13.25 0.09
N THR A 71 7.45 13.66 -0.68
CA THR A 71 7.35 13.60 -2.12
C THR A 71 7.13 12.16 -2.59
N HIS A 72 6.95 12.02 -3.89
CA HIS A 72 6.73 10.70 -4.47
C HIS A 72 8.02 9.89 -4.43
N ALA A 73 9.14 10.60 -4.61
CA ALA A 73 10.44 9.97 -4.59
C ALA A 73 10.74 9.47 -3.18
N GLU A 74 10.31 10.25 -2.20
CA GLU A 74 10.53 9.91 -0.81
C GLU A 74 9.95 8.53 -0.51
N ALA A 75 8.64 8.42 -0.73
CA ALA A 75 7.94 7.17 -0.49
C ALA A 75 8.66 6.04 -1.23
N VAL A 76 9.04 6.33 -2.46
CA VAL A 76 9.73 5.36 -3.29
C VAL A 76 11.01 4.91 -2.58
N LYS A 77 11.88 5.89 -2.34
CA LYS A 77 13.15 5.62 -1.68
C LYS A 77 12.87 4.96 -0.32
N ALA A 78 11.66 5.16 0.16
CA ALA A 78 11.25 4.59 1.44
C ALA A 78 10.75 3.16 1.23
N LEU A 79 10.30 2.90 0.01
CA LEU A 79 9.79 1.58 -0.33
C LEU A 79 10.97 0.61 -0.44
N LYS A 80 11.85 0.88 -1.38
CA LYS A 80 13.02 0.05 -1.59
C LYS A 80 13.93 0.13 -0.37
N GLY A 81 14.97 -0.68 -0.39
CA GLY A 81 15.93 -0.71 0.71
C GLY A 81 15.33 -1.37 1.94
N SER A 82 15.04 -2.66 1.81
CA SER A 82 14.46 -3.41 2.91
C SER A 82 13.98 -4.78 2.41
N LYS A 83 14.30 -5.80 3.18
CA LYS A 83 13.90 -7.16 2.83
C LYS A 83 12.38 -7.30 2.99
N LYS A 84 11.97 -7.41 4.24
CA LYS A 84 10.55 -7.55 4.55
C LYS A 84 9.90 -6.17 4.54
N LEU A 85 9.25 -5.86 3.44
CA LEU A 85 8.58 -4.58 3.29
C LEU A 85 7.11 -4.74 3.69
N VAL A 86 6.75 -4.08 4.79
CA VAL A 86 5.39 -4.15 5.29
C VAL A 86 4.63 -2.90 4.83
N LEU A 87 3.83 -3.08 3.79
CA LEU A 87 3.05 -1.97 3.24
C LEU A 87 1.89 -1.67 4.19
N SER A 88 1.86 -0.43 4.66
CA SER A 88 0.81 0.00 5.57
C SER A 88 -0.31 0.69 4.78
N VAL A 89 -1.40 -0.03 4.63
CA VAL A 89 -2.55 0.49 3.91
C VAL A 89 -3.75 0.55 4.85
N TYR A 90 -4.60 1.55 4.60
CA TYR A 90 -5.79 1.73 5.41
C TYR A 90 -7.03 1.20 4.70
N SER A 91 -7.75 0.33 5.39
CA SER A 91 -8.97 -0.25 4.82
C SER A 91 -10.12 0.76 4.90
N ALA A 92 -10.88 0.81 3.83
CA ALA A 92 -12.02 1.71 3.76
C ALA A 92 -13.08 1.13 2.84
N GLY A 93 -14.28 1.68 2.95
CA GLY A 93 -15.40 1.22 2.13
C GLY A 93 -15.81 2.30 1.13
N ARG A 94 -15.02 2.42 0.07
CA ARG A 94 -15.30 3.40 -0.96
C ARG A 94 -16.69 3.16 -1.57
N ILE A 95 -17.01 1.88 -1.73
CA ILE A 95 -18.30 1.51 -2.29
C ILE A 95 -18.90 0.37 -1.47
N SER A 96 -20.22 0.28 -1.51
CA SER A 96 -20.93 -0.75 -0.77
C SER A 96 -21.71 -1.64 -1.73
N GLY A 97 -21.39 -2.92 -1.71
CA GLY A 97 -22.06 -3.88 -2.57
C GLY A 97 -21.29 -5.21 -2.62
N PRO A 98 -21.88 -6.18 -3.36
CA PRO A 98 -21.27 -7.50 -3.49
C PRO A 98 -20.06 -7.45 -4.43
N SER A 99 -19.24 -8.47 -4.33
CA SER A 99 -18.05 -8.56 -5.17
C SER A 99 -17.37 -9.92 -4.97
N SER A 100 -18.17 -10.97 -5.11
CA SER A 100 -17.66 -12.32 -4.95
C SER A 100 -16.30 -12.45 -5.63
N GLY A 101 -15.36 -13.04 -4.91
CA GLY A 101 -14.02 -13.24 -5.43
C GLY A 101 -13.57 -12.01 -6.24
N GLY A 1 -13.96 18.72 17.81
CA GLY A 1 -13.27 19.44 16.76
C GLY A 1 -13.72 18.95 15.37
N SER A 2 -13.08 17.87 14.92
CA SER A 2 -13.39 17.30 13.63
C SER A 2 -12.95 15.83 13.58
N SER A 3 -13.89 14.96 13.29
CA SER A 3 -13.61 13.54 13.21
C SER A 3 -13.08 13.04 14.56
N GLY A 4 -13.12 11.73 14.72
CA GLY A 4 -12.65 11.10 15.95
C GLY A 4 -13.23 9.70 16.12
N SER A 5 -12.67 8.77 15.36
CA SER A 5 -13.12 7.39 15.42
C SER A 5 -11.96 6.44 15.13
N SER A 6 -12.18 5.17 15.44
CA SER A 6 -11.16 4.16 15.21
C SER A 6 -11.37 3.50 13.85
N GLY A 7 -10.33 3.56 13.03
CA GLY A 7 -10.39 2.98 11.70
C GLY A 7 -9.80 1.57 11.70
N GLU A 8 -9.01 1.29 10.68
CA GLU A 8 -8.37 -0.02 10.55
C GLU A 8 -7.35 0.00 9.42
N VAL A 9 -6.15 -0.45 9.74
CA VAL A 9 -5.08 -0.49 8.76
C VAL A 9 -4.54 -1.92 8.66
N ARG A 10 -4.40 -2.39 7.43
CA ARG A 10 -3.90 -3.73 7.18
C ARG A 10 -2.39 -3.70 6.94
N LEU A 11 -1.80 -4.88 6.95
CA LEU A 11 -0.37 -5.00 6.74
C LEU A 11 -0.11 -5.92 5.54
N VAL A 12 0.26 -5.29 4.43
CA VAL A 12 0.55 -6.03 3.21
C VAL A 12 2.05 -6.25 3.08
N SER A 13 2.41 -7.41 2.55
CA SER A 13 3.81 -7.75 2.37
C SER A 13 4.06 -8.18 0.92
N LEU A 14 5.01 -7.51 0.30
CA LEU A 14 5.35 -7.81 -1.09
C LEU A 14 6.86 -8.08 -1.18
N ARG A 15 7.20 -9.12 -1.93
CA ARG A 15 8.59 -9.49 -2.11
C ARG A 15 8.92 -9.59 -3.60
N ARG A 16 10.13 -9.18 -3.93
CA ARG A 16 10.59 -9.21 -5.30
C ARG A 16 11.29 -10.53 -5.61
N ALA A 17 10.49 -11.51 -5.99
CA ALA A 17 11.01 -12.84 -6.30
C ALA A 17 9.86 -13.83 -6.43
N LYS A 18 8.92 -13.50 -7.30
CA LYS A 18 7.77 -14.35 -7.52
C LYS A 18 7.14 -14.01 -8.88
N ALA A 19 8.00 -13.74 -9.84
CA ALA A 19 7.54 -13.39 -11.18
C ALA A 19 7.13 -11.93 -11.21
N HIS A 20 7.90 -11.11 -10.50
CA HIS A 20 7.63 -9.69 -10.44
C HIS A 20 8.76 -8.98 -9.69
N GLU A 21 9.20 -7.86 -10.25
CA GLU A 21 10.27 -7.09 -9.65
C GLU A 21 9.79 -5.66 -9.36
N GLY A 22 9.42 -5.45 -8.11
CA GLY A 22 8.95 -4.14 -7.68
C GLY A 22 7.64 -4.25 -6.89
N LEU A 23 7.67 -5.17 -5.92
CA LEU A 23 6.50 -5.39 -5.08
C LEU A 23 5.39 -6.02 -5.92
N GLY A 24 4.95 -5.27 -6.92
CA GLY A 24 3.89 -5.75 -7.80
C GLY A 24 2.75 -4.73 -7.87
N PHE A 25 2.92 -3.64 -7.15
CA PHE A 25 1.92 -2.59 -7.12
C PHE A 25 2.56 -1.20 -7.21
N SER A 26 1.98 -0.37 -8.06
CA SER A 26 2.50 0.98 -8.24
C SER A 26 1.83 1.93 -7.25
N ILE A 27 2.50 3.04 -6.99
CA ILE A 27 1.98 4.04 -6.07
C ILE A 27 2.00 5.41 -6.75
N ARG A 28 1.28 6.34 -6.14
CA ARG A 28 1.21 7.69 -6.67
C ARG A 28 1.02 8.70 -5.54
N GLY A 29 1.04 9.97 -5.91
CA GLY A 29 0.87 11.04 -4.93
C GLY A 29 2.18 11.79 -4.71
N GLY A 30 2.27 12.44 -3.56
CA GLY A 30 3.47 13.19 -3.21
C GLY A 30 3.09 14.49 -2.47
N SER A 31 3.97 14.86 -1.55
CA SER A 31 3.75 16.07 -0.78
C SER A 31 3.81 17.30 -1.68
N GLU A 32 4.28 17.08 -2.90
CA GLU A 32 4.39 18.15 -3.87
C GLU A 32 3.01 18.45 -4.49
N HIS A 33 2.15 17.45 -4.43
CA HIS A 33 0.81 17.60 -4.98
C HIS A 33 -0.17 17.92 -3.83
N GLY A 34 0.37 18.00 -2.63
CA GLY A 34 -0.45 18.30 -1.46
C GLY A 34 -1.20 17.06 -0.99
N VAL A 35 -0.88 15.94 -1.63
CA VAL A 35 -1.52 14.67 -1.28
C VAL A 35 -0.48 13.73 -0.69
N GLY A 36 -0.97 12.68 -0.05
CA GLY A 36 -0.10 11.69 0.56
C GLY A 36 0.38 10.67 -0.48
N ILE A 37 0.12 9.40 -0.16
CA ILE A 37 0.52 8.32 -1.05
C ILE A 37 -0.65 7.36 -1.22
N TYR A 38 -0.71 6.73 -2.38
CA TYR A 38 -1.76 5.78 -2.68
C TYR A 38 -1.37 4.87 -3.84
N VAL A 39 -1.97 3.69 -3.85
CA VAL A 39 -1.69 2.71 -4.90
C VAL A 39 -2.16 3.26 -6.24
N SER A 40 -1.35 3.01 -7.27
CA SER A 40 -1.67 3.48 -8.60
C SER A 40 -2.09 2.31 -9.48
N LEU A 41 -1.35 1.21 -9.34
CA LEU A 41 -1.65 0.02 -10.12
C LEU A 41 -1.31 -1.22 -9.28
N VAL A 42 -2.03 -2.30 -9.56
CA VAL A 42 -1.82 -3.54 -8.85
C VAL A 42 -1.84 -4.70 -9.84
N GLU A 43 -0.73 -5.44 -9.86
CA GLU A 43 -0.61 -6.58 -10.76
C GLU A 43 -1.59 -7.68 -10.35
N PRO A 44 -2.19 -8.32 -11.38
CA PRO A 44 -3.15 -9.39 -11.14
C PRO A 44 -2.43 -10.68 -10.72
N GLY A 45 -3.21 -11.62 -10.22
CA GLY A 45 -2.67 -12.89 -9.78
C GLY A 45 -1.31 -12.70 -9.11
N SER A 46 -1.17 -11.55 -8.46
CA SER A 46 0.07 -11.24 -7.77
C SER A 46 -0.11 -11.39 -6.26
N LEU A 47 0.97 -11.17 -5.53
CA LEU A 47 0.94 -11.28 -4.08
C LEU A 47 0.19 -10.08 -3.50
N ALA A 48 0.47 -8.92 -4.06
CA ALA A 48 -0.17 -7.69 -3.61
C ALA A 48 -1.69 -7.90 -3.60
N GLU A 49 -2.25 -8.05 -4.78
CA GLU A 49 -3.67 -8.25 -4.92
C GLU A 49 -4.15 -9.38 -4.00
N LYS A 50 -3.22 -10.28 -3.71
CA LYS A 50 -3.52 -11.41 -2.84
C LYS A 50 -3.49 -10.95 -1.38
N GLU A 51 -2.62 -9.97 -1.12
CA GLU A 51 -2.48 -9.44 0.22
C GLU A 51 -3.67 -8.53 0.56
N GLY A 52 -4.37 -8.11 -0.49
CA GLY A 52 -5.52 -7.24 -0.32
C GLY A 52 -5.30 -5.91 -1.04
N LEU A 53 -4.03 -5.59 -1.25
CA LEU A 53 -3.68 -4.35 -1.94
C LEU A 53 -4.59 -4.16 -3.15
N ARG A 54 -4.65 -2.92 -3.61
CA ARG A 54 -5.48 -2.59 -4.76
C ARG A 54 -5.51 -1.07 -4.98
N VAL A 55 -5.58 -0.70 -6.25
CA VAL A 55 -5.62 0.72 -6.60
C VAL A 55 -6.72 1.42 -5.79
N GLY A 56 -6.28 2.39 -5.01
CA GLY A 56 -7.21 3.14 -4.18
C GLY A 56 -6.71 3.24 -2.74
N ASP A 57 -6.17 2.12 -2.26
CA ASP A 57 -5.65 2.06 -0.91
C ASP A 57 -4.79 3.30 -0.64
N GLN A 58 -4.43 3.47 0.63
CA GLN A 58 -3.61 4.60 1.03
C GLN A 58 -2.38 4.12 1.81
N ILE A 59 -1.24 4.18 1.14
CA ILE A 59 0.01 3.76 1.76
C ILE A 59 0.37 4.72 2.89
N LEU A 60 -0.28 4.51 4.03
CA LEU A 60 -0.05 5.35 5.20
C LEU A 60 1.41 5.23 5.60
N ARG A 61 1.82 4.02 5.91
CA ARG A 61 3.19 3.77 6.32
C ARG A 61 3.87 2.79 5.35
N VAL A 62 5.19 2.71 5.46
CA VAL A 62 5.95 1.82 4.61
C VAL A 62 7.12 1.23 5.41
N ASN A 63 7.08 -0.08 5.56
CA ASN A 63 8.12 -0.78 6.31
C ASN A 63 7.99 -0.44 7.79
N ASP A 64 8.16 0.84 8.08
CA ASP A 64 8.06 1.30 9.46
C ASP A 64 7.80 2.81 9.47
N LYS A 65 8.54 3.52 8.64
CA LYS A 65 8.41 4.96 8.54
C LYS A 65 7.04 5.29 7.93
N SER A 66 6.58 6.49 8.22
CA SER A 66 5.29 6.94 7.72
C SER A 66 5.51 7.97 6.60
N LEU A 67 4.79 7.76 5.51
CA LEU A 67 4.89 8.66 4.36
C LEU A 67 3.81 9.73 4.47
N ALA A 68 3.70 10.29 5.66
CA ALA A 68 2.70 11.33 5.90
C ALA A 68 2.66 12.28 4.70
N ARG A 69 3.66 13.16 4.65
CA ARG A 69 3.76 14.12 3.57
C ARG A 69 5.17 14.15 3.00
N VAL A 70 5.40 13.28 2.03
CA VAL A 70 6.71 13.19 1.40
C VAL A 70 6.52 13.09 -0.12
N THR A 71 7.52 13.59 -0.84
CA THR A 71 7.49 13.56 -2.29
C THR A 71 7.38 12.11 -2.79
N HIS A 72 6.86 11.98 -4.00
CA HIS A 72 6.70 10.67 -4.60
C HIS A 72 8.05 9.94 -4.61
N ALA A 73 9.11 10.73 -4.71
CA ALA A 73 10.45 10.17 -4.72
C ALA A 73 10.79 9.63 -3.33
N GLU A 74 10.38 10.37 -2.33
CA GLU A 74 10.63 9.98 -0.94
C GLU A 74 9.95 8.65 -0.64
N ALA A 75 8.65 8.62 -0.88
CA ALA A 75 7.87 7.41 -0.64
C ALA A 75 8.51 6.24 -1.38
N VAL A 76 8.83 6.48 -2.65
CA VAL A 76 9.45 5.47 -3.47
C VAL A 76 10.82 5.10 -2.90
N LYS A 77 11.52 6.12 -2.42
CA LYS A 77 12.83 5.92 -1.85
C LYS A 77 12.70 5.10 -0.56
N ALA A 78 11.48 5.07 -0.04
CA ALA A 78 11.21 4.33 1.18
C ALA A 78 10.53 3.01 0.83
N LEU A 79 9.85 3.01 -0.31
CA LEU A 79 9.14 1.82 -0.77
C LEU A 79 10.16 0.85 -1.38
N LYS A 80 11.16 0.50 -0.60
CA LYS A 80 12.19 -0.42 -1.05
C LYS A 80 13.16 -0.70 0.11
N GLY A 81 14.21 -1.43 -0.21
CA GLY A 81 15.21 -1.77 0.78
C GLY A 81 14.56 -2.31 2.05
N SER A 82 15.37 -2.43 3.10
CA SER A 82 14.88 -2.92 4.37
C SER A 82 14.08 -4.21 4.16
N LYS A 83 14.76 -5.33 4.34
CA LYS A 83 14.13 -6.62 4.17
C LYS A 83 12.73 -6.58 4.81
N LYS A 84 11.86 -7.44 4.28
CA LYS A 84 10.50 -7.52 4.78
C LYS A 84 9.84 -6.14 4.65
N LEU A 85 9.23 -5.91 3.49
CA LEU A 85 8.56 -4.66 3.23
C LEU A 85 7.08 -4.77 3.61
N VAL A 86 6.76 -4.20 4.77
CA VAL A 86 5.39 -4.23 5.25
C VAL A 86 4.67 -2.96 4.82
N LEU A 87 3.79 -3.11 3.84
CA LEU A 87 3.03 -1.99 3.33
C LEU A 87 1.86 -1.70 4.27
N SER A 88 1.76 -0.43 4.67
CA SER A 88 0.70 -0.02 5.57
C SER A 88 -0.38 0.72 4.79
N VAL A 89 -1.47 0.01 4.52
CA VAL A 89 -2.58 0.59 3.77
C VAL A 89 -3.80 0.68 4.69
N TYR A 90 -4.63 1.68 4.41
CA TYR A 90 -5.83 1.89 5.20
C TYR A 90 -6.93 0.89 4.82
N SER A 91 -7.40 0.17 5.83
CA SER A 91 -8.44 -0.81 5.61
C SER A 91 -9.79 -0.29 6.14
N ALA A 92 -10.83 -0.59 5.39
CA ALA A 92 -12.16 -0.15 5.76
C ALA A 92 -13.13 -1.34 5.69
N GLY A 93 -14.39 -1.06 5.96
CA GLY A 93 -15.41 -2.10 5.94
C GLY A 93 -15.45 -2.80 4.57
N ARG A 94 -16.24 -2.22 3.68
CA ARG A 94 -16.37 -2.78 2.34
C ARG A 94 -14.99 -3.01 1.72
N ILE A 95 -14.80 -4.22 1.21
CA ILE A 95 -13.53 -4.58 0.59
C ILE A 95 -13.80 -5.50 -0.60
N SER A 96 -12.85 -5.50 -1.53
CA SER A 96 -12.98 -6.33 -2.72
C SER A 96 -14.25 -5.95 -3.49
N GLY A 97 -14.05 -5.39 -4.68
CA GLY A 97 -15.16 -4.99 -5.51
C GLY A 97 -15.75 -6.19 -6.26
N PRO A 98 -16.39 -5.87 -7.42
CA PRO A 98 -17.00 -6.91 -8.24
C PRO A 98 -15.94 -7.70 -9.01
N SER A 99 -16.38 -8.74 -9.69
CA SER A 99 -15.48 -9.57 -10.47
C SER A 99 -16.12 -9.90 -11.83
N SER A 100 -15.46 -10.80 -12.54
CA SER A 100 -15.95 -11.22 -13.85
C SER A 100 -15.56 -12.67 -14.11
N GLY A 101 -14.28 -12.96 -13.94
CA GLY A 101 -13.78 -14.30 -14.15
C GLY A 101 -13.89 -15.14 -12.89
N GLY A 1 -7.97 -3.22 25.79
CA GLY A 1 -9.12 -3.91 25.24
C GLY A 1 -9.22 -3.67 23.73
N SER A 2 -8.53 -4.52 22.97
CA SER A 2 -8.54 -4.41 21.53
C SER A 2 -9.97 -4.38 21.01
N SER A 3 -10.23 -3.44 20.12
CA SER A 3 -11.56 -3.28 19.54
C SER A 3 -11.46 -2.50 18.22
N GLY A 4 -12.42 -2.78 17.34
CA GLY A 4 -12.46 -2.12 16.05
C GLY A 4 -13.91 -1.90 15.60
N SER A 5 -14.10 -0.80 14.87
CA SER A 5 -15.43 -0.47 14.37
C SER A 5 -15.31 0.55 13.23
N SER A 6 -15.39 0.04 12.01
CA SER A 6 -15.29 0.89 10.83
C SER A 6 -13.89 1.48 10.73
N GLY A 7 -13.21 1.12 9.65
CA GLY A 7 -11.86 1.61 9.43
C GLY A 7 -10.82 0.71 10.10
N GLU A 8 -9.99 0.10 9.28
CA GLU A 8 -8.96 -0.78 9.79
C GLU A 8 -7.74 -0.77 8.87
N VAL A 9 -6.57 -0.56 9.47
CA VAL A 9 -5.33 -0.51 8.71
C VAL A 9 -4.79 -1.93 8.54
N ARG A 10 -4.56 -2.30 7.29
CA ARG A 10 -4.05 -3.63 6.98
C ARG A 10 -2.54 -3.58 6.79
N LEU A 11 -1.93 -4.76 6.76
CA LEU A 11 -0.50 -4.86 6.59
C LEU A 11 -0.20 -5.78 5.40
N VAL A 12 0.23 -5.16 4.31
CA VAL A 12 0.56 -5.91 3.11
C VAL A 12 2.07 -6.17 3.07
N SER A 13 2.42 -7.34 2.57
CA SER A 13 3.82 -7.72 2.47
C SER A 13 4.14 -8.19 1.04
N LEU A 14 5.11 -7.53 0.44
CA LEU A 14 5.52 -7.86 -0.92
C LEU A 14 7.01 -8.17 -0.93
N ARG A 15 7.32 -9.41 -1.25
CA ARG A 15 8.71 -9.86 -1.31
C ARG A 15 9.06 -10.32 -2.72
N ARG A 16 10.05 -9.65 -3.30
CA ARG A 16 10.50 -9.98 -4.64
C ARG A 16 11.40 -8.87 -5.19
N ALA A 17 12.56 -9.27 -5.67
CA ALA A 17 13.52 -8.32 -6.22
C ALA A 17 14.70 -9.09 -6.83
N LYS A 18 14.88 -8.89 -8.12
CA LYS A 18 15.97 -9.55 -8.83
C LYS A 18 15.93 -9.16 -10.30
N ALA A 19 14.75 -9.32 -10.90
CA ALA A 19 14.57 -8.98 -12.30
C ALA A 19 13.25 -8.22 -12.47
N HIS A 20 13.14 -7.12 -11.73
CA HIS A 20 11.95 -6.30 -11.79
C HIS A 20 12.06 -5.15 -10.79
N GLU A 21 11.31 -4.10 -11.05
CA GLU A 21 11.31 -2.93 -10.17
C GLU A 21 9.89 -2.60 -9.74
N GLY A 22 9.47 -3.23 -8.64
CA GLY A 22 8.14 -3.00 -8.11
C GLY A 22 7.73 -4.14 -7.17
N LEU A 23 6.74 -3.84 -6.33
CA LEU A 23 6.24 -4.83 -5.39
C LEU A 23 4.94 -5.41 -5.91
N GLY A 24 4.73 -5.26 -7.22
CA GLY A 24 3.53 -5.78 -7.85
C GLY A 24 2.43 -4.70 -7.88
N PHE A 25 2.61 -3.70 -7.04
CA PHE A 25 1.66 -2.61 -6.95
C PHE A 25 2.35 -1.25 -7.04
N SER A 26 1.83 -0.41 -7.94
CA SER A 26 2.39 0.92 -8.13
C SER A 26 1.72 1.90 -7.17
N ILE A 27 2.48 2.94 -6.83
CA ILE A 27 1.98 3.97 -5.93
C ILE A 27 1.94 5.31 -6.66
N ARG A 28 1.13 6.21 -6.13
CA ARG A 28 1.00 7.54 -6.72
C ARG A 28 0.87 8.59 -5.63
N GLY A 29 0.92 9.85 -6.06
CA GLY A 29 0.81 10.96 -5.13
C GLY A 29 2.19 11.50 -4.77
N GLY A 30 2.27 12.11 -3.59
CA GLY A 30 3.52 12.68 -3.12
C GLY A 30 3.31 14.09 -2.57
N SER A 31 4.37 14.62 -1.97
CA SER A 31 4.31 15.95 -1.40
C SER A 31 4.71 16.99 -2.45
N GLU A 32 4.16 16.80 -3.64
CA GLU A 32 4.46 17.70 -4.75
C GLU A 32 3.17 18.40 -5.22
N HIS A 33 2.09 17.63 -5.20
CA HIS A 33 0.80 18.15 -5.63
C HIS A 33 -0.02 18.53 -4.40
N GLY A 34 0.45 18.09 -3.25
CA GLY A 34 -0.23 18.37 -1.99
C GLY A 34 -1.12 17.21 -1.57
N VAL A 35 -0.57 16.01 -1.71
CA VAL A 35 -1.30 14.81 -1.34
C VAL A 35 -0.35 13.83 -0.66
N GLY A 36 -0.89 12.67 -0.31
CA GLY A 36 -0.11 11.64 0.35
C GLY A 36 0.33 10.57 -0.65
N ILE A 37 0.10 9.32 -0.26
CA ILE A 37 0.46 8.20 -1.12
C ILE A 37 -0.74 7.25 -1.26
N TYR A 38 -0.85 6.68 -2.45
CA TYR A 38 -1.95 5.77 -2.73
C TYR A 38 -1.59 4.83 -3.88
N VAL A 39 -2.20 3.65 -3.86
CA VAL A 39 -1.95 2.67 -4.89
C VAL A 39 -2.37 3.24 -6.25
N SER A 40 -1.53 2.99 -7.25
CA SER A 40 -1.80 3.47 -8.59
C SER A 40 -2.21 2.31 -9.50
N LEU A 41 -1.52 1.18 -9.31
CA LEU A 41 -1.80 0.00 -10.10
C LEU A 41 -1.51 -1.24 -9.26
N VAL A 42 -2.36 -2.25 -9.43
CA VAL A 42 -2.20 -3.49 -8.69
C VAL A 42 -2.43 -4.67 -9.63
N GLU A 43 -1.41 -5.50 -9.77
CA GLU A 43 -1.50 -6.66 -10.64
C GLU A 43 -2.47 -7.69 -10.05
N PRO A 44 -3.33 -8.23 -10.95
CA PRO A 44 -4.31 -9.23 -10.53
C PRO A 44 -3.64 -10.59 -10.31
N GLY A 45 -2.48 -10.75 -10.91
CA GLY A 45 -1.73 -11.98 -10.78
C GLY A 45 -0.47 -11.78 -9.95
N SER A 46 -0.55 -10.83 -9.03
CA SER A 46 0.58 -10.53 -8.17
C SER A 46 0.25 -10.91 -6.73
N LEU A 47 1.22 -10.68 -5.85
CA LEU A 47 1.04 -10.99 -4.44
C LEU A 47 0.24 -9.88 -3.76
N ALA A 48 0.62 -8.65 -4.06
CA ALA A 48 -0.05 -7.49 -3.49
C ALA A 48 -1.56 -7.70 -3.58
N GLU A 49 -2.01 -8.00 -4.80
CA GLU A 49 -3.42 -8.22 -5.04
C GLU A 49 -3.94 -9.36 -4.16
N LYS A 50 -3.07 -10.33 -3.91
CA LYS A 50 -3.41 -11.47 -3.09
C LYS A 50 -3.48 -11.04 -1.63
N GLU A 51 -2.70 -10.02 -1.31
CA GLU A 51 -2.67 -9.50 0.06
C GLU A 51 -3.91 -8.65 0.33
N GLY A 52 -4.55 -8.21 -0.75
CA GLY A 52 -5.74 -7.40 -0.64
C GLY A 52 -5.54 -6.03 -1.31
N LEU A 53 -4.28 -5.64 -1.41
CA LEU A 53 -3.93 -4.37 -2.02
C LEU A 53 -4.80 -4.15 -3.26
N ARG A 54 -4.91 -2.90 -3.67
CA ARG A 54 -5.70 -2.56 -4.83
C ARG A 54 -5.80 -1.04 -4.97
N VAL A 55 -5.68 -0.58 -6.21
CA VAL A 55 -5.76 0.85 -6.49
C VAL A 55 -6.91 1.46 -5.69
N GLY A 56 -6.54 2.41 -4.83
CA GLY A 56 -7.51 3.08 -4.00
C GLY A 56 -7.03 3.19 -2.55
N ASP A 57 -6.34 2.14 -2.12
CA ASP A 57 -5.81 2.11 -0.77
C ASP A 57 -5.01 3.38 -0.50
N GLN A 58 -4.43 3.44 0.69
CA GLN A 58 -3.64 4.60 1.07
C GLN A 58 -2.42 4.16 1.88
N ILE A 59 -1.25 4.34 1.28
CA ILE A 59 0.00 3.96 1.93
C ILE A 59 0.27 4.92 3.10
N LEU A 60 -0.25 4.56 4.25
CA LEU A 60 -0.06 5.37 5.44
C LEU A 60 1.40 5.30 5.88
N ARG A 61 1.93 4.09 5.87
CA ARG A 61 3.31 3.87 6.26
C ARG A 61 3.98 2.87 5.31
N VAL A 62 5.30 2.80 5.43
CA VAL A 62 6.07 1.90 4.59
C VAL A 62 7.23 1.32 5.40
N ASN A 63 7.18 0.01 5.61
CA ASN A 63 8.22 -0.67 6.37
C ASN A 63 8.03 -0.39 7.85
N ASP A 64 8.08 0.90 8.18
CA ASP A 64 7.91 1.33 9.56
C ASP A 64 7.70 2.84 9.61
N LYS A 65 8.51 3.54 8.83
CA LYS A 65 8.42 4.99 8.77
C LYS A 65 7.15 5.39 8.01
N SER A 66 6.61 6.54 8.37
CA SER A 66 5.41 7.04 7.73
C SER A 66 5.77 7.99 6.60
N LEU A 67 4.96 7.95 5.55
CA LEU A 67 5.18 8.80 4.40
C LEU A 67 4.43 10.12 4.59
N ALA A 68 4.50 10.65 5.80
CA ALA A 68 3.84 11.89 6.11
C ALA A 68 4.18 12.94 5.04
N ARG A 69 3.29 13.05 4.07
CA ARG A 69 3.48 14.00 2.98
C ARG A 69 4.96 14.05 2.57
N VAL A 70 5.31 13.20 1.63
CA VAL A 70 6.67 13.14 1.14
C VAL A 70 6.66 13.01 -0.39
N THR A 71 7.64 13.65 -1.00
CA THR A 71 7.76 13.62 -2.45
C THR A 71 7.66 12.18 -2.96
N HIS A 72 7.09 12.04 -4.15
CA HIS A 72 6.94 10.73 -4.76
C HIS A 72 8.28 9.98 -4.72
N ALA A 73 9.35 10.76 -4.79
CA ALA A 73 10.68 10.18 -4.76
C ALA A 73 10.98 9.65 -3.36
N GLU A 74 10.45 10.37 -2.37
CA GLU A 74 10.65 9.98 -0.98
C GLU A 74 9.95 8.65 -0.70
N ALA A 75 8.65 8.65 -0.97
CA ALA A 75 7.85 7.45 -0.74
C ALA A 75 8.53 6.25 -1.39
N VAL A 76 8.84 6.40 -2.67
CA VAL A 76 9.49 5.34 -3.42
C VAL A 76 10.78 4.94 -2.71
N LYS A 77 11.61 5.95 -2.46
CA LYS A 77 12.87 5.73 -1.78
C LYS A 77 12.63 4.97 -0.48
N ALA A 78 11.40 5.07 0.01
CA ALA A 78 11.02 4.41 1.24
C ALA A 78 10.54 2.98 0.93
N LEU A 79 9.79 2.87 -0.16
CA LEU A 79 9.28 1.58 -0.57
C LEU A 79 10.44 0.64 -0.89
N LYS A 80 11.13 0.96 -1.97
CA LYS A 80 12.27 0.15 -2.39
C LYS A 80 11.87 -1.33 -2.39
N GLY A 81 12.85 -2.18 -2.65
CA GLY A 81 12.62 -3.61 -2.67
C GLY A 81 13.40 -4.32 -1.56
N SER A 82 12.85 -4.24 -0.36
CA SER A 82 13.48 -4.86 0.80
C SER A 82 12.97 -6.30 0.94
N LYS A 83 13.50 -6.97 1.97
CA LYS A 83 13.11 -8.35 2.22
C LYS A 83 11.80 -8.37 3.01
N LYS A 84 11.85 -7.78 4.19
CA LYS A 84 10.67 -7.72 5.05
C LYS A 84 10.01 -6.34 4.93
N LEU A 85 9.41 -6.11 3.77
CA LEU A 85 8.75 -4.85 3.51
C LEU A 85 7.27 -4.96 3.88
N VAL A 86 6.89 -4.25 4.93
CA VAL A 86 5.51 -4.26 5.39
C VAL A 86 4.81 -2.99 4.92
N LEU A 87 4.01 -3.14 3.87
CA LEU A 87 3.28 -2.02 3.32
C LEU A 87 2.07 -1.72 4.21
N SER A 88 2.04 -0.49 4.72
CA SER A 88 0.96 -0.06 5.57
C SER A 88 -0.11 0.66 4.75
N VAL A 89 -1.27 0.02 4.65
CA VAL A 89 -2.37 0.58 3.90
C VAL A 89 -3.64 0.54 4.75
N TYR A 90 -4.59 1.40 4.41
CA TYR A 90 -5.84 1.47 5.13
C TYR A 90 -7.02 1.16 4.21
N SER A 91 -7.86 0.24 4.66
CA SER A 91 -9.04 -0.15 3.89
C SER A 91 -10.30 0.42 4.55
N ALA A 92 -11.35 0.50 3.73
CA ALA A 92 -12.61 1.01 4.22
C ALA A 92 -13.69 -0.06 4.06
N GLY A 93 -14.76 0.10 4.84
CA GLY A 93 -15.86 -0.85 4.80
C GLY A 93 -16.24 -1.19 3.35
N ARG A 94 -15.89 -2.40 2.95
CA ARG A 94 -16.19 -2.84 1.60
C ARG A 94 -15.72 -4.29 1.41
N ILE A 95 -16.61 -5.10 0.83
CA ILE A 95 -16.29 -6.50 0.59
C ILE A 95 -16.28 -6.76 -0.91
N SER A 96 -15.31 -7.56 -1.34
CA SER A 96 -15.18 -7.90 -2.74
C SER A 96 -14.57 -9.29 -2.89
N GLY A 97 -13.37 -9.46 -2.35
CA GLY A 97 -12.68 -10.73 -2.42
C GLY A 97 -11.95 -10.88 -3.76
N PRO A 98 -11.24 -12.03 -3.89
CA PRO A 98 -10.50 -12.33 -5.10
C PRO A 98 -11.45 -12.74 -6.23
N SER A 99 -10.89 -12.80 -7.43
CA SER A 99 -11.67 -13.18 -8.60
C SER A 99 -10.95 -14.30 -9.36
N SER A 100 -9.73 -13.99 -9.78
CA SER A 100 -8.93 -14.95 -10.52
C SER A 100 -8.38 -16.02 -9.56
N GLY A 101 -8.30 -17.24 -10.08
CA GLY A 101 -7.80 -18.36 -9.29
C GLY A 101 -7.19 -19.44 -10.19
N GLY A 1 -17.76 -6.82 23.45
CA GLY A 1 -17.98 -6.33 22.11
C GLY A 1 -18.88 -5.09 22.11
N SER A 2 -19.91 -5.14 21.28
CA SER A 2 -20.85 -4.04 21.18
C SER A 2 -20.19 -2.84 20.52
N SER A 3 -19.15 -2.34 21.16
CA SER A 3 -18.42 -1.20 20.65
C SER A 3 -18.15 -1.38 19.16
N GLY A 4 -18.26 -0.27 18.43
CA GLY A 4 -18.03 -0.30 16.99
C GLY A 4 -16.80 0.52 16.62
N SER A 5 -15.66 -0.16 16.63
CA SER A 5 -14.39 0.49 16.30
C SER A 5 -14.49 1.13 14.91
N SER A 6 -13.53 2.01 14.64
CA SER A 6 -13.50 2.70 13.36
C SER A 6 -12.06 2.80 12.87
N GLY A 7 -11.77 2.10 11.78
CA GLY A 7 -10.45 2.10 11.20
C GLY A 7 -9.79 0.73 11.31
N GLU A 8 -9.49 0.16 10.16
CA GLU A 8 -8.87 -1.15 10.10
C GLU A 8 -7.72 -1.16 9.09
N VAL A 9 -6.56 -0.72 9.57
CA VAL A 9 -5.37 -0.66 8.72
C VAL A 9 -4.76 -2.06 8.61
N ARG A 10 -4.60 -2.51 7.38
CA ARG A 10 -4.03 -3.82 7.13
C ARG A 10 -2.52 -3.71 6.89
N LEU A 11 -1.86 -4.85 6.97
CA LEU A 11 -0.41 -4.89 6.76
C LEU A 11 -0.10 -5.84 5.59
N VAL A 12 0.24 -5.24 4.46
CA VAL A 12 0.56 -6.01 3.27
C VAL A 12 2.08 -6.20 3.19
N SER A 13 2.47 -7.36 2.70
CA SER A 13 3.89 -7.68 2.56
C SER A 13 4.17 -8.15 1.13
N LEU A 14 5.11 -7.46 0.50
CA LEU A 14 5.49 -7.79 -0.87
C LEU A 14 6.99 -8.10 -0.91
N ARG A 15 7.30 -9.36 -1.16
CA ARG A 15 8.69 -9.79 -1.23
C ARG A 15 8.90 -10.66 -2.46
N ARG A 16 9.67 -10.13 -3.40
CA ARG A 16 9.96 -10.85 -4.63
C ARG A 16 10.50 -9.89 -5.70
N ALA A 17 11.81 -9.68 -5.65
CA ALA A 17 12.46 -8.79 -6.60
C ALA A 17 13.97 -8.85 -6.38
N LYS A 18 14.69 -9.03 -7.50
CA LYS A 18 16.14 -9.10 -7.44
C LYS A 18 16.73 -8.27 -8.58
N ALA A 19 16.18 -8.47 -9.77
CA ALA A 19 16.63 -7.75 -10.93
C ALA A 19 15.48 -7.64 -11.95
N HIS A 20 14.28 -7.61 -11.41
CA HIS A 20 13.09 -7.51 -12.25
C HIS A 20 11.83 -7.55 -11.37
N GLU A 21 10.88 -6.70 -11.72
CA GLU A 21 9.63 -6.63 -10.97
C GLU A 21 9.88 -6.10 -9.56
N GLY A 22 8.87 -5.43 -9.03
CA GLY A 22 8.97 -4.87 -7.70
C GLY A 22 7.92 -5.47 -6.76
N LEU A 23 7.26 -4.60 -6.01
CA LEU A 23 6.24 -5.04 -5.08
C LEU A 23 5.07 -5.65 -5.87
N GLY A 24 4.83 -5.08 -7.03
CA GLY A 24 3.75 -5.55 -7.89
C GLY A 24 2.63 -4.51 -7.98
N PHE A 25 2.77 -3.47 -7.18
CA PHE A 25 1.78 -2.41 -7.16
C PHE A 25 2.45 -1.03 -7.26
N SER A 26 1.89 -0.21 -8.13
CA SER A 26 2.42 1.13 -8.33
C SER A 26 1.76 2.12 -7.36
N ILE A 27 2.48 3.19 -7.06
CA ILE A 27 1.97 4.20 -6.16
C ILE A 27 1.86 5.53 -6.89
N ARG A 28 1.14 6.46 -6.28
CA ARG A 28 0.94 7.77 -6.87
C ARG A 28 0.81 8.83 -5.78
N GLY A 29 1.07 10.07 -6.17
CA GLY A 29 0.98 11.18 -5.23
C GLY A 29 2.35 11.82 -5.01
N GLY A 30 2.51 12.42 -3.85
CA GLY A 30 3.76 13.08 -3.50
C GLY A 30 3.51 14.45 -2.88
N SER A 31 4.38 14.81 -1.94
CA SER A 31 4.26 16.08 -1.26
C SER A 31 4.37 17.23 -2.27
N GLU A 32 5.16 16.99 -3.30
CA GLU A 32 5.34 17.99 -4.34
C GLU A 32 4.02 18.29 -5.05
N HIS A 33 3.07 17.37 -4.88
CA HIS A 33 1.76 17.51 -5.48
C HIS A 33 0.77 18.03 -4.44
N GLY A 34 1.08 17.76 -3.18
CA GLY A 34 0.23 18.19 -2.09
C GLY A 34 -0.64 17.03 -1.59
N VAL A 35 -0.35 15.85 -2.10
CA VAL A 35 -1.09 14.66 -1.72
C VAL A 35 -0.13 13.63 -1.12
N GLY A 36 -0.71 12.66 -0.43
CA GLY A 36 0.08 11.61 0.18
C GLY A 36 0.48 10.55 -0.83
N ILE A 37 0.26 9.29 -0.47
CA ILE A 37 0.59 8.19 -1.33
C ILE A 37 -0.61 7.24 -1.44
N TYR A 38 -0.72 6.61 -2.60
CA TYR A 38 -1.81 5.68 -2.84
C TYR A 38 -1.51 4.77 -4.02
N VAL A 39 -2.17 3.63 -4.03
CA VAL A 39 -1.99 2.66 -5.11
C VAL A 39 -2.86 3.06 -6.30
N SER A 40 -2.23 3.06 -7.47
CA SER A 40 -2.93 3.42 -8.69
C SER A 40 -2.99 2.22 -9.64
N LEU A 41 -2.19 1.21 -9.31
CA LEU A 41 -2.15 0.01 -10.12
C LEU A 41 -1.72 -1.17 -9.24
N VAL A 42 -2.34 -2.32 -9.49
CA VAL A 42 -2.03 -3.52 -8.75
C VAL A 42 -1.93 -4.70 -9.70
N GLU A 43 -0.80 -5.39 -9.62
CA GLU A 43 -0.57 -6.54 -10.48
C GLU A 43 -1.52 -7.69 -10.10
N PRO A 44 -2.22 -8.22 -11.15
CA PRO A 44 -3.16 -9.30 -10.93
C PRO A 44 -2.42 -10.62 -10.71
N GLY A 45 -3.15 -11.58 -10.15
CA GLY A 45 -2.59 -12.89 -9.87
C GLY A 45 -1.23 -12.76 -9.17
N SER A 46 -1.04 -11.62 -8.53
CA SER A 46 0.20 -11.37 -7.82
C SER A 46 -0.02 -11.50 -6.31
N LEU A 47 1.05 -11.25 -5.56
CA LEU A 47 0.99 -11.33 -4.12
C LEU A 47 0.16 -10.17 -3.57
N ALA A 48 0.55 -8.97 -3.98
CA ALA A 48 -0.14 -7.77 -3.54
C ALA A 48 -1.66 -8.00 -3.60
N GLU A 49 -2.14 -8.13 -4.83
CA GLU A 49 -3.57 -8.36 -5.04
C GLU A 49 -4.06 -9.51 -4.15
N LYS A 50 -3.17 -10.47 -3.93
CA LYS A 50 -3.49 -11.61 -3.10
C LYS A 50 -3.59 -11.18 -1.64
N GLU A 51 -2.76 -10.19 -1.30
CA GLU A 51 -2.74 -9.68 0.06
C GLU A 51 -3.99 -8.85 0.33
N GLY A 52 -4.64 -8.44 -0.74
CA GLY A 52 -5.85 -7.64 -0.63
C GLY A 52 -5.64 -6.24 -1.17
N LEU A 53 -4.37 -5.92 -1.43
CA LEU A 53 -4.02 -4.61 -1.95
C LEU A 53 -4.84 -4.33 -3.21
N ARG A 54 -4.81 -3.07 -3.64
CA ARG A 54 -5.55 -2.67 -4.82
C ARG A 54 -5.63 -1.14 -4.90
N VAL A 55 -5.40 -0.64 -6.10
CA VAL A 55 -5.44 0.81 -6.32
C VAL A 55 -6.59 1.41 -5.51
N GLY A 56 -6.36 2.61 -5.01
CA GLY A 56 -7.36 3.31 -4.22
C GLY A 56 -6.94 3.37 -2.75
N ASP A 57 -6.25 2.32 -2.32
CA ASP A 57 -5.79 2.24 -0.94
C ASP A 57 -4.91 3.46 -0.63
N GLN A 58 -4.38 3.47 0.58
CA GLN A 58 -3.53 4.57 1.02
C GLN A 58 -2.33 4.02 1.81
N ILE A 59 -1.16 4.13 1.20
CA ILE A 59 0.06 3.66 1.83
C ILE A 59 0.42 4.59 2.99
N LEU A 60 -0.29 4.41 4.10
CA LEU A 60 -0.04 5.23 5.28
C LEU A 60 1.44 5.15 5.65
N ARG A 61 1.88 3.96 5.99
CA ARG A 61 3.27 3.75 6.36
C ARG A 61 3.94 2.80 5.37
N VAL A 62 5.27 2.75 5.45
CA VAL A 62 6.05 1.90 4.58
C VAL A 62 7.23 1.32 5.35
N ASN A 63 7.17 0.01 5.58
CA ASN A 63 8.22 -0.67 6.30
C ASN A 63 8.10 -0.36 7.79
N ASP A 64 8.16 0.92 8.10
CA ASP A 64 8.05 1.37 9.48
C ASP A 64 7.81 2.88 9.51
N LYS A 65 8.59 3.59 8.70
CA LYS A 65 8.46 5.03 8.63
C LYS A 65 7.14 5.40 7.95
N SER A 66 6.68 6.60 8.22
CA SER A 66 5.44 7.07 7.65
C SER A 66 5.72 8.06 6.52
N LEU A 67 4.89 7.99 5.48
CA LEU A 67 5.05 8.86 4.34
C LEU A 67 4.29 10.17 4.59
N ALA A 68 4.49 10.72 5.77
CA ALA A 68 3.84 11.96 6.16
C ALA A 68 4.18 13.05 5.13
N ARG A 69 3.33 13.14 4.12
CA ARG A 69 3.54 14.13 3.07
C ARG A 69 5.01 14.18 2.67
N VAL A 70 5.37 13.33 1.72
CA VAL A 70 6.74 13.27 1.25
C VAL A 70 6.74 13.17 -0.28
N THR A 71 7.79 13.70 -0.88
CA THR A 71 7.92 13.67 -2.33
C THR A 71 7.88 12.24 -2.85
N HIS A 72 7.39 12.10 -4.07
CA HIS A 72 7.29 10.79 -4.69
C HIS A 72 8.63 10.06 -4.59
N ALA A 73 9.69 10.85 -4.58
CA ALA A 73 11.04 10.30 -4.48
C ALA A 73 11.24 9.72 -3.08
N GLU A 74 10.66 10.39 -2.11
CA GLU A 74 10.77 9.95 -0.72
C GLU A 74 10.06 8.61 -0.54
N ALA A 75 8.78 8.61 -0.87
CA ALA A 75 7.97 7.41 -0.75
C ALA A 75 8.70 6.23 -1.41
N VAL A 76 9.11 6.46 -2.64
CA VAL A 76 9.82 5.45 -3.41
C VAL A 76 11.05 5.00 -2.62
N LYS A 77 11.94 5.95 -2.40
CA LYS A 77 13.16 5.67 -1.65
C LYS A 77 12.81 5.06 -0.30
N ALA A 78 11.59 5.32 0.13
CA ALA A 78 11.11 4.80 1.41
C ALA A 78 10.58 3.39 1.21
N LEU A 79 10.06 3.13 0.02
CA LEU A 79 9.52 1.83 -0.31
C LEU A 79 10.66 0.82 -0.38
N LYS A 80 11.65 1.13 -1.20
CA LYS A 80 12.80 0.25 -1.36
C LYS A 80 13.72 0.40 -0.15
N GLY A 81 14.62 -0.56 -0.01
CA GLY A 81 15.56 -0.56 1.10
C GLY A 81 14.97 -1.27 2.33
N SER A 82 15.85 -1.93 3.06
CA SER A 82 15.43 -2.64 4.26
C SER A 82 14.50 -3.80 3.87
N LYS A 83 14.98 -5.01 4.12
CA LYS A 83 14.22 -6.20 3.80
C LYS A 83 12.84 -6.11 4.48
N LYS A 84 12.09 -7.19 4.35
CA LYS A 84 10.77 -7.25 4.96
C LYS A 84 10.07 -5.90 4.78
N LEU A 85 9.44 -5.75 3.63
CA LEU A 85 8.74 -4.52 3.32
C LEU A 85 7.26 -4.67 3.72
N VAL A 86 6.92 -4.01 4.82
CA VAL A 86 5.55 -4.06 5.32
C VAL A 86 4.79 -2.83 4.82
N LEU A 87 3.87 -3.08 3.90
CA LEU A 87 3.06 -2.01 3.35
C LEU A 87 1.87 -1.73 4.26
N SER A 88 1.80 -0.50 4.74
CA SER A 88 0.71 -0.10 5.63
C SER A 88 -0.38 0.61 4.83
N VAL A 89 -1.49 -0.10 4.64
CA VAL A 89 -2.61 0.44 3.90
C VAL A 89 -3.86 0.45 4.80
N TYR A 90 -4.64 1.51 4.65
CA TYR A 90 -5.86 1.65 5.43
C TYR A 90 -7.06 1.07 4.70
N SER A 91 -7.72 0.13 5.35
CA SER A 91 -8.89 -0.52 4.77
C SER A 91 -10.17 0.06 5.38
N ALA A 92 -11.21 0.10 4.57
CA ALA A 92 -12.49 0.63 5.02
C ALA A 92 -13.59 -0.40 4.74
N GLY A 93 -14.73 -0.18 5.37
CA GLY A 93 -15.86 -1.08 5.20
C GLY A 93 -16.27 -1.17 3.72
N ARG A 94 -15.89 -2.27 3.09
CA ARG A 94 -16.20 -2.49 1.69
C ARG A 94 -17.69 -2.23 1.44
N ILE A 95 -17.95 -1.30 0.54
CA ILE A 95 -19.32 -0.94 0.19
C ILE A 95 -20.05 -2.18 -0.31
N SER A 96 -19.30 -3.02 -1.04
CA SER A 96 -19.87 -4.24 -1.58
C SER A 96 -18.80 -5.01 -2.36
N GLY A 97 -18.75 -6.31 -2.10
CA GLY A 97 -17.78 -7.16 -2.76
C GLY A 97 -18.44 -7.97 -3.89
N PRO A 98 -17.58 -8.44 -4.83
CA PRO A 98 -18.07 -9.22 -5.96
C PRO A 98 -18.43 -10.64 -5.53
N SER A 99 -19.56 -11.11 -6.03
CA SER A 99 -20.03 -12.45 -5.71
C SER A 99 -19.41 -13.46 -6.66
N SER A 100 -18.74 -14.45 -6.10
CA SER A 100 -18.10 -15.49 -6.89
C SER A 100 -18.85 -16.81 -6.71
N GLY A 101 -19.06 -17.48 -7.83
CA GLY A 101 -19.76 -18.76 -7.82
C GLY A 101 -18.77 -19.92 -7.65
N GLY A 1 -14.12 -0.69 22.27
CA GLY A 1 -14.38 -2.09 22.04
C GLY A 1 -15.81 -2.33 21.53
N SER A 2 -16.01 -3.49 20.93
CA SER A 2 -17.32 -3.84 20.40
C SER A 2 -17.66 -2.93 19.22
N SER A 3 -18.56 -3.42 18.38
CA SER A 3 -18.98 -2.67 17.20
C SER A 3 -19.20 -1.21 17.58
N GLY A 4 -19.01 -0.35 16.59
CA GLY A 4 -19.19 1.09 16.80
C GLY A 4 -18.51 1.89 15.69
N SER A 5 -17.20 2.03 15.81
CA SER A 5 -16.43 2.77 14.83
C SER A 5 -15.88 1.81 13.76
N SER A 6 -15.43 2.39 12.67
CA SER A 6 -14.89 1.61 11.57
C SER A 6 -13.40 1.92 11.39
N GLY A 7 -12.75 1.10 10.58
CA GLY A 7 -11.33 1.29 10.32
C GLY A 7 -10.55 0.00 10.62
N GLU A 8 -9.82 -0.46 9.61
CA GLU A 8 -9.01 -1.66 9.76
C GLU A 8 -7.79 -1.61 8.85
N VAL A 9 -6.71 -1.06 9.39
CA VAL A 9 -5.47 -0.94 8.64
C VAL A 9 -4.81 -2.32 8.53
N ARG A 10 -4.56 -2.72 7.29
CA ARG A 10 -3.93 -4.01 7.04
C ARG A 10 -2.44 -3.83 6.76
N LEU A 11 -1.71 -4.92 6.86
CA LEU A 11 -0.28 -4.91 6.63
C LEU A 11 0.06 -5.82 5.46
N VAL A 12 0.39 -5.20 4.34
CA VAL A 12 0.73 -5.94 3.14
C VAL A 12 2.25 -6.11 3.06
N SER A 13 2.66 -7.27 2.59
CA SER A 13 4.09 -7.57 2.47
C SER A 13 4.39 -8.07 1.05
N LEU A 14 5.26 -7.33 0.37
CA LEU A 14 5.63 -7.70 -0.99
C LEU A 14 7.14 -7.98 -1.03
N ARG A 15 7.52 -8.88 -1.92
CA ARG A 15 8.92 -9.26 -2.07
C ARG A 15 9.61 -8.30 -3.04
N ARG A 16 10.55 -7.55 -2.49
CA ARG A 16 11.30 -6.59 -3.30
C ARG A 16 12.52 -7.26 -3.94
N ALA A 17 12.22 -8.17 -4.86
CA ALA A 17 13.28 -8.90 -5.55
C ALA A 17 12.65 -9.90 -6.53
N LYS A 18 11.96 -9.35 -7.52
CA LYS A 18 11.32 -10.18 -8.52
C LYS A 18 11.33 -9.44 -9.87
N ALA A 19 10.39 -8.53 -10.01
CA ALA A 19 10.29 -7.75 -11.23
C ALA A 19 8.90 -7.10 -11.30
N HIS A 20 7.94 -7.76 -10.68
CA HIS A 20 6.57 -7.26 -10.66
C HIS A 20 6.58 -5.74 -10.54
N GLU A 21 5.70 -5.11 -11.31
CA GLU A 21 5.61 -3.67 -11.30
C GLU A 21 5.54 -3.14 -9.87
N GLY A 22 6.62 -2.53 -9.44
CA GLY A 22 6.71 -1.98 -8.09
C GLY A 22 5.96 -2.87 -7.10
N LEU A 23 6.67 -3.88 -6.61
CA LEU A 23 6.09 -4.81 -5.66
C LEU A 23 4.74 -5.29 -6.17
N GLY A 24 4.57 -5.18 -7.48
CA GLY A 24 3.32 -5.59 -8.11
C GLY A 24 2.29 -4.46 -8.09
N PHE A 25 2.39 -3.62 -7.07
CA PHE A 25 1.49 -2.49 -6.93
C PHE A 25 2.24 -1.17 -6.97
N SER A 26 1.78 -0.30 -7.87
CA SER A 26 2.41 1.00 -8.03
C SER A 26 1.77 2.02 -7.09
N ILE A 27 2.48 3.10 -6.85
CA ILE A 27 1.99 4.15 -5.97
C ILE A 27 1.93 5.47 -6.74
N ARG A 28 1.18 6.41 -6.18
CA ARG A 28 1.04 7.72 -6.79
C ARG A 28 0.89 8.80 -5.73
N GLY A 29 0.84 10.04 -6.19
CA GLY A 29 0.70 11.17 -5.28
C GLY A 29 2.07 11.64 -4.78
N GLY A 30 2.12 11.97 -3.50
CA GLY A 30 3.35 12.44 -2.89
C GLY A 30 3.24 13.91 -2.50
N SER A 31 4.05 14.28 -1.51
CA SER A 31 4.06 15.66 -1.03
C SER A 31 4.12 16.62 -2.22
N GLU A 32 4.64 16.12 -3.33
CA GLU A 32 4.76 16.93 -4.54
C GLU A 32 3.38 17.42 -4.98
N HIS A 33 2.43 16.49 -4.99
CA HIS A 33 1.08 16.80 -5.39
C HIS A 33 0.29 17.30 -4.18
N GLY A 34 0.98 17.38 -3.05
CA GLY A 34 0.35 17.85 -1.83
C GLY A 34 -0.56 16.77 -1.24
N VAL A 35 -0.29 15.53 -1.63
CA VAL A 35 -1.07 14.40 -1.15
C VAL A 35 -0.13 13.34 -0.60
N GLY A 36 -0.71 12.42 0.17
CA GLY A 36 0.07 11.34 0.76
C GLY A 36 0.50 10.34 -0.29
N ILE A 37 0.29 9.07 0.02
CA ILE A 37 0.65 7.99 -0.90
C ILE A 37 -0.52 7.04 -1.04
N TYR A 38 -0.81 6.68 -2.29
CA TYR A 38 -1.90 5.76 -2.57
C TYR A 38 -1.56 4.85 -3.76
N VAL A 39 -2.18 3.69 -3.76
CA VAL A 39 -1.95 2.72 -4.82
C VAL A 39 -2.45 3.30 -6.15
N SER A 40 -1.66 3.07 -7.19
CA SER A 40 -1.99 3.57 -8.52
C SER A 40 -2.37 2.40 -9.42
N LEU A 41 -1.63 1.31 -9.28
CA LEU A 41 -1.88 0.12 -10.08
C LEU A 41 -1.61 -1.12 -9.24
N VAL A 42 -2.33 -2.19 -9.56
CA VAL A 42 -2.18 -3.44 -8.84
C VAL A 42 -2.17 -4.60 -9.84
N GLU A 43 -1.06 -5.32 -9.84
CA GLU A 43 -0.91 -6.46 -10.74
C GLU A 43 -1.89 -7.56 -10.36
N PRO A 44 -2.49 -8.20 -11.41
CA PRO A 44 -3.44 -9.26 -11.20
C PRO A 44 -2.73 -10.56 -10.79
N GLY A 45 -3.52 -11.48 -10.25
CA GLY A 45 -2.98 -12.75 -9.82
C GLY A 45 -1.59 -12.58 -9.19
N SER A 46 -1.39 -11.43 -8.58
CA SER A 46 -0.13 -11.12 -7.94
C SER A 46 -0.24 -11.33 -6.43
N LEU A 47 0.89 -11.12 -5.75
CA LEU A 47 0.92 -11.28 -4.31
C LEU A 47 0.17 -10.12 -3.65
N ALA A 48 0.50 -8.91 -4.09
CA ALA A 48 -0.15 -7.72 -3.55
C ALA A 48 -1.66 -7.92 -3.58
N GLU A 49 -2.19 -8.00 -4.78
CA GLU A 49 -3.63 -8.18 -4.95
C GLU A 49 -4.12 -9.33 -4.08
N LYS A 50 -3.26 -10.32 -3.90
CA LYS A 50 -3.60 -11.48 -3.09
C LYS A 50 -3.63 -11.07 -1.62
N GLU A 51 -2.80 -10.11 -1.28
CA GLU A 51 -2.72 -9.62 0.08
C GLU A 51 -3.96 -8.78 0.41
N GLY A 52 -4.62 -8.30 -0.64
CA GLY A 52 -5.80 -7.49 -0.47
C GLY A 52 -5.63 -6.11 -1.12
N LEU A 53 -4.37 -5.76 -1.35
CA LEU A 53 -4.05 -4.48 -1.97
C LEU A 53 -4.93 -4.29 -3.21
N ARG A 54 -4.98 -3.04 -3.66
CA ARG A 54 -5.78 -2.71 -4.83
C ARG A 54 -5.91 -1.19 -4.96
N VAL A 55 -5.75 -0.71 -6.19
CA VAL A 55 -5.86 0.70 -6.46
C VAL A 55 -7.02 1.30 -5.65
N GLY A 56 -6.67 2.19 -4.75
CA GLY A 56 -7.66 2.84 -3.90
C GLY A 56 -7.15 3.00 -2.48
N ASP A 57 -6.53 1.94 -1.97
CA ASP A 57 -5.98 1.95 -0.63
C ASP A 57 -5.11 3.20 -0.44
N GLN A 58 -4.56 3.33 0.75
CA GLN A 58 -3.71 4.46 1.07
C GLN A 58 -2.49 4.00 1.88
N ILE A 59 -1.33 4.10 1.23
CA ILE A 59 -0.09 3.71 1.87
C ILE A 59 0.23 4.67 3.01
N LEU A 60 -0.35 4.40 4.17
CA LEU A 60 -0.13 5.24 5.34
C LEU A 60 1.34 5.17 5.75
N ARG A 61 1.80 3.95 5.98
CA ARG A 61 3.19 3.74 6.38
C ARG A 61 3.87 2.79 5.41
N VAL A 62 5.20 2.77 5.48
CA VAL A 62 5.99 1.90 4.61
C VAL A 62 7.20 1.38 5.39
N ASN A 63 7.13 0.10 5.73
CA ASN A 63 8.20 -0.53 6.47
C ASN A 63 8.10 -0.15 7.94
N ASP A 64 8.16 1.16 8.18
CA ASP A 64 8.07 1.68 9.54
C ASP A 64 7.83 3.19 9.48
N LYS A 65 8.56 3.85 8.59
CA LYS A 65 8.43 5.28 8.44
C LYS A 65 7.10 5.61 7.76
N SER A 66 6.49 6.68 8.22
CA SER A 66 5.21 7.11 7.67
C SER A 66 5.44 8.11 6.54
N LEU A 67 4.67 7.95 5.48
CA LEU A 67 4.78 8.83 4.33
C LEU A 67 3.82 10.01 4.50
N ALA A 68 3.88 10.61 5.68
CA ALA A 68 3.02 11.75 6.00
C ALA A 68 2.94 12.66 4.77
N ARG A 69 4.03 13.36 4.51
CA ARG A 69 4.09 14.27 3.38
C ARG A 69 5.49 14.26 2.76
N VAL A 70 5.71 13.24 1.93
CA VAL A 70 7.00 13.09 1.27
C VAL A 70 6.78 12.96 -0.24
N THR A 71 7.77 13.41 -1.00
CA THR A 71 7.70 13.36 -2.44
C THR A 71 7.65 11.90 -2.92
N HIS A 72 7.16 11.72 -4.14
CA HIS A 72 7.06 10.39 -4.72
C HIS A 72 8.43 9.72 -4.70
N ALA A 73 9.46 10.55 -4.84
CA ALA A 73 10.82 10.04 -4.85
C ALA A 73 11.18 9.52 -3.46
N GLU A 74 10.59 10.16 -2.45
CA GLU A 74 10.84 9.77 -1.07
C GLU A 74 10.16 8.44 -0.77
N ALA A 75 8.84 8.44 -0.90
CA ALA A 75 8.07 7.23 -0.64
C ALA A 75 8.73 6.04 -1.34
N VAL A 76 9.11 6.28 -2.59
CA VAL A 76 9.77 5.24 -3.38
C VAL A 76 11.09 4.84 -2.71
N LYS A 77 11.92 5.86 -2.48
CA LYS A 77 13.22 5.63 -1.86
C LYS A 77 13.00 5.02 -0.48
N ALA A 78 11.79 5.21 0.05
CA ALA A 78 11.46 4.69 1.35
C ALA A 78 10.96 3.25 1.22
N LEU A 79 10.13 3.04 0.20
CA LEU A 79 9.58 1.72 -0.06
C LEU A 79 10.68 0.66 0.10
N LYS A 80 11.50 0.55 -0.94
CA LYS A 80 12.59 -0.40 -0.93
C LYS A 80 13.64 0.05 0.08
N GLY A 81 14.77 -0.64 0.05
CA GLY A 81 15.87 -0.33 0.96
C GLY A 81 16.02 -1.43 2.02
N SER A 82 15.07 -1.47 2.93
CA SER A 82 15.09 -2.46 4.00
C SER A 82 14.73 -3.84 3.44
N LYS A 83 14.70 -4.81 4.34
CA LYS A 83 14.38 -6.17 3.95
C LYS A 83 12.87 -6.32 3.81
N LYS A 84 12.26 -6.87 4.85
CA LYS A 84 10.81 -7.07 4.85
C LYS A 84 10.11 -5.71 4.79
N LEU A 85 9.47 -5.47 3.66
CA LEU A 85 8.75 -4.21 3.46
C LEU A 85 7.27 -4.42 3.77
N VAL A 86 6.84 -3.85 4.88
CA VAL A 86 5.47 -3.96 5.30
C VAL A 86 4.69 -2.72 4.85
N LEU A 87 3.85 -2.92 3.84
CA LEU A 87 3.06 -1.83 3.30
C LEU A 87 1.84 -1.59 4.20
N SER A 88 1.75 -0.37 4.70
CA SER A 88 0.65 0.00 5.58
C SER A 88 -0.46 0.67 4.78
N VAL A 89 -1.53 -0.08 4.55
CA VAL A 89 -2.66 0.43 3.80
C VAL A 89 -3.89 0.49 4.71
N TYR A 90 -4.80 1.41 4.37
CA TYR A 90 -6.01 1.56 5.14
C TYR A 90 -7.25 1.38 4.27
N SER A 91 -8.02 0.37 4.58
CA SER A 91 -9.23 0.08 3.83
C SER A 91 -10.42 0.79 4.47
N ALA A 92 -11.47 0.95 3.67
CA ALA A 92 -12.68 1.61 4.14
C ALA A 92 -13.90 0.81 3.69
N GLY A 93 -14.04 -0.36 4.28
CA GLY A 93 -15.16 -1.24 3.96
C GLY A 93 -14.70 -2.43 3.11
N ARG A 94 -14.55 -3.56 3.76
CA ARG A 94 -14.13 -4.77 3.08
C ARG A 94 -15.12 -5.14 1.98
N ILE A 95 -14.72 -6.09 1.15
CA ILE A 95 -15.56 -6.54 0.05
C ILE A 95 -15.68 -8.06 0.10
N SER A 96 -16.57 -8.58 -0.72
CA SER A 96 -16.80 -10.02 -0.79
C SER A 96 -16.16 -10.59 -2.05
N GLY A 97 -16.68 -10.13 -3.19
CA GLY A 97 -16.18 -10.59 -4.48
C GLY A 97 -16.33 -12.11 -4.61
N PRO A 98 -16.32 -12.57 -5.89
CA PRO A 98 -16.44 -13.99 -6.17
C PRO A 98 -15.14 -14.74 -5.85
N SER A 99 -15.01 -15.11 -4.59
CA SER A 99 -13.83 -15.82 -4.14
C SER A 99 -13.82 -17.24 -4.72
N SER A 100 -14.86 -17.98 -4.40
CA SER A 100 -14.99 -19.35 -4.89
C SER A 100 -15.86 -19.38 -6.15
N GLY A 101 -15.42 -20.18 -7.10
CA GLY A 101 -16.16 -20.31 -8.36
C GLY A 101 -15.43 -21.26 -9.33
N GLY A 1 -25.43 13.96 11.66
CA GLY A 1 -23.99 13.85 11.87
C GLY A 1 -23.54 12.39 11.77
N SER A 2 -22.40 12.12 12.41
CA SER A 2 -21.85 10.78 12.40
C SER A 2 -20.87 10.61 13.57
N SER A 3 -21.06 9.52 14.31
CA SER A 3 -20.21 9.23 15.45
C SER A 3 -18.88 8.66 14.97
N GLY A 4 -17.81 9.13 15.61
CA GLY A 4 -16.47 8.67 15.26
C GLY A 4 -16.37 7.16 15.35
N SER A 5 -15.38 6.61 14.65
CA SER A 5 -15.16 5.18 14.63
C SER A 5 -13.83 4.85 13.96
N SER A 6 -13.07 3.98 14.60
CA SER A 6 -11.78 3.58 14.06
C SER A 6 -11.98 2.60 12.90
N GLY A 7 -11.11 2.73 11.91
CA GLY A 7 -11.17 1.87 10.74
C GLY A 7 -10.48 0.53 11.01
N GLU A 8 -9.61 0.16 10.09
CA GLU A 8 -8.87 -1.10 10.21
C GLU A 8 -7.72 -1.13 9.22
N VAL A 9 -6.56 -0.66 9.67
CA VAL A 9 -5.38 -0.62 8.83
C VAL A 9 -4.82 -2.04 8.70
N ARG A 10 -4.61 -2.45 7.46
CA ARG A 10 -4.09 -3.78 7.18
C ARG A 10 -2.57 -3.72 7.03
N LEU A 11 -1.96 -4.91 6.99
CA LEU A 11 -0.53 -5.00 6.84
C LEU A 11 -0.20 -5.89 5.64
N VAL A 12 0.19 -5.23 4.55
CA VAL A 12 0.54 -5.94 3.33
C VAL A 12 2.05 -6.13 3.27
N SER A 13 2.45 -7.28 2.72
CA SER A 13 3.86 -7.59 2.60
C SER A 13 4.17 -8.02 1.16
N LEU A 14 5.06 -7.26 0.54
CA LEU A 14 5.46 -7.55 -0.83
C LEU A 14 6.94 -7.94 -0.86
N ARG A 15 7.19 -9.20 -1.16
CA ARG A 15 8.54 -9.71 -1.23
C ARG A 15 9.06 -9.65 -2.66
N ARG A 16 10.35 -9.93 -2.80
CA ARG A 16 10.99 -9.90 -4.11
C ARG A 16 10.80 -8.54 -4.77
N ALA A 17 11.84 -7.72 -4.66
CA ALA A 17 11.80 -6.38 -5.24
C ALA A 17 13.03 -6.20 -6.13
N LYS A 18 13.07 -6.97 -7.20
CA LYS A 18 14.17 -6.91 -8.14
C LYS A 18 13.64 -7.08 -9.56
N ALA A 19 12.84 -8.12 -9.73
CA ALA A 19 12.25 -8.42 -11.03
C ALA A 19 10.85 -8.97 -10.84
N HIS A 20 10.11 -8.35 -9.93
CA HIS A 20 8.75 -8.77 -9.64
C HIS A 20 7.81 -7.57 -9.75
N GLU A 21 8.02 -6.78 -10.80
CA GLU A 21 7.21 -5.61 -11.02
C GLU A 21 7.13 -4.75 -9.76
N GLY A 22 8.25 -4.71 -9.05
CA GLY A 22 8.34 -3.94 -7.81
C GLY A 22 7.11 -4.17 -6.93
N LEU A 23 7.23 -5.15 -6.05
CA LEU A 23 6.14 -5.48 -5.15
C LEU A 23 5.00 -6.12 -5.95
N GLY A 24 4.52 -5.38 -6.93
CA GLY A 24 3.44 -5.86 -7.76
C GLY A 24 2.38 -4.77 -7.97
N PHE A 25 2.54 -3.68 -7.22
CA PHE A 25 1.62 -2.58 -7.31
C PHE A 25 2.35 -1.24 -7.47
N SER A 26 1.77 -0.36 -8.25
CA SER A 26 2.36 0.95 -8.49
C SER A 26 1.72 1.99 -7.57
N ILE A 27 2.55 2.92 -7.11
CA ILE A 27 2.08 3.97 -6.23
C ILE A 27 2.00 5.28 -7.01
N ARG A 28 1.36 6.26 -6.39
CA ARG A 28 1.20 7.56 -7.01
C ARG A 28 0.99 8.64 -5.94
N GLY A 29 0.93 9.88 -6.40
CA GLY A 29 0.75 11.00 -5.50
C GLY A 29 2.09 11.61 -5.09
N GLY A 30 2.14 12.04 -3.85
CA GLY A 30 3.36 12.65 -3.32
C GLY A 30 3.07 14.02 -2.71
N SER A 31 3.97 14.45 -1.82
CA SER A 31 3.82 15.73 -1.18
C SER A 31 3.91 16.86 -2.21
N GLU A 32 4.66 16.58 -3.26
CA GLU A 32 4.82 17.55 -4.33
C GLU A 32 3.46 18.01 -4.87
N HIS A 33 2.59 17.04 -5.04
CA HIS A 33 1.25 17.32 -5.55
C HIS A 33 0.35 17.76 -4.40
N GLY A 34 0.81 17.49 -3.18
CA GLY A 34 0.07 17.86 -2.00
C GLY A 34 -0.73 16.66 -1.46
N VAL A 35 -0.64 15.56 -2.19
CA VAL A 35 -1.33 14.35 -1.79
C VAL A 35 -0.34 13.38 -1.14
N GLY A 36 -0.89 12.40 -0.45
CA GLY A 36 -0.07 11.41 0.23
C GLY A 36 0.40 10.33 -0.75
N ILE A 37 0.12 9.08 -0.39
CA ILE A 37 0.52 7.96 -1.22
C ILE A 37 -0.70 7.06 -1.45
N TYR A 38 -0.78 6.52 -2.66
CA TYR A 38 -1.88 5.63 -3.02
C TYR A 38 -1.51 4.77 -4.22
N VAL A 39 -2.14 3.60 -4.29
CA VAL A 39 -1.90 2.68 -5.39
C VAL A 39 -2.61 3.19 -6.64
N SER A 40 -1.90 3.12 -7.76
CA SER A 40 -2.44 3.56 -9.03
C SER A 40 -2.69 2.36 -9.95
N LEU A 41 -2.01 1.27 -9.62
CA LEU A 41 -2.15 0.05 -10.41
C LEU A 41 -1.84 -1.16 -9.52
N VAL A 42 -2.51 -2.26 -9.83
CA VAL A 42 -2.33 -3.48 -9.07
C VAL A 42 -2.22 -4.67 -10.03
N GLU A 43 -1.06 -5.32 -10.00
CA GLU A 43 -0.82 -6.46 -10.86
C GLU A 43 -1.73 -7.63 -10.47
N PRO A 44 -2.29 -8.29 -11.50
CA PRO A 44 -3.17 -9.42 -11.28
C PRO A 44 -2.38 -10.67 -10.87
N GLY A 45 -3.11 -11.66 -10.38
CA GLY A 45 -2.49 -12.90 -9.96
C GLY A 45 -1.14 -12.64 -9.28
N SER A 46 -1.05 -11.48 -8.65
CA SER A 46 0.18 -11.10 -7.96
C SER A 46 0.00 -11.24 -6.45
N LEU A 47 1.08 -10.95 -5.73
CA LEU A 47 1.04 -11.05 -4.27
C LEU A 47 0.18 -9.91 -3.71
N ALA A 48 0.54 -8.70 -4.10
CA ALA A 48 -0.19 -7.52 -3.65
C ALA A 48 -1.69 -7.80 -3.73
N GLU A 49 -2.16 -8.04 -4.94
CA GLU A 49 -3.57 -8.32 -5.16
C GLU A 49 -4.03 -9.47 -4.26
N LYS A 50 -3.07 -10.32 -3.90
CA LYS A 50 -3.37 -11.46 -3.05
C LYS A 50 -3.50 -10.98 -1.60
N GLU A 51 -2.71 -9.96 -1.27
CA GLU A 51 -2.75 -9.40 0.07
C GLU A 51 -4.01 -8.57 0.27
N GLY A 52 -4.65 -8.24 -0.83
CA GLY A 52 -5.87 -7.46 -0.79
C GLY A 52 -5.67 -6.09 -1.47
N LEU A 53 -4.41 -5.73 -1.63
CA LEU A 53 -4.07 -4.47 -2.26
C LEU A 53 -5.00 -4.24 -3.45
N ARG A 54 -5.17 -2.97 -3.80
CA ARG A 54 -6.02 -2.60 -4.91
C ARG A 54 -5.98 -1.08 -5.13
N VAL A 55 -5.97 -0.70 -6.40
CA VAL A 55 -5.94 0.71 -6.77
C VAL A 55 -6.97 1.47 -5.92
N GLY A 56 -6.45 2.32 -5.04
CA GLY A 56 -7.29 3.11 -4.18
C GLY A 56 -6.75 3.13 -2.74
N ASP A 57 -6.05 2.07 -2.39
CA ASP A 57 -5.47 1.96 -1.07
C ASP A 57 -4.69 3.24 -0.74
N GLN A 58 -4.24 3.32 0.50
CA GLN A 58 -3.49 4.47 0.95
C GLN A 58 -2.30 4.04 1.81
N ILE A 59 -1.11 4.26 1.27
CA ILE A 59 0.10 3.90 1.97
C ILE A 59 0.37 4.91 3.09
N LEU A 60 -0.01 4.54 4.30
CA LEU A 60 0.19 5.40 5.44
C LEU A 60 1.63 5.29 5.92
N ARG A 61 2.10 4.05 6.00
CA ARG A 61 3.46 3.79 6.44
C ARG A 61 4.14 2.80 5.49
N VAL A 62 5.46 2.72 5.63
CA VAL A 62 6.24 1.82 4.80
C VAL A 62 7.39 1.24 5.62
N ASN A 63 7.35 -0.08 5.77
CA ASN A 63 8.38 -0.78 6.53
C ASN A 63 8.21 -0.46 8.02
N ASP A 64 8.31 0.83 8.34
CA ASP A 64 8.18 1.27 9.71
C ASP A 64 7.91 2.78 9.72
N LYS A 65 8.70 3.49 8.93
CA LYS A 65 8.57 4.94 8.85
C LYS A 65 7.26 5.28 8.16
N SER A 66 6.78 6.50 8.43
CA SER A 66 5.54 6.96 7.85
C SER A 66 5.83 7.92 6.69
N LEU A 67 4.93 7.91 5.71
CA LEU A 67 5.08 8.76 4.55
C LEU A 67 4.31 10.06 4.77
N ALA A 68 4.45 10.60 5.98
CA ALA A 68 3.77 11.84 6.33
C ALA A 68 4.12 12.91 5.31
N ARG A 69 3.23 13.08 4.34
CA ARG A 69 3.43 14.06 3.30
C ARG A 69 4.89 14.05 2.82
N VAL A 70 5.15 13.17 1.86
CA VAL A 70 6.49 13.05 1.31
C VAL A 70 6.40 12.90 -0.21
N THR A 71 7.28 13.62 -0.89
CA THR A 71 7.31 13.58 -2.34
C THR A 71 7.28 12.14 -2.84
N HIS A 72 6.82 11.98 -4.07
CA HIS A 72 6.75 10.65 -4.67
C HIS A 72 8.12 9.99 -4.65
N ALA A 73 9.14 10.82 -4.74
CA ALA A 73 10.51 10.34 -4.73
C ALA A 73 10.86 9.83 -3.33
N GLU A 74 10.27 10.48 -2.34
CA GLU A 74 10.51 10.12 -0.95
C GLU A 74 9.92 8.73 -0.67
N ALA A 75 8.61 8.63 -0.81
CA ALA A 75 7.92 7.38 -0.57
C ALA A 75 8.68 6.24 -1.24
N VAL A 76 9.09 6.49 -2.49
CA VAL A 76 9.83 5.50 -3.25
C VAL A 76 11.10 5.12 -2.48
N LYS A 77 11.85 6.14 -2.13
CA LYS A 77 13.09 5.93 -1.40
C LYS A 77 12.80 5.12 -0.13
N ALA A 78 11.54 5.15 0.28
CA ALA A 78 11.13 4.42 1.46
C ALA A 78 10.78 2.99 1.07
N LEU A 79 9.97 2.87 0.03
CA LEU A 79 9.55 1.56 -0.45
C LEU A 79 10.78 0.74 -0.84
N LYS A 80 11.45 1.19 -1.89
CA LYS A 80 12.65 0.51 -2.36
C LYS A 80 12.37 -0.99 -2.45
N GLY A 81 13.44 -1.75 -2.51
CA GLY A 81 13.34 -3.21 -2.59
C GLY A 81 13.91 -3.87 -1.33
N SER A 82 13.46 -3.38 -0.18
CA SER A 82 13.91 -3.91 1.09
C SER A 82 13.35 -5.32 1.28
N LYS A 83 14.02 -6.07 2.14
CA LYS A 83 13.60 -7.43 2.43
C LYS A 83 12.55 -7.42 3.55
N LYS A 84 11.49 -8.17 3.31
CA LYS A 84 10.40 -8.25 4.28
C LYS A 84 9.84 -6.85 4.53
N LEU A 85 9.31 -6.26 3.48
CA LEU A 85 8.74 -4.92 3.57
C LEU A 85 7.29 -5.03 4.03
N VAL A 86 6.94 -4.13 4.95
CA VAL A 86 5.58 -4.11 5.48
C VAL A 86 4.86 -2.87 4.97
N LEU A 87 3.95 -3.10 4.03
CA LEU A 87 3.18 -2.01 3.45
C LEU A 87 1.98 -1.70 4.35
N SER A 88 1.96 -0.46 4.84
CA SER A 88 0.89 -0.02 5.70
C SER A 88 -0.22 0.65 4.87
N VAL A 89 -1.35 -0.03 4.79
CA VAL A 89 -2.48 0.50 4.04
C VAL A 89 -3.72 0.52 4.94
N TYR A 90 -4.55 1.52 4.72
CA TYR A 90 -5.77 1.67 5.50
C TYR A 90 -6.98 1.11 4.74
N SER A 91 -7.64 0.15 5.37
CA SER A 91 -8.81 -0.47 4.77
C SER A 91 -10.09 0.14 5.36
N ALA A 92 -11.16 0.04 4.58
CA ALA A 92 -12.44 0.58 5.01
C ALA A 92 -13.48 -0.55 5.05
N GLY A 93 -13.96 -0.83 6.25
CA GLY A 93 -14.94 -1.88 6.44
C GLY A 93 -14.27 -3.26 6.54
N ARG A 94 -14.63 -4.12 5.61
CA ARG A 94 -14.07 -5.47 5.59
C ARG A 94 -13.76 -5.88 4.15
N ILE A 95 -13.04 -6.99 4.04
CA ILE A 95 -12.65 -7.50 2.73
C ILE A 95 -13.14 -8.96 2.60
N SER A 96 -13.25 -9.40 1.36
CA SER A 96 -13.70 -10.75 1.08
C SER A 96 -12.51 -11.70 1.06
N GLY A 97 -12.80 -12.98 1.21
CA GLY A 97 -11.76 -14.00 1.21
C GLY A 97 -11.68 -14.71 -0.15
N PRO A 98 -10.43 -15.05 -0.55
CA PRO A 98 -10.22 -15.73 -1.82
C PRO A 98 -10.62 -17.19 -1.73
N SER A 99 -10.53 -17.87 -2.86
CA SER A 99 -10.88 -19.27 -2.93
C SER A 99 -9.75 -20.06 -3.60
N SER A 100 -9.69 -21.34 -3.26
CA SER A 100 -8.68 -22.23 -3.82
C SER A 100 -7.29 -21.76 -3.37
N GLY A 101 -6.40 -22.73 -3.23
CA GLY A 101 -5.03 -22.44 -2.80
C GLY A 101 -4.29 -23.73 -2.43
N GLY A 1 -14.74 -5.58 25.68
CA GLY A 1 -14.40 -4.49 24.78
C GLY A 1 -13.22 -3.68 25.33
N SER A 2 -12.32 -3.33 24.42
CA SER A 2 -11.14 -2.56 24.79
C SER A 2 -11.29 -1.12 24.30
N SER A 3 -11.43 -0.99 22.98
CA SER A 3 -11.59 0.33 22.38
C SER A 3 -11.73 0.19 20.86
N GLY A 4 -12.42 1.14 20.27
CA GLY A 4 -12.65 1.14 18.83
C GLY A 4 -12.83 2.57 18.31
N SER A 5 -11.97 2.94 17.37
CA SER A 5 -12.03 4.26 16.77
C SER A 5 -11.53 4.21 15.33
N SER A 6 -10.27 3.80 15.19
CA SER A 6 -9.66 3.71 13.87
C SER A 6 -10.43 2.72 13.01
N GLY A 7 -10.23 2.85 11.71
CA GLY A 7 -10.90 1.98 10.76
C GLY A 7 -10.34 0.55 10.83
N GLU A 8 -9.81 0.11 9.70
CA GLU A 8 -9.23 -1.23 9.62
C GLU A 8 -8.00 -1.23 8.72
N VAL A 9 -6.89 -0.79 9.28
CA VAL A 9 -5.64 -0.72 8.55
C VAL A 9 -5.08 -2.13 8.39
N ARG A 10 -4.81 -2.51 7.15
CA ARG A 10 -4.27 -3.82 6.86
C ARG A 10 -2.74 -3.76 6.75
N LEU A 11 -2.12 -4.92 6.82
CA LEU A 11 -0.67 -5.00 6.72
C LEU A 11 -0.30 -5.88 5.52
N VAL A 12 0.22 -5.24 4.49
CA VAL A 12 0.62 -5.95 3.30
C VAL A 12 2.14 -6.10 3.28
N SER A 13 2.59 -7.26 2.82
CA SER A 13 4.01 -7.55 2.76
C SER A 13 4.38 -8.01 1.34
N LEU A 14 5.16 -7.18 0.67
CA LEU A 14 5.59 -7.49 -0.68
C LEU A 14 7.09 -7.81 -0.67
N ARG A 15 7.40 -9.00 -1.16
CA ARG A 15 8.79 -9.43 -1.22
C ARG A 15 9.27 -9.50 -2.66
N ARG A 16 10.57 -9.73 -2.81
CA ARG A 16 11.17 -9.82 -4.14
C ARG A 16 11.10 -8.46 -4.84
N ALA A 17 12.27 -8.01 -5.27
CA ALA A 17 12.37 -6.73 -5.96
C ALA A 17 12.78 -6.98 -7.41
N LYS A 18 13.12 -5.89 -8.09
CA LYS A 18 13.52 -5.97 -9.48
C LYS A 18 13.99 -4.59 -9.95
N ALA A 19 13.00 -3.73 -10.22
CA ALA A 19 13.29 -2.39 -10.68
C ALA A 19 12.04 -1.80 -11.33
N HIS A 20 11.22 -2.67 -11.89
CA HIS A 20 9.99 -2.26 -12.54
C HIS A 20 8.87 -2.18 -11.50
N GLU A 21 8.56 -0.95 -11.11
CA GLU A 21 7.51 -0.72 -10.13
C GLU A 21 7.94 -1.24 -8.76
N GLY A 22 8.05 -2.55 -8.66
CA GLY A 22 8.45 -3.19 -7.42
C GLY A 22 7.24 -3.50 -6.55
N LEU A 23 7.38 -4.55 -5.76
CA LEU A 23 6.30 -4.97 -4.88
C LEU A 23 5.20 -5.64 -5.69
N GLY A 24 4.75 -4.93 -6.71
CA GLY A 24 3.71 -5.45 -7.58
C GLY A 24 2.57 -4.44 -7.73
N PHE A 25 2.70 -3.34 -7.01
CA PHE A 25 1.69 -2.29 -7.06
C PHE A 25 2.34 -0.92 -7.27
N SER A 26 1.72 -0.13 -8.12
CA SER A 26 2.22 1.21 -8.41
C SER A 26 1.59 2.23 -7.46
N ILE A 27 2.38 3.20 -7.07
CA ILE A 27 1.92 4.25 -6.17
C ILE A 27 1.77 5.56 -6.95
N ARG A 28 1.07 6.50 -6.33
CA ARG A 28 0.85 7.79 -6.94
C ARG A 28 0.78 8.88 -5.87
N GLY A 29 0.65 10.11 -6.34
CA GLY A 29 0.56 11.25 -5.44
C GLY A 29 1.96 11.82 -5.14
N GLY A 30 2.11 12.32 -3.92
CA GLY A 30 3.37 12.89 -3.50
C GLY A 30 3.18 14.29 -2.91
N SER A 31 4.12 14.67 -2.05
CA SER A 31 4.05 15.97 -1.40
C SER A 31 4.11 17.08 -2.45
N GLU A 32 4.85 16.81 -3.51
CA GLU A 32 4.99 17.77 -4.59
C GLU A 32 3.63 18.07 -5.23
N HIS A 33 2.74 17.09 -5.11
CA HIS A 33 1.41 17.24 -5.66
C HIS A 33 0.46 17.78 -4.58
N GLY A 34 0.86 17.58 -3.35
CA GLY A 34 0.06 18.05 -2.22
C GLY A 34 -0.67 16.88 -1.55
N VAL A 35 -0.49 15.70 -2.13
CA VAL A 35 -1.13 14.51 -1.61
C VAL A 35 -0.06 13.57 -1.05
N GLY A 36 -0.52 12.55 -0.33
CA GLY A 36 0.38 11.58 0.26
C GLY A 36 0.77 10.50 -0.77
N ILE A 37 0.47 9.26 -0.39
CA ILE A 37 0.78 8.13 -1.26
C ILE A 37 -0.45 7.22 -1.36
N TYR A 38 -0.60 6.61 -2.53
CA TYR A 38 -1.72 5.72 -2.76
C TYR A 38 -1.46 4.80 -3.97
N VAL A 39 -2.13 3.66 -3.96
CA VAL A 39 -1.98 2.71 -5.04
C VAL A 39 -2.86 3.13 -6.22
N SER A 40 -2.26 3.12 -7.40
CA SER A 40 -2.98 3.50 -8.60
C SER A 40 -3.05 2.30 -9.57
N LEU A 41 -2.24 1.30 -9.26
CA LEU A 41 -2.20 0.10 -10.08
C LEU A 41 -1.75 -1.09 -9.23
N VAL A 42 -2.36 -2.23 -9.49
CA VAL A 42 -2.03 -3.45 -8.77
C VAL A 42 -1.94 -4.62 -9.74
N GLU A 43 -0.80 -5.30 -9.68
CA GLU A 43 -0.58 -6.44 -10.56
C GLU A 43 -1.52 -7.59 -10.19
N PRO A 44 -2.08 -8.23 -11.25
CA PRO A 44 -3.00 -9.34 -11.06
C PRO A 44 -2.26 -10.60 -10.63
N GLY A 45 -3.02 -11.55 -10.11
CA GLY A 45 -2.44 -12.82 -9.68
C GLY A 45 -1.08 -12.59 -9.02
N SER A 46 -0.93 -11.42 -8.40
CA SER A 46 0.32 -11.08 -7.74
C SER A 46 0.15 -11.20 -6.22
N LEU A 47 1.25 -11.01 -5.52
CA LEU A 47 1.25 -11.10 -4.08
C LEU A 47 0.44 -9.93 -3.50
N ALA A 48 0.78 -8.74 -3.97
CA ALA A 48 0.11 -7.53 -3.51
C ALA A 48 -1.40 -7.77 -3.52
N GLU A 49 -1.93 -7.96 -4.72
CA GLU A 49 -3.36 -8.19 -4.89
C GLU A 49 -3.81 -9.33 -3.97
N LYS A 50 -2.99 -10.37 -3.91
CA LYS A 50 -3.29 -11.52 -3.07
C LYS A 50 -3.35 -11.07 -1.61
N GLU A 51 -2.52 -10.10 -1.28
CA GLU A 51 -2.46 -9.58 0.07
C GLU A 51 -3.71 -8.75 0.38
N GLY A 52 -4.41 -8.39 -0.68
CA GLY A 52 -5.62 -7.58 -0.55
C GLY A 52 -5.42 -6.18 -1.12
N LEU A 53 -4.16 -5.85 -1.38
CA LEU A 53 -3.83 -4.55 -1.92
C LEU A 53 -4.71 -4.28 -3.15
N ARG A 54 -4.71 -3.02 -3.57
CA ARG A 54 -5.50 -2.62 -4.72
C ARG A 54 -5.58 -1.09 -4.79
N VAL A 55 -5.38 -0.58 -6.00
CA VAL A 55 -5.44 0.86 -6.22
C VAL A 55 -6.58 1.46 -5.39
N GLY A 56 -6.35 2.67 -4.92
CA GLY A 56 -7.36 3.35 -4.11
C GLY A 56 -6.92 3.42 -2.65
N ASP A 57 -6.18 2.40 -2.24
CA ASP A 57 -5.70 2.33 -0.86
C ASP A 57 -4.80 3.53 -0.58
N GLN A 58 -4.31 3.58 0.65
CA GLN A 58 -3.44 4.67 1.06
C GLN A 58 -2.25 4.13 1.85
N ILE A 59 -1.08 4.17 1.23
CA ILE A 59 0.14 3.69 1.85
C ILE A 59 0.50 4.61 3.02
N LEU A 60 -0.17 4.40 4.14
CA LEU A 60 0.06 5.21 5.33
C LEU A 60 1.55 5.11 5.71
N ARG A 61 1.96 3.88 6.00
CA ARG A 61 3.35 3.64 6.38
C ARG A 61 3.97 2.58 5.47
N VAL A 62 5.29 2.53 5.47
CA VAL A 62 6.02 1.58 4.66
C VAL A 62 7.26 1.09 5.43
N ASN A 63 7.25 -0.19 5.76
CA ASN A 63 8.35 -0.78 6.48
C ASN A 63 8.20 -0.48 7.98
N ASP A 64 8.14 0.80 8.28
CA ASP A 64 8.00 1.23 9.66
C ASP A 64 7.76 2.75 9.70
N LYS A 65 8.52 3.45 8.86
CA LYS A 65 8.40 4.89 8.79
C LYS A 65 7.08 5.26 8.09
N SER A 66 6.69 6.51 8.25
CA SER A 66 5.47 7.00 7.65
C SER A 66 5.79 7.91 6.46
N LEU A 67 5.00 7.77 5.41
CA LEU A 67 5.19 8.56 4.21
C LEU A 67 4.23 9.75 4.23
N ALA A 68 4.14 10.37 5.40
CA ALA A 68 3.26 11.52 5.57
C ALA A 68 3.79 12.70 4.74
N ARG A 69 3.00 13.10 3.77
CA ARG A 69 3.38 14.20 2.90
C ARG A 69 4.87 14.11 2.55
N VAL A 70 5.14 13.34 1.51
CA VAL A 70 6.51 13.16 1.05
C VAL A 70 6.54 13.05 -0.47
N THR A 71 7.60 13.58 -1.06
CA THR A 71 7.75 13.54 -2.50
C THR A 71 7.71 12.10 -3.01
N HIS A 72 7.18 11.95 -4.22
CA HIS A 72 7.07 10.63 -4.82
C HIS A 72 8.41 9.91 -4.71
N ALA A 73 9.48 10.70 -4.69
CA ALA A 73 10.82 10.15 -4.59
C ALA A 73 11.03 9.59 -3.19
N GLU A 74 10.52 10.32 -2.21
CA GLU A 74 10.65 9.90 -0.82
C GLU A 74 10.01 8.52 -0.62
N ALA A 75 8.72 8.46 -0.92
CA ALA A 75 7.98 7.21 -0.78
C ALA A 75 8.75 6.08 -1.46
N VAL A 76 9.13 6.33 -2.71
CA VAL A 76 9.87 5.36 -3.49
C VAL A 76 11.14 4.96 -2.72
N LYS A 77 11.90 5.98 -2.35
CA LYS A 77 13.14 5.75 -1.62
C LYS A 77 12.85 4.88 -0.39
N ALA A 78 11.59 4.88 0.01
CA ALA A 78 11.17 4.09 1.16
C ALA A 78 10.63 2.75 0.68
N LEU A 79 9.99 2.77 -0.47
CA LEU A 79 9.43 1.56 -1.04
C LEU A 79 10.50 0.86 -1.87
N LYS A 80 11.67 0.72 -1.27
CA LYS A 80 12.79 0.06 -1.94
C LYS A 80 12.63 -1.45 -1.81
N GLY A 81 13.00 -1.95 -0.63
CA GLY A 81 12.91 -3.37 -0.36
C GLY A 81 13.66 -3.74 0.91
N SER A 82 13.59 -5.01 1.27
CA SER A 82 14.26 -5.50 2.46
C SER A 82 13.77 -6.91 2.79
N LYS A 83 14.29 -7.44 3.89
CA LYS A 83 13.91 -8.77 4.33
C LYS A 83 12.41 -8.96 4.14
N LYS A 84 11.66 -7.93 4.51
CA LYS A 84 10.21 -7.98 4.38
C LYS A 84 9.66 -6.55 4.50
N LEU A 85 9.20 -6.04 3.37
CA LEU A 85 8.65 -4.69 3.33
C LEU A 85 7.20 -4.73 3.83
N VAL A 86 6.97 -4.01 4.92
CA VAL A 86 5.64 -3.95 5.51
C VAL A 86 4.90 -2.73 4.96
N LEU A 87 3.94 -3.00 4.08
CA LEU A 87 3.16 -1.93 3.48
C LEU A 87 1.92 -1.68 4.34
N SER A 88 1.82 -0.45 4.84
CA SER A 88 0.69 -0.07 5.67
C SER A 88 -0.35 0.66 4.83
N VAL A 89 -1.48 -0.01 4.64
CA VAL A 89 -2.57 0.56 3.86
C VAL A 89 -3.84 0.55 4.69
N TYR A 90 -4.62 1.61 4.54
CA TYR A 90 -5.87 1.74 5.27
C TYR A 90 -7.06 1.36 4.40
N SER A 91 -8.10 0.86 5.04
CA SER A 91 -9.30 0.44 4.33
C SER A 91 -10.43 1.45 4.58
N ALA A 92 -11.29 1.58 3.60
CA ALA A 92 -12.41 2.50 3.69
C ALA A 92 -13.45 2.15 2.62
N GLY A 93 -14.07 1.01 2.80
CA GLY A 93 -15.08 0.55 1.86
C GLY A 93 -16.41 0.26 2.57
N ARG A 94 -17.50 0.50 1.85
CA ARG A 94 -18.82 0.28 2.40
C ARG A 94 -19.32 -1.12 2.02
N ILE A 95 -20.02 -1.75 2.95
CA ILE A 95 -20.54 -3.08 2.72
C ILE A 95 -21.75 -2.98 1.78
N SER A 96 -21.66 -3.72 0.69
CA SER A 96 -22.73 -3.73 -0.30
C SER A 96 -22.86 -5.13 -0.91
N GLY A 97 -21.76 -5.59 -1.50
CA GLY A 97 -21.74 -6.90 -2.13
C GLY A 97 -20.52 -7.05 -3.04
N PRO A 98 -20.07 -8.32 -3.20
CA PRO A 98 -18.91 -8.61 -4.02
C PRO A 98 -19.28 -8.52 -5.51
N SER A 99 -18.25 -8.62 -6.34
CA SER A 99 -18.45 -8.56 -7.78
C SER A 99 -17.96 -9.85 -8.44
N SER A 100 -16.67 -10.11 -8.26
CA SER A 100 -16.07 -11.31 -8.82
C SER A 100 -16.17 -11.28 -10.34
N GLY A 101 -15.03 -11.46 -10.99
CA GLY A 101 -14.98 -11.45 -12.44
C GLY A 101 -15.13 -10.03 -12.99
N GLY A 1 -20.88 1.05 27.49
CA GLY A 1 -20.12 2.17 26.95
C GLY A 1 -19.76 1.93 25.49
N SER A 2 -20.49 2.58 24.61
CA SER A 2 -20.26 2.44 23.19
C SER A 2 -19.66 3.74 22.62
N SER A 3 -18.46 3.61 22.08
CA SER A 3 -17.77 4.76 21.51
C SER A 3 -16.48 4.30 20.83
N GLY A 4 -16.53 4.24 19.51
CA GLY A 4 -15.38 3.83 18.73
C GLY A 4 -15.80 2.98 17.53
N SER A 5 -15.30 3.37 16.36
CA SER A 5 -15.62 2.65 15.14
C SER A 5 -15.00 3.36 13.94
N SER A 6 -14.96 2.65 12.82
CA SER A 6 -14.40 3.21 11.60
C SER A 6 -12.87 3.27 11.71
N GLY A 7 -12.21 2.87 10.64
CA GLY A 7 -10.76 2.87 10.60
C GLY A 7 -10.21 1.46 10.67
N GLU A 8 -9.86 0.92 9.50
CA GLU A 8 -9.32 -0.43 9.42
C GLU A 8 -8.10 -0.45 8.49
N VAL A 9 -6.97 -0.82 9.08
CA VAL A 9 -5.73 -0.89 8.31
C VAL A 9 -5.25 -2.34 8.27
N ARG A 10 -4.37 -2.60 7.32
CA ARG A 10 -3.81 -3.93 7.15
C ARG A 10 -2.34 -3.87 6.80
N LEU A 11 -1.59 -4.84 7.29
CA LEU A 11 -0.16 -4.89 7.04
C LEU A 11 0.11 -5.85 5.87
N VAL A 12 0.36 -5.27 4.71
CA VAL A 12 0.62 -6.06 3.52
C VAL A 12 2.13 -6.24 3.37
N SER A 13 2.51 -7.38 2.81
CA SER A 13 3.91 -7.68 2.59
C SER A 13 4.15 -8.10 1.14
N LEU A 14 5.08 -7.42 0.50
CA LEU A 14 5.41 -7.71 -0.88
C LEU A 14 6.87 -8.17 -0.97
N ARG A 15 7.20 -8.72 -2.14
CA ARG A 15 8.55 -9.21 -2.36
C ARG A 15 9.52 -8.04 -2.54
N ARG A 16 10.79 -8.33 -2.31
CA ARG A 16 11.83 -7.31 -2.44
C ARG A 16 11.72 -6.61 -3.79
N ALA A 17 12.58 -5.63 -3.99
CA ALA A 17 12.59 -4.88 -5.24
C ALA A 17 14.02 -4.80 -5.76
N LYS A 18 14.15 -4.89 -7.08
CA LYS A 18 15.45 -4.82 -7.72
C LYS A 18 15.27 -4.67 -9.22
N ALA A 19 14.45 -3.70 -9.59
CA ALA A 19 14.18 -3.44 -11.00
C ALA A 19 13.79 -4.75 -11.69
N HIS A 20 13.00 -5.54 -10.99
CA HIS A 20 12.56 -6.82 -11.52
C HIS A 20 11.04 -6.87 -11.56
N GLU A 21 10.44 -6.48 -10.44
CA GLU A 21 8.98 -6.47 -10.33
C GLU A 21 8.52 -5.17 -9.67
N GLY A 22 8.96 -4.99 -8.44
CA GLY A 22 8.58 -3.81 -7.68
C GLY A 22 7.33 -4.06 -6.84
N LEU A 23 7.42 -5.05 -5.98
CA LEU A 23 6.31 -5.41 -5.11
C LEU A 23 5.19 -6.00 -5.95
N GLY A 24 4.68 -5.19 -6.87
CA GLY A 24 3.61 -5.61 -7.75
C GLY A 24 2.53 -4.54 -7.87
N PHE A 25 2.66 -3.52 -7.03
CA PHE A 25 1.71 -2.43 -7.03
C PHE A 25 2.42 -1.08 -7.12
N SER A 26 1.92 -0.23 -8.01
CA SER A 26 2.51 1.09 -8.20
C SER A 26 1.83 2.10 -7.27
N ILE A 27 2.65 2.99 -6.73
CA ILE A 27 2.15 4.01 -5.83
C ILE A 27 2.18 5.37 -6.53
N ARG A 28 1.39 6.29 -5.99
CA ARG A 28 1.32 7.63 -6.56
C ARG A 28 1.11 8.66 -5.45
N GLY A 29 1.13 9.92 -5.85
CA GLY A 29 0.94 11.02 -4.90
C GLY A 29 2.26 11.74 -4.63
N GLY A 30 2.35 12.32 -3.44
CA GLY A 30 3.55 13.03 -3.05
C GLY A 30 3.19 14.37 -2.40
N SER A 31 3.96 14.72 -1.37
CA SER A 31 3.73 15.96 -0.65
C SER A 31 3.85 17.15 -1.61
N GLU A 32 4.59 16.93 -2.69
CA GLU A 32 4.79 17.96 -3.69
C GLU A 32 3.44 18.44 -4.23
N HIS A 33 2.51 17.49 -4.36
CA HIS A 33 1.19 17.81 -4.86
C HIS A 33 0.28 18.17 -3.69
N GLY A 34 0.68 17.76 -2.50
CA GLY A 34 -0.08 18.04 -1.30
C GLY A 34 -0.81 16.78 -0.81
N VAL A 35 -0.66 15.71 -1.58
CA VAL A 35 -1.29 14.46 -1.24
C VAL A 35 -0.23 13.47 -0.76
N GLY A 36 -0.66 12.56 0.10
CA GLY A 36 0.25 11.56 0.64
C GLY A 36 0.64 10.55 -0.42
N ILE A 37 0.37 9.28 -0.13
CA ILE A 37 0.69 8.21 -1.06
C ILE A 37 -0.51 7.28 -1.20
N TYR A 38 -0.64 6.70 -2.38
CA TYR A 38 -1.74 5.79 -2.66
C TYR A 38 -1.40 4.86 -3.82
N VAL A 39 -2.19 3.79 -3.93
CA VAL A 39 -1.98 2.83 -4.99
C VAL A 39 -2.53 3.38 -6.31
N SER A 40 -1.78 3.13 -7.37
CA SER A 40 -2.18 3.60 -8.69
C SER A 40 -2.45 2.42 -9.62
N LEU A 41 -1.66 1.37 -9.43
CA LEU A 41 -1.80 0.17 -10.23
C LEU A 41 -1.50 -1.06 -9.36
N VAL A 42 -2.22 -2.14 -9.66
CA VAL A 42 -2.04 -3.37 -8.92
C VAL A 42 -2.01 -4.55 -9.91
N GLU A 43 -0.92 -5.30 -9.84
CA GLU A 43 -0.74 -6.45 -10.71
C GLU A 43 -1.76 -7.53 -10.37
N PRO A 44 -2.30 -8.18 -11.43
CA PRO A 44 -3.28 -9.24 -11.25
C PRO A 44 -2.61 -10.53 -10.76
N GLY A 45 -3.42 -11.37 -10.15
CA GLY A 45 -2.93 -12.64 -9.63
C GLY A 45 -1.53 -12.48 -9.02
N SER A 46 -1.28 -11.29 -8.50
CA SER A 46 0.01 -10.99 -7.90
C SER A 46 -0.07 -11.18 -6.38
N LEU A 47 1.03 -10.85 -5.72
CA LEU A 47 1.09 -10.97 -4.28
C LEU A 47 0.26 -9.86 -3.63
N ALA A 48 0.58 -8.64 -4.01
CA ALA A 48 -0.12 -7.48 -3.49
C ALA A 48 -1.63 -7.76 -3.48
N GLU A 49 -2.17 -7.91 -4.68
CA GLU A 49 -3.59 -8.17 -4.82
C GLU A 49 -4.00 -9.34 -3.92
N LYS A 50 -3.12 -10.33 -3.83
CA LYS A 50 -3.38 -11.49 -3.01
C LYS A 50 -3.47 -11.07 -1.55
N GLU A 51 -2.66 -10.07 -1.19
CA GLU A 51 -2.64 -9.57 0.17
C GLU A 51 -3.89 -8.74 0.44
N GLY A 52 -4.46 -8.20 -0.62
CA GLY A 52 -5.65 -7.38 -0.51
C GLY A 52 -5.47 -6.05 -1.24
N LEU A 53 -4.20 -5.66 -1.41
CA LEU A 53 -3.88 -4.42 -2.08
C LEU A 53 -4.78 -4.25 -3.29
N ARG A 54 -4.91 -3.00 -3.72
CA ARG A 54 -5.74 -2.69 -4.88
C ARG A 54 -5.86 -1.18 -5.06
N VAL A 55 -5.67 -0.74 -6.29
CA VAL A 55 -5.74 0.68 -6.60
C VAL A 55 -6.90 1.31 -5.84
N GLY A 56 -6.56 2.27 -5.00
CA GLY A 56 -7.56 2.95 -4.20
C GLY A 56 -7.10 3.08 -2.74
N ASP A 57 -6.45 2.04 -2.26
CA ASP A 57 -5.94 2.03 -0.90
C ASP A 57 -5.07 3.26 -0.66
N GLN A 58 -4.55 3.36 0.55
CA GLN A 58 -3.69 4.47 0.90
C GLN A 58 -2.50 3.99 1.75
N ILE A 59 -1.32 4.15 1.18
CA ILE A 59 -0.11 3.73 1.87
C ILE A 59 0.21 4.72 3.00
N LEU A 60 -0.25 4.36 4.19
CA LEU A 60 -0.03 5.20 5.36
C LEU A 60 1.44 5.15 5.75
N ARG A 61 1.94 3.92 5.90
CA ARG A 61 3.33 3.72 6.26
C ARG A 61 4.04 2.87 5.22
N VAL A 62 5.37 2.88 5.28
CA VAL A 62 6.18 2.12 4.35
C VAL A 62 7.38 1.55 5.07
N ASN A 63 7.38 0.22 5.22
CA ASN A 63 8.47 -0.46 5.90
C ASN A 63 8.44 -0.11 7.39
N ASP A 64 8.65 1.16 7.67
CA ASP A 64 8.63 1.63 9.05
C ASP A 64 8.28 3.12 9.07
N LYS A 65 8.92 3.87 8.19
CA LYS A 65 8.68 5.30 8.09
C LYS A 65 7.27 5.54 7.54
N SER A 66 6.74 6.71 7.88
CA SER A 66 5.41 7.07 7.43
C SER A 66 5.49 8.20 6.39
N LEU A 67 4.81 7.98 5.28
CA LEU A 67 4.81 8.95 4.20
C LEU A 67 3.68 9.97 4.45
N ALA A 68 3.63 10.46 5.68
CA ALA A 68 2.62 11.42 6.05
C ALA A 68 2.57 12.54 5.01
N ARG A 69 3.75 13.12 4.77
CA ARG A 69 3.86 14.21 3.81
C ARG A 69 5.25 14.20 3.17
N VAL A 70 5.45 13.28 2.25
CA VAL A 70 6.73 13.16 1.56
C VAL A 70 6.49 13.06 0.05
N THR A 71 7.49 13.46 -0.71
CA THR A 71 7.40 13.42 -2.15
C THR A 71 7.27 11.98 -2.64
N HIS A 72 6.90 11.84 -3.90
CA HIS A 72 6.74 10.52 -4.50
C HIS A 72 8.08 9.80 -4.51
N ALA A 73 9.15 10.58 -4.59
CA ALA A 73 10.49 10.04 -4.61
C ALA A 73 10.83 9.46 -3.23
N GLU A 74 10.28 10.11 -2.21
CA GLU A 74 10.50 9.66 -0.83
C GLU A 74 9.91 8.27 -0.62
N ALA A 75 8.59 8.20 -0.72
CA ALA A 75 7.89 6.94 -0.53
C ALA A 75 8.62 5.85 -1.29
N VAL A 76 8.90 6.12 -2.56
CA VAL A 76 9.58 5.16 -3.40
C VAL A 76 10.94 4.82 -2.78
N LYS A 77 11.73 5.86 -2.55
CA LYS A 77 13.04 5.70 -1.96
C LYS A 77 12.91 4.98 -0.61
N ALA A 78 11.70 5.07 -0.06
CA ALA A 78 11.43 4.45 1.22
C ALA A 78 10.92 3.02 1.00
N LEU A 79 10.42 2.79 -0.21
CA LEU A 79 9.90 1.48 -0.57
C LEU A 79 11.06 0.50 -0.71
N LYS A 80 12.05 0.91 -1.50
CA LYS A 80 13.22 0.10 -1.72
C LYS A 80 14.07 0.03 -0.44
N GLY A 81 14.97 -0.93 -0.41
CA GLY A 81 15.83 -1.10 0.75
C GLY A 81 15.13 -1.91 1.84
N SER A 82 15.79 -1.96 2.99
CA SER A 82 15.24 -2.70 4.13
C SER A 82 15.11 -4.17 3.78
N LYS A 83 14.75 -4.96 4.79
CA LYS A 83 14.60 -6.39 4.61
C LYS A 83 13.16 -6.69 4.17
N LYS A 84 12.26 -6.67 5.14
CA LYS A 84 10.86 -6.93 4.87
C LYS A 84 10.11 -5.60 4.77
N LEU A 85 9.44 -5.41 3.65
CA LEU A 85 8.68 -4.20 3.42
C LEU A 85 7.22 -4.43 3.80
N VAL A 86 6.82 -3.82 4.89
CA VAL A 86 5.44 -3.95 5.37
C VAL A 86 4.62 -2.76 4.89
N LEU A 87 3.73 -3.04 3.96
CA LEU A 87 2.87 -2.01 3.40
C LEU A 87 1.64 -1.82 4.30
N SER A 88 1.50 -0.61 4.82
CA SER A 88 0.38 -0.30 5.69
C SER A 88 -0.69 0.48 4.92
N VAL A 89 -1.71 -0.24 4.50
CA VAL A 89 -2.80 0.37 3.75
C VAL A 89 -4.05 0.41 4.64
N TYR A 90 -4.88 1.41 4.37
CA TYR A 90 -6.11 1.59 5.12
C TYR A 90 -7.33 1.18 4.29
N SER A 91 -8.02 0.16 4.77
CA SER A 91 -9.21 -0.32 4.09
C SER A 91 -10.40 -0.35 5.04
N ALA A 92 -11.47 0.33 4.62
CA ALA A 92 -12.66 0.41 5.43
C ALA A 92 -13.70 -0.58 4.88
N GLY A 93 -14.74 -0.80 5.67
CA GLY A 93 -15.81 -1.71 5.28
C GLY A 93 -15.24 -3.10 4.98
N ARG A 94 -15.21 -3.42 3.69
CA ARG A 94 -14.70 -4.71 3.26
C ARG A 94 -14.71 -4.79 1.73
N ILE A 95 -14.01 -5.79 1.21
CA ILE A 95 -13.92 -5.99 -0.23
C ILE A 95 -14.68 -7.26 -0.60
N SER A 96 -15.00 -7.37 -1.88
CA SER A 96 -15.72 -8.52 -2.38
C SER A 96 -15.08 -9.03 -3.68
N GLY A 97 -15.43 -10.24 -4.05
CA GLY A 97 -14.89 -10.85 -5.25
C GLY A 97 -15.43 -12.28 -5.43
N PRO A 98 -16.20 -12.47 -6.54
CA PRO A 98 -16.77 -13.77 -6.83
C PRO A 98 -15.70 -14.72 -7.38
N SER A 99 -15.96 -16.01 -7.18
CA SER A 99 -15.03 -17.03 -7.65
C SER A 99 -13.69 -16.90 -6.92
N SER A 100 -13.22 -18.02 -6.42
CA SER A 100 -11.96 -18.05 -5.69
C SER A 100 -11.23 -19.37 -5.95
N GLY A 101 -10.55 -19.42 -7.09
CA GLY A 101 -9.82 -20.62 -7.47
C GLY A 101 -10.76 -21.73 -7.92
N GLY A 1 -20.44 -4.29 25.17
CA GLY A 1 -21.76 -4.59 24.61
C GLY A 1 -21.64 -5.43 23.35
N SER A 2 -22.58 -5.20 22.43
CA SER A 2 -22.58 -5.93 21.18
C SER A 2 -22.56 -4.94 20.00
N SER A 3 -21.35 -4.74 19.47
CA SER A 3 -21.18 -3.83 18.35
C SER A 3 -19.82 -4.08 17.69
N GLY A 4 -19.64 -3.49 16.52
CA GLY A 4 -18.41 -3.64 15.78
C GLY A 4 -17.88 -2.28 15.32
N SER A 5 -16.92 -2.33 14.40
CA SER A 5 -16.33 -1.12 13.87
C SER A 5 -15.88 -1.34 12.42
N SER A 6 -16.00 -0.29 11.62
CA SER A 6 -15.63 -0.36 10.22
C SER A 6 -14.28 0.34 10.02
N GLY A 7 -13.57 -0.11 8.99
CA GLY A 7 -12.27 0.47 8.68
C GLY A 7 -11.17 -0.16 9.53
N GLU A 8 -10.20 -0.75 8.85
CA GLU A 8 -9.08 -1.39 9.53
C GLU A 8 -7.85 -1.39 8.62
N VAL A 9 -6.74 -0.93 9.19
CA VAL A 9 -5.49 -0.88 8.46
C VAL A 9 -4.89 -2.28 8.37
N ARG A 10 -4.58 -2.69 7.15
CA ARG A 10 -4.01 -4.00 6.92
C ARG A 10 -2.49 -3.89 6.79
N LEU A 11 -1.85 -5.06 6.80
CA LEU A 11 -0.40 -5.11 6.68
C LEU A 11 -0.02 -6.01 5.50
N VAL A 12 0.33 -5.37 4.40
CA VAL A 12 0.72 -6.09 3.20
C VAL A 12 2.24 -6.22 3.15
N SER A 13 2.69 -7.36 2.67
CA SER A 13 4.12 -7.61 2.57
C SER A 13 4.47 -8.08 1.15
N LEU A 14 5.32 -7.30 0.49
CA LEU A 14 5.74 -7.61 -0.86
C LEU A 14 7.25 -7.86 -0.87
N ARG A 15 7.62 -9.10 -1.16
CA ARG A 15 9.02 -9.48 -1.21
C ARG A 15 9.50 -9.52 -2.66
N ARG A 16 10.82 -9.55 -2.81
CA ARG A 16 11.43 -9.59 -4.13
C ARG A 16 11.88 -11.01 -4.46
N ALA A 17 12.28 -11.20 -5.72
CA ALA A 17 12.75 -12.50 -6.17
C ALA A 17 13.00 -12.44 -7.67
N LYS A 18 11.96 -12.12 -8.41
CA LYS A 18 12.05 -12.03 -9.86
C LYS A 18 10.74 -11.47 -10.42
N ALA A 19 10.29 -10.39 -9.82
CA ALA A 19 9.05 -9.75 -10.25
C ALA A 19 9.38 -8.43 -10.93
N HIS A 20 9.65 -8.51 -12.22
CA HIS A 20 9.98 -7.33 -13.01
C HIS A 20 8.79 -6.36 -13.00
N GLU A 21 8.73 -5.56 -11.94
CA GLU A 21 7.65 -4.59 -11.80
C GLU A 21 7.88 -3.73 -10.56
N GLY A 22 7.89 -4.38 -9.41
CA GLY A 22 8.09 -3.70 -8.15
C GLY A 22 6.95 -3.99 -7.18
N LEU A 23 7.18 -4.98 -6.33
CA LEU A 23 6.18 -5.37 -5.35
C LEU A 23 4.99 -6.02 -6.06
N GLY A 24 4.41 -5.26 -6.98
CA GLY A 24 3.28 -5.74 -7.74
C GLY A 24 2.18 -4.67 -7.82
N PHE A 25 2.39 -3.60 -7.07
CA PHE A 25 1.43 -2.50 -7.05
C PHE A 25 2.14 -1.15 -7.21
N SER A 26 1.58 -0.34 -8.09
CA SER A 26 2.15 0.98 -8.35
C SER A 26 1.54 2.01 -7.39
N ILE A 27 2.39 2.89 -6.91
CA ILE A 27 1.95 3.93 -5.99
C ILE A 27 2.03 5.29 -6.69
N ARG A 28 1.26 6.23 -6.16
CA ARG A 28 1.22 7.57 -6.72
C ARG A 28 1.12 8.61 -5.60
N GLY A 29 1.27 9.87 -6.00
CA GLY A 29 1.21 10.96 -5.05
C GLY A 29 2.60 11.51 -4.73
N GLY A 30 2.71 12.16 -3.58
CA GLY A 30 3.98 12.73 -3.15
C GLY A 30 3.80 14.17 -2.69
N SER A 31 4.43 14.49 -1.57
CA SER A 31 4.34 15.83 -1.01
C SER A 31 4.48 16.87 -2.13
N GLU A 32 5.30 16.53 -3.11
CA GLU A 32 5.53 17.42 -4.24
C GLU A 32 4.19 17.94 -4.77
N HIS A 33 3.33 17.01 -5.14
CA HIS A 33 2.03 17.35 -5.66
C HIS A 33 1.16 17.95 -4.55
N GLY A 34 1.54 17.63 -3.32
CA GLY A 34 0.81 18.13 -2.17
C GLY A 34 -0.05 17.03 -1.53
N VAL A 35 -0.04 15.88 -2.18
CA VAL A 35 -0.80 14.74 -1.70
C VAL A 35 0.15 13.72 -1.08
N GLY A 36 -0.45 12.70 -0.47
CA GLY A 36 0.34 11.66 0.17
C GLY A 36 0.69 10.55 -0.83
N ILE A 37 0.38 9.32 -0.42
CA ILE A 37 0.65 8.17 -1.27
C ILE A 37 -0.61 7.32 -1.38
N TYR A 38 -0.79 6.72 -2.56
CA TYR A 38 -1.94 5.88 -2.81
C TYR A 38 -1.69 4.92 -3.97
N VAL A 39 -2.39 3.81 -3.95
CA VAL A 39 -2.24 2.80 -4.99
C VAL A 39 -2.86 3.33 -6.29
N SER A 40 -2.11 3.15 -7.37
CA SER A 40 -2.57 3.62 -8.67
C SER A 40 -2.87 2.41 -9.57
N LEU A 41 -2.16 1.32 -9.31
CA LEU A 41 -2.34 0.10 -10.09
C LEU A 41 -1.96 -1.10 -9.22
N VAL A 42 -2.75 -2.16 -9.37
CA VAL A 42 -2.51 -3.38 -8.61
C VAL A 42 -2.66 -4.59 -9.55
N GLU A 43 -1.58 -5.33 -9.68
CA GLU A 43 -1.57 -6.51 -10.54
C GLU A 43 -2.47 -7.60 -9.93
N PRO A 44 -3.35 -8.18 -10.80
CA PRO A 44 -4.25 -9.22 -10.37
C PRO A 44 -3.51 -10.55 -10.19
N GLY A 45 -2.35 -10.64 -10.83
CA GLY A 45 -1.54 -11.85 -10.76
C GLY A 45 -0.30 -11.60 -9.91
N SER A 46 -0.43 -10.71 -8.94
CA SER A 46 0.67 -10.38 -8.07
C SER A 46 0.35 -10.81 -6.64
N LEU A 47 1.32 -10.59 -5.75
CA LEU A 47 1.15 -10.97 -4.35
C LEU A 47 0.28 -9.91 -3.66
N ALA A 48 0.69 -8.66 -3.81
CA ALA A 48 -0.05 -7.56 -3.21
C ALA A 48 -1.55 -7.81 -3.35
N GLU A 49 -1.99 -7.93 -4.59
CA GLU A 49 -3.39 -8.18 -4.86
C GLU A 49 -3.92 -9.31 -3.99
N LYS A 50 -3.11 -10.36 -3.90
CA LYS A 50 -3.48 -11.52 -3.10
C LYS A 50 -3.44 -11.15 -1.62
N GLU A 51 -2.56 -10.21 -1.31
CA GLU A 51 -2.41 -9.76 0.07
C GLU A 51 -3.61 -8.91 0.49
N GLY A 52 -4.29 -8.37 -0.52
CA GLY A 52 -5.46 -7.55 -0.27
C GLY A 52 -5.34 -6.20 -0.99
N LEU A 53 -4.10 -5.76 -1.14
CA LEU A 53 -3.84 -4.49 -1.80
C LEU A 53 -4.77 -4.34 -3.01
N ARG A 54 -5.03 -3.10 -3.38
CA ARG A 54 -5.89 -2.81 -4.51
C ARG A 54 -5.99 -1.30 -4.74
N VAL A 55 -6.01 -0.92 -6.01
CA VAL A 55 -6.09 0.48 -6.37
C VAL A 55 -7.18 1.15 -5.51
N GLY A 56 -6.75 2.16 -4.77
CA GLY A 56 -7.66 2.89 -3.90
C GLY A 56 -7.08 3.04 -2.50
N ASP A 57 -6.50 1.95 -2.01
CA ASP A 57 -5.90 1.95 -0.68
C ASP A 57 -5.00 3.19 -0.53
N GLN A 58 -4.49 3.35 0.67
CA GLN A 58 -3.61 4.48 0.97
C GLN A 58 -2.43 4.03 1.81
N ILE A 59 -1.24 4.15 1.24
CA ILE A 59 -0.02 3.76 1.92
C ILE A 59 0.24 4.73 3.07
N LEU A 60 -0.37 4.46 4.20
CA LEU A 60 -0.21 5.30 5.38
C LEU A 60 1.24 5.25 5.84
N ARG A 61 1.77 4.03 5.86
CA ARG A 61 3.15 3.83 6.29
C ARG A 61 3.85 2.83 5.35
N VAL A 62 5.17 2.75 5.51
CA VAL A 62 5.96 1.85 4.68
C VAL A 62 7.09 1.26 5.53
N ASN A 63 6.98 -0.02 5.80
CA ASN A 63 7.99 -0.72 6.59
C ASN A 63 7.88 -0.26 8.05
N ASP A 64 8.11 1.03 8.24
CA ASP A 64 8.05 1.61 9.57
C ASP A 64 7.81 3.12 9.45
N LYS A 65 8.57 3.74 8.57
CA LYS A 65 8.46 5.17 8.35
C LYS A 65 7.13 5.48 7.69
N SER A 66 6.55 6.61 8.07
CA SER A 66 5.27 7.02 7.53
C SER A 66 5.50 8.03 6.40
N LEU A 67 4.66 7.90 5.37
CA LEU A 67 4.76 8.79 4.22
C LEU A 67 3.73 9.91 4.36
N ALA A 68 3.66 10.45 5.56
CA ALA A 68 2.72 11.53 5.84
C ALA A 68 2.73 12.53 4.68
N ARG A 69 3.91 13.07 4.42
CA ARG A 69 4.07 14.04 3.35
C ARG A 69 5.51 14.05 2.85
N VAL A 70 5.79 13.18 1.89
CA VAL A 70 7.12 13.08 1.32
C VAL A 70 7.01 12.99 -0.21
N THR A 71 7.99 13.58 -0.87
CA THR A 71 8.03 13.57 -2.32
C THR A 71 7.94 12.15 -2.85
N HIS A 72 7.49 12.03 -4.09
CA HIS A 72 7.35 10.72 -4.72
C HIS A 72 8.69 9.97 -4.65
N ALA A 73 9.76 10.73 -4.79
CA ALA A 73 11.10 10.15 -4.75
C ALA A 73 11.34 9.59 -3.35
N GLU A 74 10.85 10.31 -2.35
CA GLU A 74 11.02 9.90 -0.97
C GLU A 74 10.22 8.62 -0.70
N ALA A 75 8.95 8.65 -1.06
CA ALA A 75 8.08 7.51 -0.87
C ALA A 75 8.74 6.26 -1.45
N VAL A 76 9.15 6.38 -2.71
CA VAL A 76 9.79 5.28 -3.40
C VAL A 76 11.03 4.84 -2.61
N LYS A 77 11.89 5.81 -2.35
CA LYS A 77 13.11 5.55 -1.61
C LYS A 77 12.76 4.92 -0.26
N ALA A 78 11.52 5.16 0.16
CA ALA A 78 11.05 4.63 1.42
C ALA A 78 10.60 3.19 1.22
N LEU A 79 9.86 2.98 0.14
CA LEU A 79 9.36 1.65 -0.18
C LEU A 79 10.52 0.67 -0.28
N LYS A 80 11.57 1.12 -0.96
CA LYS A 80 12.75 0.30 -1.13
C LYS A 80 13.11 -0.37 0.20
N GLY A 81 13.03 0.42 1.26
CA GLY A 81 13.34 -0.08 2.59
C GLY A 81 14.56 -1.02 2.55
N SER A 82 14.56 -1.94 3.50
CA SER A 82 15.65 -2.90 3.59
C SER A 82 15.10 -4.30 3.86
N LYS A 83 14.71 -4.52 5.09
CA LYS A 83 14.16 -5.81 5.50
C LYS A 83 12.74 -5.95 4.94
N LYS A 84 12.04 -6.96 5.43
CA LYS A 84 10.68 -7.21 5.00
C LYS A 84 9.95 -5.87 4.84
N LEU A 85 9.42 -5.66 3.64
CA LEU A 85 8.68 -4.44 3.34
C LEU A 85 7.22 -4.61 3.77
N VAL A 86 6.89 -3.95 4.86
CA VAL A 86 5.53 -4.01 5.39
C VAL A 86 4.75 -2.79 4.92
N LEU A 87 3.90 -3.02 3.93
CA LEU A 87 3.09 -1.95 3.37
C LEU A 87 1.91 -1.67 4.30
N SER A 88 1.82 -0.42 4.74
CA SER A 88 0.74 -0.01 5.63
C SER A 88 -0.36 0.69 4.83
N VAL A 89 -1.43 -0.07 4.57
CA VAL A 89 -2.55 0.47 3.82
C VAL A 89 -3.79 0.46 4.72
N TYR A 90 -4.72 1.36 4.39
CA TYR A 90 -5.95 1.47 5.15
C TYR A 90 -7.14 0.95 4.34
N SER A 91 -7.77 -0.08 4.88
CA SER A 91 -8.93 -0.67 4.23
C SER A 91 -10.21 0.00 4.71
N ALA A 92 -11.25 -0.13 3.90
CA ALA A 92 -12.54 0.46 4.22
C ALA A 92 -13.66 -0.39 3.63
N GLY A 93 -14.35 -1.11 4.50
CA GLY A 93 -15.44 -1.96 4.07
C GLY A 93 -14.92 -3.35 3.67
N ARG A 94 -14.73 -3.53 2.38
CA ARG A 94 -14.25 -4.80 1.86
C ARG A 94 -15.25 -5.92 2.17
N ILE A 95 -15.44 -6.78 1.19
CA ILE A 95 -16.36 -7.90 1.34
C ILE A 95 -15.59 -9.22 1.18
N SER A 96 -14.78 -9.26 0.14
CA SER A 96 -13.99 -10.45 -0.14
C SER A 96 -12.60 -10.05 -0.61
N GLY A 97 -11.62 -10.90 -0.29
CA GLY A 97 -10.25 -10.65 -0.67
C GLY A 97 -9.58 -11.93 -1.18
N PRO A 98 -8.85 -12.61 -0.25
CA PRO A 98 -8.16 -13.84 -0.59
C PRO A 98 -9.15 -15.00 -0.72
N SER A 99 -8.64 -16.11 -1.24
CA SER A 99 -9.47 -17.29 -1.42
C SER A 99 -8.64 -18.41 -2.09
N SER A 100 -8.57 -19.53 -1.41
CA SER A 100 -7.82 -20.67 -1.94
C SER A 100 -8.05 -21.89 -1.05
N GLY A 101 -8.61 -22.93 -1.66
CA GLY A 101 -8.88 -24.16 -0.94
C GLY A 101 -9.72 -23.90 0.32
N GLY A 1 -26.38 5.11 19.26
CA GLY A 1 -25.16 5.62 19.87
C GLY A 1 -24.34 6.42 18.83
N SER A 2 -23.58 7.37 19.34
CA SER A 2 -22.75 8.20 18.49
C SER A 2 -21.31 8.23 19.01
N SER A 3 -20.53 7.25 18.57
CA SER A 3 -19.15 7.15 19.00
C SER A 3 -18.28 6.66 17.83
N GLY A 4 -17.02 7.05 17.87
CA GLY A 4 -16.08 6.66 16.83
C GLY A 4 -15.16 5.54 17.32
N SER A 5 -14.29 5.10 16.42
CA SER A 5 -13.36 4.03 16.75
C SER A 5 -12.22 4.00 15.72
N SER A 6 -11.19 3.25 16.05
CA SER A 6 -10.04 3.13 15.17
C SER A 6 -10.48 2.66 13.78
N GLY A 7 -9.57 2.77 12.83
CA GLY A 7 -9.86 2.36 11.47
C GLY A 7 -9.82 0.84 11.33
N GLU A 8 -9.10 0.40 10.31
CA GLU A 8 -8.96 -1.03 10.05
C GLU A 8 -7.97 -1.28 8.92
N VAL A 9 -6.77 -0.72 9.09
CA VAL A 9 -5.74 -0.87 8.08
C VAL A 9 -5.18 -2.30 8.14
N ARG A 10 -4.49 -2.67 7.07
CA ARG A 10 -3.91 -4.00 6.98
C ARG A 10 -2.41 -3.91 6.66
N LEU A 11 -1.67 -4.86 7.18
CA LEU A 11 -0.23 -4.90 6.95
C LEU A 11 0.08 -5.84 5.78
N VAL A 12 0.36 -5.24 4.63
CA VAL A 12 0.67 -6.00 3.44
C VAL A 12 2.18 -6.18 3.33
N SER A 13 2.58 -7.30 2.77
CA SER A 13 3.99 -7.60 2.60
C SER A 13 4.27 -8.00 1.14
N LEU A 14 5.25 -7.33 0.56
CA LEU A 14 5.62 -7.60 -0.82
C LEU A 14 7.13 -7.83 -0.90
N ARG A 15 7.50 -9.06 -1.21
CA ARG A 15 8.90 -9.42 -1.32
C ARG A 15 9.16 -10.18 -2.63
N ARG A 16 10.42 -10.19 -3.03
CA ARG A 16 10.80 -10.87 -4.25
C ARG A 16 9.82 -10.55 -5.38
N ALA A 17 10.14 -9.49 -6.12
CA ALA A 17 9.30 -9.06 -7.23
C ALA A 17 10.06 -8.04 -8.08
N LYS A 18 10.65 -7.07 -7.40
CA LYS A 18 11.41 -6.04 -8.07
C LYS A 18 12.25 -5.27 -7.05
N ALA A 19 13.53 -5.61 -7.02
CA ALA A 19 14.44 -4.97 -6.10
C ALA A 19 14.45 -3.46 -6.35
N HIS A 20 14.81 -3.10 -7.59
CA HIS A 20 14.86 -1.71 -7.98
C HIS A 20 13.43 -1.14 -8.04
N GLU A 21 12.79 -1.10 -6.89
CA GLU A 21 11.43 -0.59 -6.81
C GLU A 21 10.48 -1.46 -7.62
N GLY A 22 9.32 -1.73 -7.03
CA GLY A 22 8.32 -2.55 -7.69
C GLY A 22 7.87 -3.70 -6.77
N LEU A 23 6.76 -3.46 -6.09
CA LEU A 23 6.21 -4.45 -5.18
C LEU A 23 4.92 -5.03 -5.77
N GLY A 24 4.82 -4.93 -7.09
CA GLY A 24 3.65 -5.43 -7.79
C GLY A 24 2.59 -4.34 -7.94
N PHE A 25 2.61 -3.41 -7.00
CA PHE A 25 1.66 -2.32 -7.01
C PHE A 25 2.37 -0.97 -7.12
N SER A 26 1.85 -0.12 -7.98
CA SER A 26 2.43 1.20 -8.19
C SER A 26 1.76 2.21 -7.26
N ILE A 27 2.47 3.30 -7.02
CA ILE A 27 1.96 4.35 -6.15
C ILE A 27 1.82 5.65 -6.94
N ARG A 28 1.14 6.60 -6.33
CA ARG A 28 0.93 7.89 -6.98
C ARG A 28 0.79 9.00 -5.92
N GLY A 29 0.73 10.23 -6.41
CA GLY A 29 0.60 11.37 -5.53
C GLY A 29 1.97 11.79 -4.95
N GLY A 30 1.97 12.04 -3.66
CA GLY A 30 3.20 12.44 -2.98
C GLY A 30 3.11 13.88 -2.50
N SER A 31 4.13 14.30 -1.76
CA SER A 31 4.18 15.65 -1.23
C SER A 31 4.21 16.66 -2.37
N GLU A 32 4.64 16.18 -3.53
CA GLU A 32 4.72 17.03 -4.72
C GLU A 32 3.32 17.42 -5.18
N HIS A 33 2.36 16.57 -4.86
CA HIS A 33 0.98 16.82 -5.24
C HIS A 33 0.20 17.36 -4.05
N GLY A 34 0.87 17.40 -2.91
CA GLY A 34 0.26 17.90 -1.69
C GLY A 34 -0.50 16.79 -0.97
N VAL A 35 -0.52 15.62 -1.59
CA VAL A 35 -1.20 14.47 -1.02
C VAL A 35 -0.18 13.50 -0.46
N GLY A 36 -0.68 12.36 0.00
CA GLY A 36 0.19 11.34 0.57
C GLY A 36 0.58 10.30 -0.48
N ILE A 37 0.33 9.05 -0.16
CA ILE A 37 0.66 7.96 -1.06
C ILE A 37 -0.54 7.02 -1.18
N TYR A 38 -1.03 6.89 -2.42
CA TYR A 38 -2.17 6.03 -2.69
C TYR A 38 -1.90 5.11 -3.87
N VAL A 39 -2.40 3.89 -3.77
CA VAL A 39 -2.22 2.91 -4.82
C VAL A 39 -2.80 3.46 -6.13
N SER A 40 -2.05 3.24 -7.20
CA SER A 40 -2.47 3.71 -8.51
C SER A 40 -2.76 2.52 -9.43
N LEU A 41 -1.87 1.53 -9.35
CA LEU A 41 -2.01 0.34 -10.16
C LEU A 41 -1.69 -0.89 -9.32
N VAL A 42 -2.34 -1.99 -9.66
CA VAL A 42 -2.13 -3.24 -8.94
C VAL A 42 -2.02 -4.39 -9.94
N GLU A 43 -0.87 -5.04 -9.91
CA GLU A 43 -0.63 -6.16 -10.81
C GLU A 43 -1.55 -7.34 -10.45
N PRO A 44 -2.08 -8.00 -11.52
CA PRO A 44 -2.97 -9.13 -11.34
C PRO A 44 -2.19 -10.37 -10.92
N GLY A 45 -2.93 -11.37 -10.44
CA GLY A 45 -2.33 -12.61 -10.00
C GLY A 45 -1.00 -12.35 -9.28
N SER A 46 -0.93 -11.18 -8.64
CA SER A 46 0.27 -10.80 -7.91
C SER A 46 0.07 -11.07 -6.42
N LEU A 47 1.17 -10.93 -5.68
CA LEU A 47 1.13 -11.16 -4.25
C LEU A 47 0.37 -10.02 -3.58
N ALA A 48 0.74 -8.81 -3.95
CA ALA A 48 0.10 -7.62 -3.40
C ALA A 48 -1.42 -7.79 -3.48
N GLU A 49 -1.90 -8.04 -4.69
CA GLU A 49 -3.32 -8.21 -4.91
C GLU A 49 -3.86 -9.36 -4.05
N LYS A 50 -3.00 -10.35 -3.86
CA LYS A 50 -3.38 -11.51 -3.06
C LYS A 50 -3.40 -11.12 -1.58
N GLU A 51 -2.53 -10.19 -1.23
CA GLU A 51 -2.44 -9.72 0.14
C GLU A 51 -3.67 -8.89 0.49
N GLY A 52 -4.33 -8.38 -0.54
CA GLY A 52 -5.52 -7.58 -0.35
C GLY A 52 -5.40 -6.23 -1.08
N LEU A 53 -4.15 -5.85 -1.34
CA LEU A 53 -3.89 -4.59 -2.01
C LEU A 53 -4.85 -4.45 -3.19
N ARG A 54 -4.90 -3.23 -3.73
CA ARG A 54 -5.77 -2.95 -4.86
C ARG A 54 -5.91 -1.43 -5.04
N VAL A 55 -5.87 -1.02 -6.30
CA VAL A 55 -5.99 0.39 -6.62
C VAL A 55 -7.13 1.01 -5.79
N GLY A 56 -6.75 1.85 -4.85
CA GLY A 56 -7.72 2.51 -4.00
C GLY A 56 -7.17 2.68 -2.58
N ASP A 57 -6.48 1.66 -2.12
CA ASP A 57 -5.89 1.69 -0.79
C ASP A 57 -5.03 2.94 -0.64
N GLN A 58 -4.57 3.17 0.58
CA GLN A 58 -3.73 4.32 0.86
C GLN A 58 -2.56 3.92 1.77
N ILE A 59 -1.36 4.09 1.24
CA ILE A 59 -0.16 3.75 1.98
C ILE A 59 0.04 4.78 3.11
N LEU A 60 -0.15 4.30 4.34
CA LEU A 60 0.01 5.16 5.50
C LEU A 60 1.43 5.03 6.03
N ARG A 61 2.00 3.86 5.82
CA ARG A 61 3.36 3.59 6.27
C ARG A 61 4.05 2.60 5.33
N VAL A 62 5.37 2.62 5.37
CA VAL A 62 6.16 1.73 4.53
C VAL A 62 7.40 1.28 5.30
N ASN A 63 7.41 0.00 5.65
CA ASN A 63 8.53 -0.56 6.39
C ASN A 63 8.37 -0.23 7.88
N ASP A 64 8.29 1.06 8.15
CA ASP A 64 8.14 1.52 9.52
C ASP A 64 7.78 3.01 9.53
N LYS A 65 8.52 3.76 8.73
CA LYS A 65 8.30 5.19 8.63
C LYS A 65 6.95 5.45 7.95
N SER A 66 6.44 6.65 8.15
CA SER A 66 5.17 7.03 7.56
C SER A 66 5.39 8.00 6.40
N LEU A 67 4.62 7.80 5.35
CA LEU A 67 4.72 8.65 4.18
C LEU A 67 3.65 9.75 4.24
N ALA A 68 3.50 10.32 5.42
CA ALA A 68 2.53 11.37 5.63
C ALA A 68 2.52 12.31 4.43
N ARG A 69 3.67 12.92 4.19
CA ARG A 69 3.82 13.83 3.07
C ARG A 69 5.27 13.88 2.60
N VAL A 70 5.58 13.04 1.62
CA VAL A 70 6.92 12.98 1.08
C VAL A 70 6.85 12.92 -0.45
N THR A 71 7.92 13.38 -1.07
CA THR A 71 7.99 13.38 -2.53
C THR A 71 7.88 11.95 -3.07
N HIS A 72 7.24 11.83 -4.22
CA HIS A 72 7.06 10.53 -4.85
C HIS A 72 8.37 9.76 -4.79
N ALA A 73 9.47 10.50 -4.79
CA ALA A 73 10.79 9.89 -4.74
C ALA A 73 11.03 9.32 -3.35
N GLU A 74 10.79 10.16 -2.35
CA GLU A 74 10.97 9.74 -0.97
C GLU A 74 10.27 8.40 -0.72
N ALA A 75 8.97 8.41 -0.90
CA ALA A 75 8.18 7.20 -0.70
C ALA A 75 8.86 6.03 -1.41
N VAL A 76 9.11 6.22 -2.70
CA VAL A 76 9.74 5.19 -3.50
C VAL A 76 11.03 4.75 -2.82
N LYS A 77 11.91 5.72 -2.59
CA LYS A 77 13.18 5.44 -1.96
C LYS A 77 12.95 4.62 -0.69
N ALA A 78 11.73 4.73 -0.17
CA ALA A 78 11.36 4.00 1.03
C ALA A 78 10.79 2.64 0.64
N LEU A 79 9.87 2.67 -0.31
CA LEU A 79 9.24 1.45 -0.78
C LEU A 79 10.32 0.45 -1.19
N LYS A 80 11.46 0.98 -1.58
CA LYS A 80 12.58 0.15 -2.00
C LYS A 80 12.90 -0.85 -0.89
N GLY A 81 13.41 -2.00 -1.32
CA GLY A 81 13.77 -3.04 -0.37
C GLY A 81 14.41 -2.45 0.89
N SER A 82 14.33 -3.22 1.97
CA SER A 82 14.90 -2.79 3.23
C SER A 82 14.61 -3.82 4.32
N LYS A 83 15.24 -4.97 4.18
CA LYS A 83 15.05 -6.04 5.15
C LYS A 83 13.56 -6.17 5.49
N LYS A 84 12.84 -6.84 4.62
CA LYS A 84 11.42 -7.03 4.82
C LYS A 84 10.71 -5.67 4.81
N LEU A 85 9.61 -5.62 4.08
CA LEU A 85 8.84 -4.39 3.97
C LEU A 85 7.37 -4.67 4.32
N VAL A 86 6.81 -3.78 5.11
CA VAL A 86 5.42 -3.93 5.51
C VAL A 86 4.61 -2.72 5.01
N LEU A 87 3.76 -2.99 4.03
CA LEU A 87 2.93 -1.95 3.46
C LEU A 87 1.69 -1.76 4.32
N SER A 88 1.55 -0.54 4.85
CA SER A 88 0.41 -0.21 5.69
C SER A 88 -0.65 0.52 4.87
N VAL A 89 -1.71 -0.21 4.54
CA VAL A 89 -2.80 0.35 3.77
C VAL A 89 -4.07 0.37 4.61
N TYR A 90 -4.82 1.45 4.50
CA TYR A 90 -6.05 1.60 5.24
C TYR A 90 -7.25 1.11 4.43
N SER A 91 -7.99 0.17 5.02
CA SER A 91 -9.15 -0.38 4.37
C SER A 91 -10.41 0.37 4.81
N ALA A 92 -11.37 0.43 3.89
CA ALA A 92 -12.62 1.11 4.18
C ALA A 92 -13.80 0.25 3.69
N GLY A 93 -14.31 -0.56 4.60
CA GLY A 93 -15.43 -1.44 4.28
C GLY A 93 -14.95 -2.88 4.07
N ARG A 94 -15.91 -3.77 3.92
CA ARG A 94 -15.59 -5.18 3.71
C ARG A 94 -15.55 -5.49 2.21
N ILE A 95 -14.63 -6.37 1.85
CA ILE A 95 -14.47 -6.77 0.47
C ILE A 95 -14.89 -8.23 0.30
N SER A 96 -15.40 -8.54 -0.89
CA SER A 96 -15.84 -9.89 -1.17
C SER A 96 -14.87 -10.55 -2.16
N GLY A 97 -14.50 -11.79 -1.84
CA GLY A 97 -13.59 -12.54 -2.68
C GLY A 97 -13.89 -14.04 -2.62
N PRO A 98 -13.06 -14.82 -3.36
CA PRO A 98 -13.23 -16.26 -3.39
C PRO A 98 -12.72 -16.90 -2.10
N SER A 99 -13.22 -18.11 -1.85
CA SER A 99 -12.83 -18.83 -0.65
C SER A 99 -11.64 -19.75 -0.96
N SER A 100 -11.87 -20.66 -1.91
CA SER A 100 -10.83 -21.59 -2.31
C SER A 100 -9.55 -20.84 -2.66
N GLY A 101 -8.46 -21.28 -2.04
CA GLY A 101 -7.16 -20.67 -2.27
C GLY A 101 -6.51 -20.26 -0.95
N GLY A 1 -8.65 -2.17 26.12
CA GLY A 1 -8.74 -2.70 24.77
C GLY A 1 -10.13 -2.48 24.18
N SER A 2 -10.15 -1.79 23.05
CA SER A 2 -11.40 -1.49 22.37
C SER A 2 -11.34 -1.94 20.91
N SER A 3 -12.43 -2.53 20.46
CA SER A 3 -12.51 -3.01 19.08
C SER A 3 -13.41 -2.09 18.26
N GLY A 4 -12.89 -1.69 17.10
CA GLY A 4 -13.64 -0.81 16.21
C GLY A 4 -13.91 -1.49 14.87
N SER A 5 -15.16 -1.42 14.46
CA SER A 5 -15.56 -2.02 13.20
C SER A 5 -15.09 -1.16 12.02
N SER A 6 -15.55 0.08 12.02
CA SER A 6 -15.19 1.01 10.96
C SER A 6 -13.67 1.24 10.97
N GLY A 7 -13.11 1.26 9.77
CA GLY A 7 -11.68 1.47 9.62
C GLY A 7 -10.90 0.23 10.08
N GLU A 8 -9.99 -0.22 9.21
CA GLU A 8 -9.18 -1.38 9.52
C GLU A 8 -7.93 -1.40 8.63
N VAL A 9 -6.85 -0.89 9.20
CA VAL A 9 -5.59 -0.84 8.47
C VAL A 9 -4.99 -2.24 8.41
N ARG A 10 -4.67 -2.66 7.20
CA ARG A 10 -4.08 -3.98 6.99
C ARG A 10 -2.56 -3.87 6.84
N LEU A 11 -1.91 -5.03 6.85
CA LEU A 11 -0.47 -5.08 6.73
C LEU A 11 -0.10 -5.96 5.54
N VAL A 12 0.32 -5.30 4.47
CA VAL A 12 0.70 -6.01 3.26
C VAL A 12 2.24 -6.17 3.24
N SER A 13 2.66 -7.34 2.78
CA SER A 13 4.08 -7.62 2.69
C SER A 13 4.45 -8.08 1.27
N LEU A 14 5.23 -7.25 0.60
CA LEU A 14 5.65 -7.56 -0.75
C LEU A 14 7.14 -7.89 -0.75
N ARG A 15 7.47 -9.02 -1.38
CA ARG A 15 8.85 -9.46 -1.46
C ARG A 15 9.31 -9.50 -2.91
N ARG A 16 10.62 -9.58 -3.08
CA ARG A 16 11.20 -9.63 -4.41
C ARG A 16 11.24 -8.22 -5.02
N ALA A 17 12.45 -7.82 -5.42
CA ALA A 17 12.64 -6.51 -6.02
C ALA A 17 13.25 -6.68 -7.42
N LYS A 18 13.24 -5.59 -8.15
CA LYS A 18 13.77 -5.60 -9.51
C LYS A 18 13.84 -4.16 -10.04
N ALA A 19 12.71 -3.71 -10.57
CA ALA A 19 12.63 -2.36 -11.12
C ALA A 19 11.39 -2.26 -12.02
N HIS A 20 11.04 -3.39 -12.61
CA HIS A 20 9.89 -3.44 -13.49
C HIS A 20 8.69 -4.01 -12.74
N GLU A 21 8.90 -5.19 -12.16
CA GLU A 21 7.85 -5.85 -11.41
C GLU A 21 8.23 -5.95 -9.94
N GLY A 22 8.29 -4.79 -9.30
CA GLY A 22 8.64 -4.73 -7.88
C GLY A 22 7.55 -5.36 -7.02
N LEU A 23 7.15 -4.62 -6.00
CA LEU A 23 6.11 -5.10 -5.09
C LEU A 23 4.95 -5.67 -5.90
N GLY A 24 4.64 -4.98 -6.99
CA GLY A 24 3.55 -5.42 -7.86
C GLY A 24 2.44 -4.36 -7.92
N PHE A 25 2.63 -3.30 -7.14
CA PHE A 25 1.66 -2.23 -7.09
C PHE A 25 2.34 -0.87 -7.18
N SER A 26 1.80 -0.03 -8.05
CA SER A 26 2.35 1.31 -8.24
C SER A 26 1.70 2.29 -7.27
N ILE A 27 2.47 3.30 -6.90
CA ILE A 27 1.99 4.31 -5.97
C ILE A 27 1.88 5.65 -6.70
N ARG A 28 1.07 6.54 -6.13
CA ARG A 28 0.88 7.86 -6.70
C ARG A 28 0.68 8.90 -5.60
N GLY A 29 0.57 10.15 -6.03
CA GLY A 29 0.38 11.24 -5.09
C GLY A 29 1.72 11.73 -4.54
N GLY A 30 1.85 11.67 -3.22
CA GLY A 30 3.07 12.11 -2.56
C GLY A 30 3.07 13.62 -2.35
N SER A 31 4.00 14.06 -1.52
CA SER A 31 4.11 15.48 -1.21
C SER A 31 4.09 16.30 -2.50
N GLU A 32 4.85 15.82 -3.48
CA GLU A 32 4.93 16.50 -4.77
C GLU A 32 3.52 16.83 -5.27
N HIS A 33 2.61 15.89 -5.06
CA HIS A 33 1.24 16.06 -5.49
C HIS A 33 0.48 16.90 -4.45
N GLY A 34 0.88 16.74 -3.21
CA GLY A 34 0.25 17.47 -2.12
C GLY A 34 -0.65 16.55 -1.29
N VAL A 35 -0.33 15.27 -1.34
CA VAL A 35 -1.09 14.27 -0.59
C VAL A 35 -0.14 13.28 0.07
N GLY A 36 -0.62 12.06 0.23
CA GLY A 36 0.19 11.02 0.85
C GLY A 36 0.67 10.01 -0.20
N ILE A 37 0.31 8.76 0.02
CA ILE A 37 0.71 7.70 -0.89
C ILE A 37 -0.51 6.82 -1.19
N TYR A 38 -0.88 6.80 -2.46
CA TYR A 38 -2.03 6.01 -2.90
C TYR A 38 -1.63 5.04 -4.01
N VAL A 39 -2.34 3.92 -4.07
CA VAL A 39 -2.07 2.91 -5.08
C VAL A 39 -2.70 3.35 -6.41
N SER A 40 -1.88 3.32 -7.45
CA SER A 40 -2.35 3.70 -8.77
C SER A 40 -2.64 2.45 -9.60
N LEU A 41 -1.76 1.47 -9.47
CA LEU A 41 -1.91 0.22 -10.20
C LEU A 41 -1.55 -0.94 -9.29
N VAL A 42 -2.20 -2.07 -9.53
CA VAL A 42 -1.97 -3.26 -8.74
C VAL A 42 -1.86 -4.47 -9.67
N GLU A 43 -0.79 -5.23 -9.47
CA GLU A 43 -0.55 -6.41 -10.29
C GLU A 43 -1.56 -7.50 -9.94
N PRO A 44 -2.31 -7.96 -10.98
CA PRO A 44 -3.30 -8.99 -10.79
C PRO A 44 -2.64 -10.37 -10.63
N GLY A 45 -3.40 -11.29 -10.04
CA GLY A 45 -2.90 -12.63 -9.81
C GLY A 45 -1.49 -12.60 -9.22
N SER A 46 -1.17 -11.49 -8.57
CA SER A 46 0.14 -11.33 -7.97
C SER A 46 0.03 -11.47 -6.44
N LEU A 47 1.13 -11.15 -5.77
CA LEU A 47 1.17 -11.25 -4.32
C LEU A 47 0.38 -10.09 -3.72
N ALA A 48 0.77 -8.88 -4.10
CA ALA A 48 0.12 -7.68 -3.60
C ALA A 48 -1.40 -7.87 -3.69
N GLU A 49 -1.89 -7.97 -4.92
CA GLU A 49 -3.31 -8.15 -5.14
C GLU A 49 -3.84 -9.32 -4.31
N LYS A 50 -2.95 -10.25 -4.01
CA LYS A 50 -3.31 -11.41 -3.22
C LYS A 50 -3.36 -11.03 -1.74
N GLU A 51 -2.54 -10.04 -1.40
CA GLU A 51 -2.48 -9.57 -0.02
C GLU A 51 -3.72 -8.73 0.30
N GLY A 52 -4.43 -8.33 -0.75
CA GLY A 52 -5.63 -7.53 -0.59
C GLY A 52 -5.47 -6.17 -1.27
N LEU A 53 -4.21 -5.76 -1.44
CA LEU A 53 -3.91 -4.49 -2.07
C LEU A 53 -4.86 -4.28 -3.24
N ARG A 54 -5.06 -3.01 -3.58
CA ARG A 54 -5.94 -2.65 -4.68
C ARG A 54 -5.95 -1.13 -4.88
N VAL A 55 -5.85 -0.73 -6.14
CA VAL A 55 -5.85 0.68 -6.47
C VAL A 55 -6.97 1.38 -5.69
N GLY A 56 -6.55 2.26 -4.78
CA GLY A 56 -7.51 3.00 -3.98
C GLY A 56 -7.01 3.13 -2.53
N ASP A 57 -6.39 2.06 -2.05
CA ASP A 57 -5.86 2.04 -0.70
C ASP A 57 -4.99 3.28 -0.48
N GLN A 58 -4.44 3.37 0.72
CA GLN A 58 -3.58 4.48 1.07
C GLN A 58 -2.37 4.01 1.89
N ILE A 59 -1.21 4.07 1.27
CA ILE A 59 0.01 3.66 1.93
C ILE A 59 0.34 4.63 3.06
N LEU A 60 -0.32 4.42 4.18
CA LEU A 60 -0.11 5.27 5.35
C LEU A 60 1.39 5.30 5.69
N ARG A 61 1.92 4.11 5.96
CA ARG A 61 3.32 3.99 6.30
C ARG A 61 4.02 3.01 5.34
N VAL A 62 5.34 2.97 5.45
CA VAL A 62 6.13 2.09 4.60
C VAL A 62 7.30 1.54 5.41
N ASN A 63 7.25 0.24 5.66
CA ASN A 63 8.30 -0.42 6.41
C ASN A 63 8.23 0.02 7.88
N ASP A 64 8.40 1.32 8.08
CA ASP A 64 8.35 1.87 9.42
C ASP A 64 8.07 3.38 9.32
N LYS A 65 8.77 4.03 8.41
CA LYS A 65 8.60 5.46 8.21
C LYS A 65 7.20 5.73 7.66
N SER A 66 6.68 6.90 8.00
CA SER A 66 5.36 7.30 7.54
C SER A 66 5.48 8.34 6.43
N LEU A 67 4.88 8.02 5.29
CA LEU A 67 4.92 8.91 4.14
C LEU A 67 3.79 9.95 4.28
N ALA A 68 3.73 10.56 5.44
CA ALA A 68 2.71 11.56 5.71
C ALA A 68 2.72 12.60 4.59
N ARG A 69 3.90 13.18 4.38
CA ARG A 69 4.05 14.19 3.36
C ARG A 69 5.47 14.14 2.77
N VAL A 70 5.67 13.18 1.89
CA VAL A 70 6.97 13.01 1.26
C VAL A 70 6.78 12.87 -0.26
N THR A 71 7.80 13.31 -1.00
CA THR A 71 7.75 13.24 -2.45
C THR A 71 7.51 11.81 -2.91
N HIS A 72 7.07 11.69 -4.15
CA HIS A 72 6.81 10.38 -4.73
C HIS A 72 8.10 9.56 -4.78
N ALA A 73 9.22 10.28 -4.79
CA ALA A 73 10.52 9.64 -4.85
C ALA A 73 10.87 9.11 -3.46
N GLU A 74 10.42 9.84 -2.45
CA GLU A 74 10.70 9.46 -1.07
C GLU A 74 10.08 8.10 -0.77
N ALA A 75 8.75 8.06 -0.78
CA ALA A 75 8.03 6.84 -0.51
C ALA A 75 8.73 5.67 -1.21
N VAL A 76 8.95 5.86 -2.50
CA VAL A 76 9.61 4.84 -3.31
C VAL A 76 10.97 4.51 -2.68
N LYS A 77 11.78 5.53 -2.53
CA LYS A 77 13.11 5.36 -1.96
C LYS A 77 12.98 4.69 -0.59
N ALA A 78 11.79 4.83 0.00
CA ALA A 78 11.52 4.25 1.30
C ALA A 78 10.97 2.83 1.12
N LEU A 79 10.41 2.60 -0.05
CA LEU A 79 9.85 1.29 -0.37
C LEU A 79 10.98 0.29 -0.56
N LYS A 80 11.56 0.32 -1.75
CA LYS A 80 12.65 -0.58 -2.08
C LYS A 80 12.28 -2.00 -1.67
N GLY A 81 13.25 -2.89 -1.78
CA GLY A 81 13.04 -4.29 -1.42
C GLY A 81 13.80 -4.65 -0.15
N SER A 82 13.35 -4.08 0.96
CA SER A 82 13.97 -4.34 2.25
C SER A 82 13.63 -5.75 2.73
N LYS A 83 14.15 -6.09 3.90
CA LYS A 83 13.91 -7.39 4.47
C LYS A 83 12.44 -7.51 4.88
N LYS A 84 11.61 -7.83 3.89
CA LYS A 84 10.18 -7.97 4.13
C LYS A 84 9.60 -6.61 4.50
N LEU A 85 9.16 -5.89 3.49
CA LEU A 85 8.58 -4.57 3.69
C LEU A 85 7.10 -4.73 4.05
N VAL A 86 6.71 -4.03 5.11
CA VAL A 86 5.33 -4.09 5.58
C VAL A 86 4.60 -2.82 5.13
N LEU A 87 3.82 -2.97 4.07
CA LEU A 87 3.07 -1.85 3.54
C LEU A 87 1.86 -1.57 4.44
N SER A 88 1.81 -0.35 4.96
CA SER A 88 0.73 0.06 5.84
C SER A 88 -0.37 0.74 5.03
N VAL A 89 -1.43 -0.01 4.77
CA VAL A 89 -2.55 0.50 4.02
C VAL A 89 -3.78 0.60 4.92
N TYR A 90 -4.69 1.48 4.54
CA TYR A 90 -5.91 1.68 5.32
C TYR A 90 -7.15 1.29 4.50
N SER A 91 -8.16 0.82 5.20
CA SER A 91 -9.40 0.42 4.55
C SER A 91 -10.60 1.07 5.25
N ALA A 92 -11.67 1.22 4.51
CA ALA A 92 -12.88 1.82 5.04
C ALA A 92 -14.09 1.33 4.23
N GLY A 93 -14.75 0.32 4.78
CA GLY A 93 -15.91 -0.25 4.12
C GLY A 93 -15.73 -1.75 3.86
N ARG A 94 -16.80 -2.38 3.43
CA ARG A 94 -16.78 -3.80 3.14
C ARG A 94 -16.48 -4.03 1.66
N ILE A 95 -15.86 -5.18 1.38
CA ILE A 95 -15.52 -5.53 0.02
C ILE A 95 -16.16 -6.87 -0.33
N SER A 96 -17.24 -6.81 -1.11
CA SER A 96 -17.95 -8.00 -1.52
C SER A 96 -17.56 -8.38 -2.95
N GLY A 97 -17.90 -9.61 -3.32
CA GLY A 97 -17.60 -10.09 -4.66
C GLY A 97 -17.28 -11.59 -4.63
N PRO A 98 -16.69 -12.06 -5.75
CA PRO A 98 -16.33 -13.47 -5.86
C PRO A 98 -15.07 -13.78 -5.04
N SER A 99 -14.99 -15.04 -4.61
CA SER A 99 -13.85 -15.47 -3.81
C SER A 99 -13.83 -16.99 -3.72
N SER A 100 -12.75 -17.58 -4.21
CA SER A 100 -12.60 -19.02 -4.19
C SER A 100 -11.23 -19.40 -3.62
N GLY A 101 -11.13 -20.63 -3.15
CA GLY A 101 -9.88 -21.12 -2.58
C GLY A 101 -8.69 -20.71 -3.45
N GLY A 1 -23.02 15.69 10.40
CA GLY A 1 -23.29 14.26 10.33
C GLY A 1 -22.94 13.56 11.65
N SER A 2 -23.99 13.18 12.37
CA SER A 2 -23.81 12.52 13.65
C SER A 2 -23.83 11.00 13.45
N SER A 3 -22.63 10.41 13.51
CA SER A 3 -22.50 8.98 13.32
C SER A 3 -21.03 8.58 13.48
N GLY A 4 -20.73 7.96 14.62
CA GLY A 4 -19.37 7.52 14.90
C GLY A 4 -19.08 6.18 14.21
N SER A 5 -17.81 5.98 13.90
CA SER A 5 -17.39 4.76 13.25
C SER A 5 -15.86 4.76 13.08
N SER A 6 -15.34 3.59 12.73
CA SER A 6 -13.91 3.44 12.53
C SER A 6 -13.63 2.33 11.52
N GLY A 7 -12.42 2.34 10.99
CA GLY A 7 -12.01 1.34 10.02
C GLY A 7 -10.91 0.44 10.58
N GLU A 8 -9.77 0.47 9.89
CA GLU A 8 -8.63 -0.33 10.31
C GLU A 8 -7.54 -0.29 9.24
N VAL A 9 -6.32 -0.55 9.67
CA VAL A 9 -5.18 -0.55 8.77
C VAL A 9 -4.65 -1.97 8.62
N ARG A 10 -4.47 -2.38 7.37
CA ARG A 10 -3.97 -3.71 7.08
C ARG A 10 -2.46 -3.68 6.89
N LEU A 11 -1.86 -4.86 6.90
CA LEU A 11 -0.43 -4.99 6.74
C LEU A 11 -0.13 -5.89 5.54
N VAL A 12 0.30 -5.26 4.45
CA VAL A 12 0.62 -5.99 3.24
C VAL A 12 2.13 -6.22 3.17
N SER A 13 2.50 -7.39 2.66
CA SER A 13 3.91 -7.74 2.52
C SER A 13 4.20 -8.18 1.08
N LEU A 14 5.17 -7.52 0.49
CA LEU A 14 5.57 -7.84 -0.88
C LEU A 14 7.05 -8.21 -0.91
N ARG A 15 7.42 -9.00 -1.91
CA ARG A 15 8.79 -9.43 -2.06
C ARG A 15 9.62 -8.34 -2.73
N ARG A 16 10.93 -8.54 -2.71
CA ARG A 16 11.84 -7.57 -3.32
C ARG A 16 11.87 -7.74 -4.83
N ALA A 17 10.69 -7.63 -5.42
CA ALA A 17 10.55 -7.77 -6.87
C ALA A 17 10.91 -9.21 -7.27
N LYS A 18 10.32 -9.65 -8.37
CA LYS A 18 10.57 -10.99 -8.87
C LYS A 18 9.92 -11.13 -10.26
N ALA A 19 8.70 -10.65 -10.36
CA ALA A 19 7.97 -10.73 -11.61
C ALA A 19 7.16 -9.44 -11.80
N HIS A 20 7.69 -8.36 -11.25
CA HIS A 20 7.03 -7.07 -11.35
C HIS A 20 8.07 -5.95 -11.27
N GLU A 21 7.57 -4.72 -11.22
CA GLU A 21 8.45 -3.56 -11.15
C GLU A 21 8.31 -2.88 -9.78
N GLY A 22 8.77 -3.59 -8.76
CA GLY A 22 8.70 -3.07 -7.41
C GLY A 22 8.18 -4.13 -6.44
N LEU A 23 6.97 -3.89 -5.95
CA LEU A 23 6.35 -4.81 -5.02
C LEU A 23 5.12 -5.45 -5.67
N GLY A 24 4.88 -5.05 -6.92
CA GLY A 24 3.76 -5.57 -7.67
C GLY A 24 2.69 -4.50 -7.87
N PHE A 25 2.66 -3.55 -6.95
CA PHE A 25 1.71 -2.46 -7.02
C PHE A 25 2.42 -1.11 -7.17
N SER A 26 1.93 -0.33 -8.12
CA SER A 26 2.51 0.98 -8.39
C SER A 26 1.80 2.03 -7.54
N ILE A 27 2.58 2.99 -7.06
CA ILE A 27 2.04 4.07 -6.25
C ILE A 27 1.96 5.35 -7.08
N ARG A 28 1.20 6.30 -6.57
CA ARG A 28 1.03 7.57 -7.25
C ARG A 28 0.73 8.68 -6.23
N GLY A 29 0.90 9.92 -6.69
CA GLY A 29 0.66 11.06 -5.85
C GLY A 29 1.97 11.62 -5.28
N GLY A 30 1.95 11.90 -3.99
CA GLY A 30 3.13 12.43 -3.32
C GLY A 30 2.90 13.87 -2.87
N SER A 31 3.78 14.33 -1.99
CA SER A 31 3.67 15.68 -1.46
C SER A 31 4.19 16.68 -2.50
N GLU A 32 3.59 16.62 -3.68
CA GLU A 32 3.97 17.51 -4.76
C GLU A 32 2.73 18.20 -5.33
N HIS A 33 1.68 17.42 -5.52
CA HIS A 33 0.44 17.94 -6.05
C HIS A 33 -0.49 18.36 -4.90
N GLY A 34 -0.16 17.87 -3.72
CA GLY A 34 -0.95 18.18 -2.54
C GLY A 34 -1.80 16.98 -2.11
N VAL A 35 -1.20 15.81 -2.19
CA VAL A 35 -1.88 14.59 -1.81
C VAL A 35 -1.01 13.79 -0.84
N GLY A 36 -1.04 12.48 -1.00
CA GLY A 36 -0.27 11.59 -0.14
C GLY A 36 0.36 10.46 -0.96
N ILE A 37 0.07 9.24 -0.53
CA ILE A 37 0.59 8.06 -1.21
C ILE A 37 -0.54 7.06 -1.42
N TYR A 38 -1.04 7.03 -2.66
CA TYR A 38 -2.12 6.12 -3.00
C TYR A 38 -1.70 5.17 -4.12
N VAL A 39 -2.30 4.00 -4.13
CA VAL A 39 -2.01 3.00 -5.14
C VAL A 39 -2.45 3.52 -6.51
N SER A 40 -1.72 3.13 -7.53
CA SER A 40 -2.02 3.55 -8.89
C SER A 40 -2.39 2.32 -9.74
N LEU A 41 -1.67 1.24 -9.51
CA LEU A 41 -1.89 0.01 -10.24
C LEU A 41 -1.62 -1.19 -9.32
N VAL A 42 -2.42 -2.23 -9.50
CA VAL A 42 -2.27 -3.43 -8.70
C VAL A 42 -2.41 -4.65 -9.61
N GLU A 43 -1.34 -5.44 -9.64
CA GLU A 43 -1.32 -6.63 -10.47
C GLU A 43 -2.31 -7.66 -9.92
N PRO A 44 -3.18 -8.18 -10.84
CA PRO A 44 -4.17 -9.17 -10.46
C PRO A 44 -3.54 -10.53 -10.25
N GLY A 45 -2.35 -10.70 -10.83
CA GLY A 45 -1.63 -11.95 -10.71
C GLY A 45 -0.38 -11.79 -9.84
N SER A 46 -0.50 -10.90 -8.86
CA SER A 46 0.61 -10.64 -7.96
C SER A 46 0.21 -11.02 -6.52
N LEU A 47 1.14 -10.79 -5.61
CA LEU A 47 0.90 -11.11 -4.21
C LEU A 47 0.08 -9.98 -3.57
N ALA A 48 0.51 -8.75 -3.84
CA ALA A 48 -0.17 -7.59 -3.31
C ALA A 48 -1.68 -7.76 -3.46
N GLU A 49 -2.09 -7.97 -4.70
CA GLU A 49 -3.51 -8.15 -5.00
C GLU A 49 -4.09 -9.26 -4.11
N LYS A 50 -3.29 -10.29 -3.89
CA LYS A 50 -3.71 -11.41 -3.07
C LYS A 50 -3.71 -10.98 -1.60
N GLU A 51 -2.86 -10.02 -1.30
CA GLU A 51 -2.75 -9.52 0.06
C GLU A 51 -3.96 -8.64 0.40
N GLY A 52 -4.61 -8.15 -0.65
CA GLY A 52 -5.77 -7.30 -0.47
C GLY A 52 -5.56 -5.94 -1.14
N LEU A 53 -4.29 -5.58 -1.30
CA LEU A 53 -3.95 -4.32 -1.92
C LEU A 53 -4.82 -4.11 -3.16
N ARG A 54 -4.82 -2.88 -3.64
CA ARG A 54 -5.59 -2.53 -4.82
C ARG A 54 -5.54 -1.02 -5.08
N VAL A 55 -5.81 -0.65 -6.31
CA VAL A 55 -5.79 0.75 -6.70
C VAL A 55 -6.86 1.50 -5.90
N GLY A 56 -6.40 2.47 -5.11
CA GLY A 56 -7.30 3.27 -4.30
C GLY A 56 -6.80 3.34 -2.86
N ASP A 57 -6.19 2.25 -2.41
CA ASP A 57 -5.66 2.19 -1.06
C ASP A 57 -4.76 3.39 -0.81
N GLN A 58 -4.22 3.45 0.40
CA GLN A 58 -3.34 4.55 0.78
C GLN A 58 -2.18 4.02 1.64
N ILE A 59 -0.97 4.21 1.12
CA ILE A 59 0.21 3.75 1.84
C ILE A 59 0.50 4.72 2.99
N LEU A 60 -0.14 4.43 4.12
CA LEU A 60 0.05 5.27 5.30
C LEU A 60 1.50 5.19 5.75
N ARG A 61 1.98 3.97 5.94
CA ARG A 61 3.35 3.76 6.37
C ARG A 61 4.07 2.83 5.39
N VAL A 62 5.38 2.73 5.57
CA VAL A 62 6.20 1.89 4.71
C VAL A 62 7.30 1.24 5.54
N ASN A 63 7.13 -0.06 5.80
CA ASN A 63 8.11 -0.80 6.57
C ASN A 63 8.06 -0.32 8.02
N ASP A 64 8.48 0.93 8.21
CA ASP A 64 8.49 1.51 9.54
C ASP A 64 8.21 3.02 9.43
N LYS A 65 8.88 3.64 8.48
CA LYS A 65 8.72 5.07 8.26
C LYS A 65 7.31 5.34 7.75
N SER A 66 6.88 6.59 7.89
CA SER A 66 5.56 6.99 7.45
C SER A 66 5.68 8.03 6.34
N LEU A 67 4.99 7.76 5.25
CA LEU A 67 5.00 8.67 4.10
C LEU A 67 3.91 9.73 4.30
N ALA A 68 3.87 10.28 5.50
CA ALA A 68 2.89 11.31 5.81
C ALA A 68 3.25 12.60 5.07
N ARG A 69 2.57 12.81 3.95
CA ARG A 69 2.80 13.99 3.14
C ARG A 69 4.27 14.08 2.73
N VAL A 70 4.68 13.13 1.90
CA VAL A 70 6.04 13.08 1.43
C VAL A 70 6.05 12.88 -0.09
N THR A 71 6.95 13.61 -0.75
CA THR A 71 7.07 13.52 -2.20
C THR A 71 7.03 12.05 -2.64
N HIS A 72 6.82 11.88 -3.94
CA HIS A 72 6.76 10.54 -4.51
C HIS A 72 8.10 9.83 -4.29
N ALA A 73 9.16 10.60 -4.47
CA ALA A 73 10.51 10.06 -4.31
C ALA A 73 10.69 9.62 -2.85
N GLU A 74 10.17 10.42 -1.95
CA GLU A 74 10.26 10.13 -0.53
C GLU A 74 9.74 8.72 -0.24
N ALA A 75 8.45 8.55 -0.46
CA ALA A 75 7.81 7.26 -0.24
C ALA A 75 8.57 6.18 -1.00
N VAL A 76 8.79 6.43 -2.28
CA VAL A 76 9.50 5.49 -3.13
C VAL A 76 10.83 5.12 -2.45
N LYS A 77 11.63 6.12 -2.20
CA LYS A 77 12.92 5.91 -1.56
C LYS A 77 12.74 5.01 -0.33
N ALA A 78 11.52 5.02 0.19
CA ALA A 78 11.20 4.21 1.36
C ALA A 78 10.71 2.84 0.90
N LEU A 79 9.87 2.85 -0.12
CA LEU A 79 9.32 1.62 -0.66
C LEU A 79 10.45 0.82 -1.31
N LYS A 80 11.02 -0.09 -0.55
CA LYS A 80 12.09 -0.93 -1.03
C LYS A 80 12.06 -2.29 -0.31
N GLY A 81 12.93 -2.42 0.67
CA GLY A 81 13.01 -3.64 1.45
C GLY A 81 13.05 -3.34 2.94
N SER A 82 14.18 -3.66 3.55
CA SER A 82 14.36 -3.44 4.97
C SER A 82 13.77 -4.60 5.77
N LYS A 83 14.44 -5.74 5.65
CA LYS A 83 13.99 -6.94 6.36
C LYS A 83 12.47 -7.06 6.25
N LYS A 84 12.03 -7.62 5.14
CA LYS A 84 10.60 -7.80 4.90
C LYS A 84 9.93 -6.42 4.84
N LEU A 85 9.49 -6.07 3.64
CA LEU A 85 8.82 -4.79 3.44
C LEU A 85 7.36 -4.91 3.84
N VAL A 86 7.01 -4.23 4.92
CA VAL A 86 5.65 -4.25 5.42
C VAL A 86 4.91 -3.00 4.93
N LEU A 87 4.08 -3.20 3.92
CA LEU A 87 3.31 -2.10 3.35
C LEU A 87 2.10 -1.81 4.26
N SER A 88 2.03 -0.56 4.70
CA SER A 88 0.94 -0.13 5.56
C SER A 88 -0.13 0.58 4.73
N VAL A 89 -1.28 -0.06 4.64
CA VAL A 89 -2.40 0.49 3.88
C VAL A 89 -3.65 0.46 4.76
N TYR A 90 -4.52 1.43 4.51
CA TYR A 90 -5.77 1.53 5.27
C TYR A 90 -6.96 1.13 4.39
N SER A 91 -7.93 0.50 5.03
CA SER A 91 -9.12 0.06 4.33
C SER A 91 -10.23 1.10 4.48
N ALA A 92 -11.02 1.25 3.43
CA ALA A 92 -12.12 2.20 3.43
C ALA A 92 -13.23 1.70 2.52
N GLY A 93 -13.68 0.48 2.81
CA GLY A 93 -14.74 -0.14 2.04
C GLY A 93 -14.47 -1.62 1.80
N ARG A 94 -15.54 -2.35 1.55
CA ARG A 94 -15.43 -3.79 1.31
C ARG A 94 -14.81 -4.04 -0.07
N ILE A 95 -15.14 -3.16 -1.00
CA ILE A 95 -14.62 -3.28 -2.35
C ILE A 95 -15.18 -4.55 -3.00
N SER A 96 -14.59 -5.68 -2.61
CA SER A 96 -15.02 -6.96 -3.14
C SER A 96 -14.51 -7.13 -4.58
N GLY A 97 -14.15 -8.37 -4.90
CA GLY A 97 -13.65 -8.68 -6.23
C GLY A 97 -14.07 -10.08 -6.66
N PRO A 98 -14.08 -10.30 -8.00
CA PRO A 98 -14.45 -11.59 -8.55
C PRO A 98 -13.32 -12.61 -8.36
N SER A 99 -13.68 -13.88 -8.50
CA SER A 99 -12.72 -14.95 -8.35
C SER A 99 -12.04 -15.23 -9.67
N SER A 100 -12.85 -15.56 -10.67
CA SER A 100 -12.34 -15.84 -12.00
C SER A 100 -13.49 -15.98 -13.00
N GLY A 101 -13.68 -14.93 -13.78
CA GLY A 101 -14.74 -14.93 -14.77
C GLY A 101 -14.18 -15.11 -16.18
N GLY A 1 -18.52 11.21 23.14
CA GLY A 1 -17.80 10.20 22.37
C GLY A 1 -17.39 9.02 23.26
N SER A 2 -17.55 7.83 22.72
CA SER A 2 -17.19 6.62 23.44
C SER A 2 -16.78 5.52 22.47
N SER A 3 -15.47 5.27 22.44
CA SER A 3 -14.94 4.25 21.56
C SER A 3 -15.18 4.64 20.10
N GLY A 4 -14.49 3.92 19.21
CA GLY A 4 -14.63 4.19 17.78
C GLY A 4 -15.85 3.44 17.21
N SER A 5 -15.61 2.76 16.11
CA SER A 5 -16.66 2.01 15.45
C SER A 5 -16.08 1.18 14.30
N SER A 6 -15.54 1.89 13.32
CA SER A 6 -14.96 1.25 12.16
C SER A 6 -13.62 1.91 11.81
N GLY A 7 -12.60 1.08 11.69
CA GLY A 7 -11.27 1.58 11.36
C GLY A 7 -10.20 0.55 11.71
N GLU A 8 -9.28 0.34 10.78
CA GLU A 8 -8.20 -0.60 10.98
C GLU A 8 -7.47 -0.87 9.66
N VAL A 9 -6.25 -0.37 9.58
CA VAL A 9 -5.45 -0.55 8.39
C VAL A 9 -4.97 -2.00 8.30
N ARG A 10 -4.53 -2.40 7.11
CA ARG A 10 -4.06 -3.74 6.90
C ARG A 10 -2.53 -3.75 6.80
N LEU A 11 -1.98 -4.96 6.81
CA LEU A 11 -0.53 -5.12 6.73
C LEU A 11 -0.19 -6.00 5.53
N VAL A 12 0.24 -5.35 4.46
CA VAL A 12 0.61 -6.06 3.24
C VAL A 12 2.13 -6.25 3.21
N SER A 13 2.52 -7.43 2.75
CA SER A 13 3.94 -7.75 2.65
C SER A 13 4.27 -8.23 1.24
N LEU A 14 5.13 -7.47 0.58
CA LEU A 14 5.54 -7.81 -0.77
C LEU A 14 7.01 -8.22 -0.77
N ARG A 15 7.26 -9.41 -1.30
CA ARG A 15 8.62 -9.93 -1.36
C ARG A 15 9.02 -10.19 -2.81
N ARG A 16 10.30 -10.49 -2.99
CA ARG A 16 10.82 -10.75 -4.32
C ARG A 16 12.35 -10.81 -4.29
N ALA A 17 12.92 -9.97 -3.44
CA ALA A 17 14.36 -9.91 -3.30
C ALA A 17 15.00 -9.69 -4.68
N LYS A 18 14.80 -8.49 -5.21
CA LYS A 18 15.34 -8.16 -6.51
C LYS A 18 15.38 -6.64 -6.66
N ALA A 19 14.28 -6.00 -6.25
CA ALA A 19 14.18 -4.56 -6.34
C ALA A 19 13.75 -4.16 -7.75
N HIS A 20 12.94 -5.02 -8.35
CA HIS A 20 12.44 -4.77 -9.69
C HIS A 20 11.67 -3.45 -9.71
N GLU A 21 10.81 -3.32 -10.71
CA GLU A 21 10.01 -2.12 -10.86
C GLU A 21 9.53 -1.63 -9.49
N GLY A 22 8.96 -2.55 -8.74
CA GLY A 22 8.46 -2.23 -7.41
C GLY A 22 8.03 -3.48 -6.65
N LEU A 23 6.94 -3.35 -5.93
CA LEU A 23 6.40 -4.46 -5.16
C LEU A 23 5.17 -5.03 -5.87
N GLY A 24 5.17 -4.88 -7.19
CA GLY A 24 4.07 -5.37 -7.99
C GLY A 24 2.94 -4.32 -8.08
N PHE A 25 2.99 -3.37 -7.16
CA PHE A 25 1.99 -2.32 -7.12
C PHE A 25 2.65 -0.94 -7.18
N SER A 26 2.08 -0.08 -8.01
CA SER A 26 2.60 1.27 -8.16
C SER A 26 1.94 2.20 -7.15
N ILE A 27 2.50 3.41 -7.06
CA ILE A 27 1.98 4.40 -6.13
C ILE A 27 1.74 5.71 -6.89
N ARG A 28 1.01 6.61 -6.23
CA ARG A 28 0.71 7.90 -6.82
C ARG A 28 0.57 8.97 -5.73
N GLY A 29 0.52 10.21 -6.17
CA GLY A 29 0.40 11.34 -5.25
C GLY A 29 1.76 11.73 -4.68
N GLY A 30 1.78 11.94 -3.38
CA GLY A 30 3.00 12.33 -2.69
C GLY A 30 2.99 13.81 -2.34
N SER A 31 4.08 14.25 -1.72
CA SER A 31 4.21 15.64 -1.32
C SER A 31 4.19 16.54 -2.55
N GLU A 32 4.76 17.72 -2.39
CA GLU A 32 4.81 18.68 -3.48
C GLU A 32 3.41 19.17 -3.83
N HIS A 33 2.62 18.27 -4.38
CA HIS A 33 1.25 18.59 -4.77
C HIS A 33 0.41 18.83 -3.51
N GLY A 34 0.65 18.00 -2.51
CA GLY A 34 -0.08 18.10 -1.26
C GLY A 34 -0.98 16.89 -1.05
N VAL A 35 -0.43 15.72 -1.32
CA VAL A 35 -1.18 14.48 -1.16
C VAL A 35 -0.26 13.40 -0.59
N GLY A 36 -0.87 12.47 0.13
CA GLY A 36 -0.12 11.38 0.73
C GLY A 36 0.33 10.36 -0.31
N ILE A 37 0.16 9.09 0.03
CA ILE A 37 0.54 8.02 -0.87
C ILE A 37 -0.67 7.11 -1.11
N TYR A 38 -0.71 6.52 -2.30
CA TYR A 38 -1.80 5.64 -2.65
C TYR A 38 -1.42 4.76 -3.86
N VAL A 39 -2.13 3.65 -4.00
CA VAL A 39 -1.88 2.73 -5.09
C VAL A 39 -2.72 3.14 -6.30
N SER A 40 -2.08 3.13 -7.45
CA SER A 40 -2.76 3.50 -8.69
C SER A 40 -2.76 2.31 -9.65
N LEU A 41 -1.98 1.29 -9.30
CA LEU A 41 -1.89 0.10 -10.13
C LEU A 41 -1.50 -1.09 -9.24
N VAL A 42 -2.11 -2.23 -9.54
CA VAL A 42 -1.83 -3.44 -8.79
C VAL A 42 -1.70 -4.62 -9.76
N GLU A 43 -0.58 -5.31 -9.64
CA GLU A 43 -0.30 -6.46 -10.50
C GLU A 43 -1.28 -7.59 -10.19
N PRO A 44 -1.86 -8.17 -11.27
CA PRO A 44 -2.81 -9.26 -11.14
C PRO A 44 -2.09 -10.56 -10.77
N GLY A 45 -2.88 -11.52 -10.31
CA GLY A 45 -2.34 -12.82 -9.92
C GLY A 45 -0.98 -12.66 -9.23
N SER A 46 -0.83 -11.53 -8.56
CA SER A 46 0.40 -11.24 -7.84
C SER A 46 0.19 -11.39 -6.34
N LEU A 47 1.25 -11.12 -5.59
CA LEU A 47 1.19 -11.22 -4.14
C LEU A 47 0.31 -10.09 -3.60
N ALA A 48 0.68 -8.87 -3.95
CA ALA A 48 -0.06 -7.71 -3.51
C ALA A 48 -1.56 -7.99 -3.63
N GLU A 49 -2.00 -8.15 -4.87
CA GLU A 49 -3.40 -8.43 -5.14
C GLU A 49 -3.89 -9.58 -4.27
N LYS A 50 -2.97 -10.46 -3.93
CA LYS A 50 -3.30 -11.61 -3.11
C LYS A 50 -3.50 -11.16 -1.66
N GLU A 51 -2.73 -10.15 -1.28
CA GLU A 51 -2.81 -9.61 0.07
C GLU A 51 -4.07 -8.76 0.22
N GLY A 52 -4.66 -8.43 -0.91
CA GLY A 52 -5.87 -7.62 -0.91
C GLY A 52 -5.62 -6.23 -1.50
N LEU A 53 -4.33 -5.87 -1.52
CA LEU A 53 -3.94 -4.57 -2.05
C LEU A 53 -4.72 -4.29 -3.33
N ARG A 54 -4.75 -3.01 -3.70
CA ARG A 54 -5.45 -2.60 -4.90
C ARG A 54 -5.50 -1.07 -4.99
N VAL A 55 -5.26 -0.58 -6.19
CA VAL A 55 -5.27 0.87 -6.42
C VAL A 55 -6.40 1.49 -5.61
N GLY A 56 -6.16 2.71 -5.16
CA GLY A 56 -7.15 3.43 -4.37
C GLY A 56 -6.78 3.41 -2.88
N ASP A 57 -5.87 2.51 -2.54
CA ASP A 57 -5.43 2.38 -1.16
C ASP A 57 -4.58 3.59 -0.78
N GLN A 58 -4.28 3.69 0.51
CA GLN A 58 -3.48 4.79 1.01
C GLN A 58 -2.31 4.27 1.84
N ILE A 59 -1.12 4.43 1.27
CA ILE A 59 0.09 3.98 1.94
C ILE A 59 0.43 4.93 3.08
N LEU A 60 -0.14 4.65 4.24
CA LEU A 60 0.10 5.48 5.42
C LEU A 60 1.54 5.28 5.89
N ARG A 61 1.95 4.02 5.92
CA ARG A 61 3.29 3.68 6.35
C ARG A 61 3.94 2.71 5.37
N VAL A 62 5.26 2.67 5.39
CA VAL A 62 6.01 1.79 4.51
C VAL A 62 7.19 1.19 5.27
N ASN A 63 7.11 -0.11 5.50
CA ASN A 63 8.16 -0.81 6.21
C ASN A 63 8.02 -0.53 7.72
N ASP A 64 8.06 0.74 8.05
CA ASP A 64 7.95 1.16 9.44
C ASP A 64 7.71 2.67 9.50
N LYS A 65 8.47 3.39 8.69
CA LYS A 65 8.36 4.83 8.64
C LYS A 65 7.02 5.21 8.00
N SER A 66 6.59 6.43 8.28
CA SER A 66 5.34 6.93 7.74
C SER A 66 5.61 7.91 6.59
N LEU A 67 4.79 7.80 5.56
CA LEU A 67 4.92 8.67 4.40
C LEU A 67 3.83 9.73 4.44
N ALA A 68 3.68 10.34 5.60
CA ALA A 68 2.68 11.38 5.78
C ALA A 68 2.64 12.27 4.52
N ARG A 69 3.71 13.04 4.35
CA ARG A 69 3.81 13.92 3.20
C ARG A 69 5.25 14.00 2.70
N VAL A 70 5.55 13.15 1.74
CA VAL A 70 6.89 13.11 1.17
C VAL A 70 6.79 12.96 -0.35
N THR A 71 7.72 13.60 -1.04
CA THR A 71 7.75 13.55 -2.49
C THR A 71 7.55 12.12 -2.98
N HIS A 72 7.24 11.99 -4.26
CA HIS A 72 7.03 10.68 -4.86
C HIS A 72 8.33 9.90 -4.86
N ALA A 73 9.43 10.63 -4.95
CA ALA A 73 10.76 10.03 -4.95
C ALA A 73 11.08 9.53 -3.55
N GLU A 74 10.54 10.22 -2.56
CA GLU A 74 10.77 9.87 -1.17
C GLU A 74 10.12 8.52 -0.85
N ALA A 75 8.80 8.49 -0.99
CA ALA A 75 8.04 7.28 -0.72
C ALA A 75 8.73 6.10 -1.41
N VAL A 76 9.05 6.31 -2.68
CA VAL A 76 9.70 5.27 -3.47
C VAL A 76 11.02 4.88 -2.79
N LYS A 77 11.85 5.89 -2.56
CA LYS A 77 13.14 5.66 -1.92
C LYS A 77 12.91 5.05 -0.54
N ALA A 78 11.72 5.25 -0.02
CA ALA A 78 11.37 4.73 1.29
C ALA A 78 10.88 3.28 1.15
N LEU A 79 10.16 3.04 0.06
CA LEU A 79 9.63 1.71 -0.21
C LEU A 79 10.77 0.69 -0.14
N LYS A 80 11.72 0.86 -1.04
CA LYS A 80 12.86 -0.05 -1.08
C LYS A 80 13.67 0.09 0.22
N GLY A 81 14.59 -0.84 0.39
CA GLY A 81 15.43 -0.83 1.59
C GLY A 81 14.74 -1.56 2.74
N SER A 82 15.55 -2.00 3.70
CA SER A 82 15.04 -2.70 4.85
C SER A 82 14.41 -4.03 4.42
N LYS A 83 14.54 -5.02 5.28
CA LYS A 83 13.99 -6.34 5.00
C LYS A 83 12.50 -6.36 5.38
N LYS A 84 11.82 -7.38 4.90
CA LYS A 84 10.40 -7.53 5.20
C LYS A 84 9.71 -6.17 5.09
N LEU A 85 9.25 -5.87 3.88
CA LEU A 85 8.57 -4.61 3.63
C LEU A 85 7.09 -4.75 3.96
N VAL A 86 6.72 -4.19 5.11
CA VAL A 86 5.34 -4.24 5.55
C VAL A 86 4.61 -2.98 5.11
N LEU A 87 3.85 -3.11 4.02
CA LEU A 87 3.09 -1.99 3.48
C LEU A 87 1.90 -1.71 4.39
N SER A 88 1.76 -0.45 4.75
CA SER A 88 0.66 -0.03 5.61
C SER A 88 -0.40 0.71 4.78
N VAL A 89 -1.56 0.08 4.68
CA VAL A 89 -2.66 0.66 3.94
C VAL A 89 -3.93 0.62 4.78
N TYR A 90 -4.64 1.75 4.78
CA TYR A 90 -5.87 1.86 5.55
C TYR A 90 -7.05 1.28 4.77
N SER A 91 -7.78 0.39 5.43
CA SER A 91 -8.94 -0.24 4.82
C SER A 91 -10.22 0.29 5.46
N ALA A 92 -11.25 0.38 4.62
CA ALA A 92 -12.54 0.87 5.09
C ALA A 92 -13.56 -0.27 5.05
N GLY A 93 -13.98 -0.70 6.23
CA GLY A 93 -14.95 -1.77 6.34
C GLY A 93 -14.37 -3.09 5.80
N ARG A 94 -14.91 -4.18 6.31
CA ARG A 94 -14.47 -5.50 5.89
C ARG A 94 -14.83 -5.74 4.43
N ILE A 95 -13.90 -6.37 3.72
CA ILE A 95 -14.11 -6.68 2.31
C ILE A 95 -14.88 -7.99 2.19
N SER A 96 -15.88 -7.98 1.32
CA SER A 96 -16.69 -9.16 1.10
C SER A 96 -16.81 -9.44 -0.40
N GLY A 97 -17.31 -10.63 -0.71
CA GLY A 97 -17.47 -11.03 -2.10
C GLY A 97 -16.59 -12.23 -2.43
N PRO A 98 -17.23 -13.24 -3.09
CA PRO A 98 -16.52 -14.45 -3.47
C PRO A 98 -15.59 -14.20 -4.66
N SER A 99 -14.90 -15.25 -5.07
CA SER A 99 -13.96 -15.15 -6.19
C SER A 99 -14.06 -16.41 -7.05
N SER A 100 -13.80 -17.54 -6.42
CA SER A 100 -13.84 -18.82 -7.11
C SER A 100 -12.99 -18.76 -8.38
N GLY A 101 -11.80 -19.31 -8.28
CA GLY A 101 -10.87 -19.32 -9.40
C GLY A 101 -9.57 -20.03 -9.02
N GLY A 1 -17.43 -3.30 16.94
CA GLY A 1 -18.45 -3.02 15.94
C GLY A 1 -19.70 -2.42 16.59
N SER A 2 -19.51 -1.30 17.25
CA SER A 2 -20.61 -0.63 17.92
C SER A 2 -20.68 0.84 17.48
N SER A 3 -21.86 1.42 17.64
CA SER A 3 -22.06 2.81 17.27
C SER A 3 -20.83 3.64 17.62
N GLY A 4 -20.09 4.02 16.59
CA GLY A 4 -18.89 4.82 16.79
C GLY A 4 -18.15 5.01 15.46
N SER A 5 -16.82 4.94 15.55
CA SER A 5 -15.99 5.10 14.38
C SER A 5 -15.68 3.74 13.75
N SER A 6 -15.25 3.77 12.50
CA SER A 6 -14.91 2.55 11.79
C SER A 6 -13.60 2.74 11.03
N GLY A 7 -13.08 1.63 10.53
CA GLY A 7 -11.84 1.65 9.78
C GLY A 7 -10.78 0.77 10.45
N GLU A 8 -10.06 0.04 9.62
CA GLU A 8 -9.01 -0.85 10.13
C GLU A 8 -7.88 -0.96 9.11
N VAL A 9 -6.71 -0.48 9.52
CA VAL A 9 -5.54 -0.53 8.66
C VAL A 9 -5.02 -1.96 8.58
N ARG A 10 -4.80 -2.42 7.36
CA ARG A 10 -4.30 -3.76 7.14
C ARG A 10 -2.78 -3.75 6.99
N LEU A 11 -2.21 -4.94 6.99
CA LEU A 11 -0.77 -5.07 6.87
C LEU A 11 -0.45 -5.93 5.63
N VAL A 12 0.11 -5.27 4.63
CA VAL A 12 0.47 -5.95 3.39
C VAL A 12 1.98 -6.13 3.33
N SER A 13 2.39 -7.28 2.82
CA SER A 13 3.81 -7.58 2.70
C SER A 13 4.13 -8.05 1.27
N LEU A 14 5.07 -7.34 0.66
CA LEU A 14 5.48 -7.67 -0.69
C LEU A 14 6.98 -7.99 -0.71
N ARG A 15 7.30 -9.12 -1.32
CA ARG A 15 8.69 -9.54 -1.42
C ARG A 15 9.05 -9.86 -2.87
N ARG A 16 10.17 -9.31 -3.30
CA ARG A 16 10.63 -9.53 -4.67
C ARG A 16 11.79 -8.58 -4.99
N ALA A 17 12.94 -9.18 -5.26
CA ALA A 17 14.12 -8.40 -5.59
C ALA A 17 15.16 -9.31 -6.25
N LYS A 18 15.45 -9.01 -7.50
CA LYS A 18 16.41 -9.79 -8.27
C LYS A 18 16.80 -9.02 -9.53
N ALA A 19 15.86 -9.00 -10.47
CA ALA A 19 16.09 -8.31 -11.73
C ALA A 19 14.81 -7.57 -12.14
N HIS A 20 14.03 -7.21 -11.13
CA HIS A 20 12.79 -6.50 -11.37
C HIS A 20 12.50 -5.55 -10.21
N GLU A 21 11.80 -4.47 -10.52
CA GLU A 21 11.46 -3.48 -9.53
C GLU A 21 9.94 -3.42 -9.34
N GLY A 22 9.55 -2.97 -8.15
CA GLY A 22 8.13 -2.85 -7.83
C GLY A 22 7.70 -3.97 -6.88
N LEU A 23 6.62 -3.69 -6.14
CA LEU A 23 6.10 -4.65 -5.19
C LEU A 23 4.81 -5.27 -5.76
N GLY A 24 4.65 -5.12 -7.06
CA GLY A 24 3.48 -5.65 -7.74
C GLY A 24 2.42 -4.56 -7.92
N PHE A 25 2.48 -3.56 -7.05
CA PHE A 25 1.53 -2.47 -7.10
C PHE A 25 2.26 -1.12 -7.24
N SER A 26 1.71 -0.28 -8.10
CA SER A 26 2.30 1.04 -8.34
C SER A 26 1.62 2.07 -7.44
N ILE A 27 2.40 3.05 -7.03
CA ILE A 27 1.90 4.11 -6.17
C ILE A 27 1.84 5.42 -6.97
N ARG A 28 1.11 6.38 -6.42
CA ARG A 28 0.96 7.67 -7.06
C ARG A 28 0.77 8.77 -6.02
N GLY A 29 0.72 10.00 -6.50
CA GLY A 29 0.54 11.14 -5.61
C GLY A 29 1.89 11.79 -5.28
N GLY A 30 2.04 12.15 -4.01
CA GLY A 30 3.27 12.77 -3.55
C GLY A 30 2.99 14.16 -2.96
N SER A 31 3.84 14.56 -2.03
CA SER A 31 3.69 15.84 -1.38
C SER A 31 3.89 16.97 -2.40
N GLU A 32 4.59 16.62 -3.48
CA GLU A 32 4.85 17.59 -4.53
C GLU A 32 3.56 17.99 -5.24
N HIS A 33 2.60 17.07 -5.19
CA HIS A 33 1.31 17.31 -5.82
C HIS A 33 0.33 17.85 -4.78
N GLY A 34 0.70 17.68 -3.52
CA GLY A 34 -0.13 18.14 -2.42
C GLY A 34 -0.92 16.98 -1.80
N VAL A 35 -0.57 15.78 -2.24
CA VAL A 35 -1.23 14.59 -1.75
C VAL A 35 -0.21 13.68 -1.07
N GLY A 36 -0.71 12.57 -0.53
CA GLY A 36 0.16 11.62 0.14
C GLY A 36 0.57 10.49 -0.80
N ILE A 37 0.34 9.26 -0.34
CA ILE A 37 0.69 8.09 -1.13
C ILE A 37 -0.56 7.20 -1.29
N TYR A 38 -0.76 6.74 -2.51
CA TYR A 38 -1.91 5.90 -2.80
C TYR A 38 -1.61 4.97 -3.99
N VAL A 39 -2.18 3.78 -3.93
CA VAL A 39 -1.99 2.80 -4.99
C VAL A 39 -2.54 3.36 -6.29
N SER A 40 -1.81 3.08 -7.37
CA SER A 40 -2.21 3.55 -8.69
C SER A 40 -2.54 2.37 -9.58
N LEU A 41 -1.77 1.30 -9.41
CA LEU A 41 -1.97 0.10 -10.19
C LEU A 41 -1.59 -1.12 -9.35
N VAL A 42 -2.37 -2.18 -9.53
CA VAL A 42 -2.13 -3.41 -8.79
C VAL A 42 -2.29 -4.60 -9.74
N GLU A 43 -1.20 -5.34 -9.89
CA GLU A 43 -1.20 -6.50 -10.77
C GLU A 43 -2.09 -7.60 -10.18
N PRO A 44 -2.89 -8.23 -11.08
CA PRO A 44 -3.78 -9.30 -10.67
C PRO A 44 -3.01 -10.59 -10.41
N GLY A 45 -1.81 -10.64 -10.96
CA GLY A 45 -0.96 -11.81 -10.80
C GLY A 45 0.25 -11.50 -9.92
N SER A 46 0.03 -10.61 -8.97
CA SER A 46 1.09 -10.21 -8.06
C SER A 46 0.70 -10.53 -6.61
N LEU A 47 1.70 -10.68 -5.77
CA LEU A 47 1.49 -10.99 -4.36
C LEU A 47 0.68 -9.85 -3.72
N ALA A 48 0.97 -8.64 -4.17
CA ALA A 48 0.29 -7.46 -3.66
C ALA A 48 -1.23 -7.66 -3.78
N GLU A 49 -1.64 -8.07 -4.97
CA GLU A 49 -3.06 -8.31 -5.22
C GLU A 49 -3.56 -9.48 -4.39
N LYS A 50 -2.62 -10.32 -3.98
CA LYS A 50 -2.96 -11.49 -3.18
C LYS A 50 -3.11 -11.07 -1.72
N GLU A 51 -2.32 -10.08 -1.32
CA GLU A 51 -2.37 -9.57 0.03
C GLU A 51 -3.64 -8.76 0.26
N GLY A 52 -4.36 -8.53 -0.83
CA GLY A 52 -5.60 -7.77 -0.77
C GLY A 52 -5.42 -6.38 -1.38
N LEU A 53 -4.16 -5.97 -1.49
CA LEU A 53 -3.84 -4.68 -2.05
C LEU A 53 -4.72 -4.42 -3.28
N ARG A 54 -4.77 -3.16 -3.68
CA ARG A 54 -5.57 -2.77 -4.83
C ARG A 54 -5.56 -1.25 -5.00
N VAL A 55 -5.82 -0.82 -6.23
CA VAL A 55 -5.84 0.60 -6.53
C VAL A 55 -6.93 1.28 -5.69
N GLY A 56 -6.48 2.19 -4.85
CA GLY A 56 -7.40 2.93 -3.98
C GLY A 56 -6.84 3.04 -2.56
N ASP A 57 -6.23 1.95 -2.11
CA ASP A 57 -5.65 1.92 -0.77
C ASP A 57 -4.76 3.16 -0.58
N GLN A 58 -4.38 3.38 0.67
CA GLN A 58 -3.54 4.51 1.01
C GLN A 58 -2.34 4.05 1.85
N ILE A 59 -1.16 4.19 1.26
CA ILE A 59 0.06 3.79 1.95
C ILE A 59 0.35 4.80 3.06
N LEU A 60 0.03 4.40 4.29
CA LEU A 60 0.27 5.25 5.43
C LEU A 60 1.73 5.13 5.86
N ARG A 61 2.14 3.89 6.09
CA ARG A 61 3.51 3.63 6.51
C ARG A 61 4.18 2.64 5.54
N VAL A 62 5.50 2.58 5.62
CA VAL A 62 6.27 1.69 4.78
C VAL A 62 7.44 1.12 5.56
N ASN A 63 7.36 -0.18 5.82
CA ASN A 63 8.40 -0.86 6.56
C ASN A 63 8.30 -0.47 8.04
N ASP A 64 8.44 0.82 8.28
CA ASP A 64 8.37 1.33 9.64
C ASP A 64 8.17 2.85 9.60
N LYS A 65 8.94 3.49 8.73
CA LYS A 65 8.85 4.93 8.57
C LYS A 65 7.50 5.30 7.96
N SER A 66 7.07 6.52 8.24
CA SER A 66 5.80 7.01 7.73
C SER A 66 6.04 7.95 6.54
N LEU A 67 5.12 7.88 5.58
CA LEU A 67 5.22 8.71 4.40
C LEU A 67 4.39 9.99 4.60
N ALA A 68 4.53 10.56 5.79
CA ALA A 68 3.81 11.77 6.12
C ALA A 68 4.05 12.83 5.03
N ARG A 69 3.14 12.86 4.07
CA ARG A 69 3.24 13.80 2.98
C ARG A 69 4.69 13.94 2.52
N VAL A 70 5.08 13.07 1.60
CA VAL A 70 6.44 13.08 1.09
C VAL A 70 6.39 12.95 -0.44
N THR A 71 7.40 13.53 -1.08
CA THR A 71 7.49 13.50 -2.54
C THR A 71 7.43 12.05 -3.03
N HIS A 72 7.01 11.91 -4.28
CA HIS A 72 6.90 10.59 -4.88
C HIS A 72 8.27 9.90 -4.84
N ALA A 73 9.31 10.71 -4.82
CA ALA A 73 10.66 10.19 -4.79
C ALA A 73 10.97 9.69 -3.37
N GLU A 74 10.31 10.30 -2.40
CA GLU A 74 10.50 9.92 -1.01
C GLU A 74 9.88 8.55 -0.74
N ALA A 75 8.57 8.47 -0.99
CA ALA A 75 7.85 7.23 -0.77
C ALA A 75 8.62 6.07 -1.43
N VAL A 76 8.98 6.29 -2.69
CA VAL A 76 9.71 5.28 -3.44
C VAL A 76 11.00 4.94 -2.69
N LYS A 77 11.75 5.98 -2.36
CA LYS A 77 13.01 5.80 -1.65
C LYS A 77 12.75 5.00 -0.37
N ALA A 78 11.50 5.02 0.05
CA ALA A 78 11.12 4.29 1.26
C ALA A 78 10.68 2.88 0.89
N LEU A 79 9.73 2.81 -0.04
CA LEU A 79 9.22 1.53 -0.49
C LEU A 79 10.39 0.62 -0.84
N LYS A 80 11.02 0.93 -1.96
CA LYS A 80 12.16 0.16 -2.42
C LYS A 80 11.81 -1.34 -2.36
N GLY A 81 12.83 -2.16 -2.49
CA GLY A 81 12.65 -3.61 -2.46
C GLY A 81 13.31 -4.21 -1.21
N SER A 82 12.61 -4.10 -0.10
CA SER A 82 13.12 -4.64 1.16
C SER A 82 12.39 -5.94 1.50
N LYS A 83 13.19 -6.98 1.69
CA LYS A 83 12.63 -8.29 2.04
C LYS A 83 11.56 -8.12 3.11
N LYS A 84 10.35 -8.54 2.78
CA LYS A 84 9.24 -8.44 3.71
C LYS A 84 8.91 -6.97 3.96
N LEU A 85 8.56 -6.28 2.88
CA LEU A 85 8.23 -4.87 2.96
C LEU A 85 6.82 -4.72 3.52
N VAL A 86 6.75 -4.32 4.78
CA VAL A 86 5.47 -4.13 5.44
C VAL A 86 4.81 -2.85 4.91
N LEU A 87 3.60 -3.02 4.39
CA LEU A 87 2.86 -1.90 3.85
C LEU A 87 1.60 -1.67 4.71
N SER A 88 1.50 -0.47 5.25
CA SER A 88 0.37 -0.11 6.07
C SER A 88 -0.66 0.67 5.24
N VAL A 89 -1.69 -0.06 4.82
CA VAL A 89 -2.75 0.54 4.02
C VAL A 89 -4.03 0.58 4.84
N TYR A 90 -4.75 1.69 4.70
CA TYR A 90 -6.01 1.87 5.42
C TYR A 90 -7.19 1.44 4.55
N SER A 91 -8.16 0.81 5.21
CA SER A 91 -9.36 0.36 4.52
C SER A 91 -10.48 1.37 4.69
N ALA A 92 -11.06 1.78 3.57
CA ALA A 92 -12.14 2.74 3.59
C ALA A 92 -13.48 1.99 3.72
N GLY A 93 -14.54 2.77 3.88
CA GLY A 93 -15.87 2.20 4.02
C GLY A 93 -16.40 1.70 2.68
N ARG A 94 -16.10 0.44 2.40
CA ARG A 94 -16.53 -0.18 1.15
C ARG A 94 -18.03 -0.50 1.22
N ILE A 95 -18.64 -0.49 0.05
CA ILE A 95 -20.07 -0.78 -0.05
C ILE A 95 -20.28 -2.03 -0.89
N SER A 96 -20.69 -3.10 -0.22
CA SER A 96 -20.93 -4.36 -0.90
C SER A 96 -21.69 -5.31 0.03
N GLY A 97 -22.21 -6.38 -0.57
CA GLY A 97 -22.96 -7.37 0.19
C GLY A 97 -22.26 -8.73 0.17
N PRO A 98 -22.77 -9.66 1.02
CA PRO A 98 -22.21 -10.99 1.11
C PRO A 98 -22.60 -11.84 -0.10
N SER A 99 -21.87 -12.92 -0.29
CA SER A 99 -22.13 -13.82 -1.40
C SER A 99 -21.54 -15.20 -1.09
N SER A 100 -22.08 -16.20 -1.79
CA SER A 100 -21.63 -17.57 -1.61
C SER A 100 -20.22 -17.74 -2.19
N GLY A 101 -19.37 -18.40 -1.43
CA GLY A 101 -18.00 -18.63 -1.85
C GLY A 101 -17.06 -18.72 -0.65
N GLY A 1 -26.65 0.15 10.08
CA GLY A 1 -25.90 -0.13 11.28
C GLY A 1 -26.34 0.77 12.43
N SER A 2 -25.91 0.43 13.63
CA SER A 2 -26.25 1.20 14.81
C SER A 2 -25.17 1.02 15.89
N SER A 3 -24.34 2.05 16.01
CA SER A 3 -23.27 2.03 16.99
C SER A 3 -22.26 0.93 16.63
N GLY A 4 -21.00 1.23 16.93
CA GLY A 4 -19.93 0.28 16.64
C GLY A 4 -18.69 1.01 16.09
N SER A 5 -17.54 0.40 16.34
CA SER A 5 -16.29 0.98 15.89
C SER A 5 -15.74 0.17 14.70
N SER A 6 -15.47 0.89 13.62
CA SER A 6 -14.95 0.26 12.42
C SER A 6 -13.72 1.02 11.92
N GLY A 7 -12.71 0.26 11.53
CA GLY A 7 -11.47 0.84 11.03
C GLY A 7 -10.26 0.02 11.47
N GLU A 8 -9.42 -0.30 10.51
CA GLU A 8 -8.22 -1.08 10.79
C GLU A 8 -7.41 -1.29 9.50
N VAL A 9 -6.20 -0.73 9.51
CA VAL A 9 -5.32 -0.84 8.36
C VAL A 9 -4.76 -2.26 8.28
N ARG A 10 -4.47 -2.70 7.06
CA ARG A 10 -3.94 -4.02 6.84
C ARG A 10 -2.42 -3.95 6.62
N LEU A 11 -1.77 -5.07 6.87
CA LEU A 11 -0.32 -5.16 6.70
C LEU A 11 -0.01 -6.02 5.47
N VAL A 12 0.32 -5.33 4.39
CA VAL A 12 0.64 -6.02 3.14
C VAL A 12 2.16 -6.20 3.06
N SER A 13 2.55 -7.36 2.54
CA SER A 13 3.97 -7.67 2.41
C SER A 13 4.26 -8.14 0.97
N LEU A 14 5.07 -7.35 0.28
CA LEU A 14 5.43 -7.67 -1.08
C LEU A 14 6.93 -7.95 -1.16
N ARG A 15 7.29 -8.87 -2.05
CA ARG A 15 8.68 -9.24 -2.23
C ARG A 15 9.44 -8.13 -2.96
N ARG A 16 10.75 -8.28 -3.02
CA ARG A 16 11.59 -7.30 -3.68
C ARG A 16 12.84 -7.98 -4.26
N ALA A 17 13.65 -8.51 -3.35
CA ALA A 17 14.87 -9.20 -3.76
C ALA A 17 15.90 -8.15 -4.19
N LYS A 18 15.68 -7.59 -5.37
CA LYS A 18 16.58 -6.59 -5.90
C LYS A 18 15.79 -5.59 -6.75
N ALA A 19 15.41 -6.04 -7.94
CA ALA A 19 14.64 -5.20 -8.84
C ALA A 19 13.58 -6.05 -9.54
N HIS A 20 13.02 -6.98 -8.79
CA HIS A 20 12.00 -7.86 -9.31
C HIS A 20 10.63 -7.19 -9.19
N GLU A 21 10.47 -6.10 -9.92
CA GLU A 21 9.22 -5.37 -9.89
C GLU A 21 9.04 -4.66 -8.54
N GLY A 22 8.53 -3.45 -8.61
CA GLY A 22 8.32 -2.66 -7.40
C GLY A 22 7.26 -3.31 -6.51
N LEU A 23 7.69 -4.36 -5.82
CA LEU A 23 6.79 -5.08 -4.93
C LEU A 23 5.73 -5.81 -5.76
N GLY A 24 4.98 -5.01 -6.52
CA GLY A 24 3.93 -5.56 -7.36
C GLY A 24 2.87 -4.50 -7.68
N PHE A 25 2.81 -3.50 -6.82
CA PHE A 25 1.86 -2.42 -7.00
C PHE A 25 2.57 -1.08 -7.21
N SER A 26 1.93 -0.22 -7.99
CA SER A 26 2.50 1.08 -8.28
C SER A 26 1.84 2.14 -7.39
N ILE A 27 2.69 3.01 -6.84
CA ILE A 27 2.22 4.07 -5.97
C ILE A 27 2.15 5.38 -6.75
N ARG A 28 1.45 6.34 -6.18
CA ARG A 28 1.30 7.64 -6.81
C ARG A 28 1.03 8.72 -5.76
N GLY A 29 1.20 9.96 -6.17
CA GLY A 29 0.97 11.08 -5.28
C GLY A 29 2.29 11.76 -4.90
N GLY A 30 2.31 12.31 -3.70
CA GLY A 30 3.50 12.99 -3.21
C GLY A 30 3.15 14.34 -2.59
N SER A 31 4.01 14.79 -1.69
CA SER A 31 3.81 16.06 -1.02
C SER A 31 3.88 17.20 -2.03
N GLU A 32 4.59 16.95 -3.12
CA GLU A 32 4.74 17.94 -4.16
C GLU A 32 3.37 18.33 -4.73
N HIS A 33 2.47 17.37 -4.73
CA HIS A 33 1.13 17.60 -5.23
C HIS A 33 0.22 18.09 -4.10
N GLY A 34 0.72 17.94 -2.88
CA GLY A 34 -0.02 18.36 -1.71
C GLY A 34 -0.79 17.18 -1.10
N VAL A 35 -0.68 16.04 -1.76
CA VAL A 35 -1.36 14.84 -1.29
C VAL A 35 -0.32 13.86 -0.73
N GLY A 36 -0.83 12.75 -0.22
CA GLY A 36 0.04 11.72 0.36
C GLY A 36 0.42 10.68 -0.70
N ILE A 37 0.17 9.42 -0.34
CA ILE A 37 0.48 8.32 -1.24
C ILE A 37 -0.75 7.42 -1.39
N TYR A 38 -0.85 6.80 -2.56
CA TYR A 38 -1.96 5.92 -2.84
C TYR A 38 -1.64 4.97 -4.00
N VAL A 39 -2.21 3.79 -3.93
CA VAL A 39 -1.99 2.78 -4.97
C VAL A 39 -2.48 3.33 -6.31
N SER A 40 -1.73 3.01 -7.36
CA SER A 40 -2.09 3.46 -8.69
C SER A 40 -2.43 2.26 -9.57
N LEU A 41 -1.69 1.18 -9.36
CA LEU A 41 -1.91 -0.04 -10.13
C LEU A 41 -1.60 -1.25 -9.26
N VAL A 42 -2.30 -2.33 -9.53
CA VAL A 42 -2.11 -3.56 -8.78
C VAL A 42 -2.09 -4.76 -9.74
N GLU A 43 -0.98 -5.47 -9.72
CA GLU A 43 -0.82 -6.62 -10.59
C GLU A 43 -1.80 -7.73 -10.18
N PRO A 44 -2.38 -8.39 -11.22
CA PRO A 44 -3.33 -9.47 -10.97
C PRO A 44 -2.61 -10.74 -10.53
N GLY A 45 -3.39 -11.65 -9.96
CA GLY A 45 -2.85 -12.91 -9.47
C GLY A 45 -1.48 -12.70 -8.84
N SER A 46 -1.29 -11.52 -8.28
CA SER A 46 -0.04 -11.18 -7.62
C SER A 46 -0.19 -11.28 -6.11
N LEU A 47 0.93 -11.11 -5.43
CA LEU A 47 0.94 -11.18 -3.98
C LEU A 47 0.14 -10.01 -3.40
N ALA A 48 0.40 -8.83 -3.97
CA ALA A 48 -0.27 -7.63 -3.52
C ALA A 48 -1.79 -7.87 -3.52
N GLU A 49 -2.33 -8.01 -4.72
CA GLU A 49 -3.76 -8.25 -4.87
C GLU A 49 -4.22 -9.36 -3.91
N LYS A 50 -3.35 -10.34 -3.74
CA LYS A 50 -3.65 -11.46 -2.86
C LYS A 50 -3.64 -10.98 -1.41
N GLU A 51 -2.76 -10.02 -1.14
CA GLU A 51 -2.64 -9.46 0.19
C GLU A 51 -3.87 -8.60 0.52
N GLY A 52 -4.56 -8.18 -0.53
CA GLY A 52 -5.74 -7.35 -0.37
C GLY A 52 -5.57 -6.00 -1.08
N LEU A 53 -4.32 -5.66 -1.32
CA LEU A 53 -4.00 -4.40 -1.98
C LEU A 53 -4.92 -4.22 -3.19
N ARG A 54 -5.08 -2.98 -3.59
CA ARG A 54 -5.93 -2.65 -4.73
C ARG A 54 -5.98 -1.14 -4.96
N VAL A 55 -5.91 -0.77 -6.22
CA VAL A 55 -5.93 0.64 -6.59
C VAL A 55 -7.06 1.34 -5.82
N GLY A 56 -6.66 2.17 -4.87
CA GLY A 56 -7.62 2.90 -4.07
C GLY A 56 -7.13 3.05 -2.62
N ASP A 57 -6.49 2.00 -2.15
CA ASP A 57 -5.98 1.99 -0.79
C ASP A 57 -5.14 3.25 -0.56
N GLN A 58 -4.62 3.37 0.65
CA GLN A 58 -3.80 4.52 1.00
C GLN A 58 -2.57 4.08 1.78
N ILE A 59 -1.41 4.29 1.18
CA ILE A 59 -0.15 3.92 1.80
C ILE A 59 0.18 4.93 2.91
N LEU A 60 -0.25 4.59 4.11
CA LEU A 60 -0.01 5.45 5.26
C LEU A 60 1.44 5.29 5.72
N ARG A 61 1.81 4.04 5.96
CA ARG A 61 3.16 3.74 6.41
C ARG A 61 3.82 2.72 5.47
N VAL A 62 5.13 2.66 5.53
CA VAL A 62 5.88 1.73 4.69
C VAL A 62 7.06 1.18 5.49
N ASN A 63 7.00 -0.11 5.76
CA ASN A 63 8.05 -0.78 6.51
C ASN A 63 7.97 -0.35 7.97
N ASP A 64 8.13 0.94 8.19
CA ASP A 64 8.08 1.49 9.53
C ASP A 64 7.83 3.00 9.45
N LYS A 65 8.59 3.64 8.57
CA LYS A 65 8.46 5.08 8.39
C LYS A 65 7.09 5.40 7.78
N SER A 66 6.60 6.58 8.11
CA SER A 66 5.30 7.02 7.61
C SER A 66 5.50 8.04 6.49
N LEU A 67 4.71 7.88 5.44
CA LEU A 67 4.78 8.78 4.30
C LEU A 67 3.69 9.85 4.43
N ALA A 68 3.59 10.40 5.63
CA ALA A 68 2.60 11.42 5.90
C ALA A 68 2.52 12.39 4.70
N ARG A 69 3.58 13.19 4.57
CA ARG A 69 3.65 14.15 3.49
C ARG A 69 5.09 14.24 2.96
N VAL A 70 5.37 13.42 1.95
CA VAL A 70 6.69 13.40 1.36
C VAL A 70 6.55 13.27 -0.16
N THR A 71 7.56 13.78 -0.86
CA THR A 71 7.56 13.72 -2.31
C THR A 71 7.40 12.28 -2.80
N HIS A 72 7.01 12.15 -4.05
CA HIS A 72 6.82 10.84 -4.65
C HIS A 72 8.14 10.07 -4.61
N ALA A 73 9.23 10.80 -4.74
CA ALA A 73 10.55 10.20 -4.74
C ALA A 73 10.84 9.65 -3.33
N GLU A 74 10.40 10.40 -2.34
CA GLU A 74 10.61 10.01 -0.95
C GLU A 74 10.02 8.61 -0.71
N ALA A 75 8.71 8.52 -0.87
CA ALA A 75 8.01 7.26 -0.68
C ALA A 75 8.79 6.14 -1.36
N VAL A 76 9.09 6.37 -2.63
CA VAL A 76 9.84 5.39 -3.41
C VAL A 76 11.14 5.04 -2.68
N LYS A 77 11.95 6.07 -2.47
CA LYS A 77 13.22 5.89 -1.79
C LYS A 77 12.99 5.14 -0.48
N ALA A 78 11.77 5.26 0.03
CA ALA A 78 11.41 4.61 1.27
C ALA A 78 10.95 3.18 0.98
N LEU A 79 10.37 3.01 -0.20
CA LEU A 79 9.89 1.70 -0.62
C LEU A 79 11.07 0.82 -1.00
N LYS A 80 11.97 0.64 -0.05
CA LYS A 80 13.15 -0.18 -0.28
C LYS A 80 13.85 -0.42 1.06
N GLY A 81 14.92 -1.20 0.99
CA GLY A 81 15.69 -1.53 2.18
C GLY A 81 14.83 -2.26 3.22
N SER A 82 15.50 -2.74 4.25
CA SER A 82 14.82 -3.45 5.31
C SER A 82 14.20 -4.74 4.76
N LYS A 83 14.77 -5.86 5.19
CA LYS A 83 14.29 -7.16 4.74
C LYS A 83 12.79 -7.26 4.99
N LYS A 84 12.09 -7.78 4.00
CA LYS A 84 10.65 -7.94 4.11
C LYS A 84 10.02 -6.58 4.41
N LEU A 85 9.44 -5.98 3.38
CA LEU A 85 8.80 -4.68 3.52
C LEU A 85 7.33 -4.89 3.89
N VAL A 86 6.90 -4.14 4.89
CA VAL A 86 5.52 -4.22 5.35
C VAL A 86 4.77 -2.95 4.94
N LEU A 87 3.92 -3.11 3.93
CA LEU A 87 3.14 -1.98 3.43
C LEU A 87 1.95 -1.76 4.35
N SER A 88 1.78 -0.50 4.76
CA SER A 88 0.68 -0.14 5.64
C SER A 88 -0.39 0.60 4.85
N VAL A 89 -1.52 -0.07 4.68
CA VAL A 89 -2.63 0.51 3.95
C VAL A 89 -3.90 0.43 4.80
N TYR A 90 -4.67 1.51 4.76
CA TYR A 90 -5.90 1.57 5.53
C TYR A 90 -7.05 0.90 4.78
N SER A 91 -8.01 0.39 5.55
CA SER A 91 -9.16 -0.27 4.96
C SER A 91 -10.43 0.52 5.28
N ALA A 92 -11.30 0.61 4.28
CA ALA A 92 -12.55 1.33 4.43
C ALA A 92 -13.70 0.32 4.54
N GLY A 93 -14.89 0.86 4.80
CA GLY A 93 -16.07 0.03 4.93
C GLY A 93 -16.87 -0.01 3.62
N ARG A 94 -16.58 -1.04 2.82
CA ARG A 94 -17.26 -1.19 1.54
C ARG A 94 -18.35 -2.26 1.65
N ILE A 95 -19.01 -2.50 0.53
CA ILE A 95 -20.07 -3.50 0.48
C ILE A 95 -19.53 -4.80 -0.09
N SER A 96 -18.24 -5.02 0.13
CA SER A 96 -17.58 -6.21 -0.37
C SER A 96 -16.75 -6.85 0.75
N GLY A 97 -16.84 -8.18 0.84
CA GLY A 97 -16.10 -8.91 1.84
C GLY A 97 -15.10 -9.88 1.20
N PRO A 98 -14.97 -11.07 1.83
CA PRO A 98 -14.07 -12.09 1.33
C PRO A 98 -14.66 -12.78 0.08
N SER A 99 -13.81 -13.56 -0.57
CA SER A 99 -14.23 -14.28 -1.77
C SER A 99 -13.40 -15.56 -1.92
N SER A 100 -14.10 -16.62 -2.29
CA SER A 100 -13.45 -17.90 -2.48
C SER A 100 -12.87 -18.40 -1.16
N GLY A 101 -12.68 -19.71 -1.09
CA GLY A 101 -12.13 -20.33 0.12
C GLY A 101 -12.82 -19.78 1.37
N GLY A 1 -22.76 3.65 26.30
CA GLY A 1 -21.68 3.97 25.40
C GLY A 1 -21.96 3.42 24.00
N SER A 2 -21.35 4.05 23.00
CA SER A 2 -21.53 3.63 21.62
C SER A 2 -20.48 4.30 20.73
N SER A 3 -19.98 3.53 19.79
CA SER A 3 -18.97 4.04 18.87
C SER A 3 -17.77 4.57 19.66
N GLY A 4 -16.67 4.79 18.93
CA GLY A 4 -15.46 5.30 19.53
C GLY A 4 -14.41 5.62 18.48
N SER A 5 -13.62 4.61 18.14
CA SER A 5 -12.58 4.77 17.14
C SER A 5 -12.86 3.87 15.93
N SER A 6 -12.24 4.21 14.82
CA SER A 6 -12.41 3.45 13.59
C SER A 6 -11.11 3.43 12.81
N GLY A 7 -10.98 2.40 11.97
CA GLY A 7 -9.79 2.25 11.14
C GLY A 7 -9.33 0.79 11.11
N GLU A 8 -9.40 0.22 9.92
CA GLU A 8 -9.00 -1.16 9.73
C GLU A 8 -7.79 -1.25 8.80
N VAL A 9 -6.66 -0.77 9.32
CA VAL A 9 -5.42 -0.79 8.56
C VAL A 9 -4.87 -2.22 8.52
N ARG A 10 -4.36 -2.58 7.36
CA ARG A 10 -3.79 -3.91 7.18
C ARG A 10 -2.31 -3.81 6.77
N LEU A 11 -1.56 -4.81 7.17
CA LEU A 11 -0.13 -4.84 6.84
C LEU A 11 0.09 -5.81 5.68
N VAL A 12 0.42 -5.23 4.53
CA VAL A 12 0.66 -6.03 3.34
C VAL A 12 2.16 -6.32 3.22
N SER A 13 2.46 -7.49 2.68
CA SER A 13 3.85 -7.89 2.52
C SER A 13 4.09 -8.36 1.07
N LEU A 14 5.05 -7.71 0.43
CA LEU A 14 5.38 -8.05 -0.94
C LEU A 14 6.85 -8.50 -1.02
N ARG A 15 7.04 -9.72 -1.47
CA ARG A 15 8.38 -10.27 -1.61
C ARG A 15 9.05 -9.74 -2.87
N ARG A 16 10.35 -10.01 -2.96
CA ARG A 16 11.12 -9.57 -4.11
C ARG A 16 11.14 -8.04 -4.18
N ALA A 17 12.15 -7.47 -3.55
CA ALA A 17 12.30 -6.02 -3.53
C ALA A 17 13.62 -5.63 -4.21
N LYS A 18 13.48 -5.08 -5.41
CA LYS A 18 14.65 -4.66 -6.17
C LYS A 18 14.56 -3.17 -6.45
N ALA A 19 13.66 -2.81 -7.36
CA ALA A 19 13.47 -1.42 -7.72
C ALA A 19 12.76 -1.34 -9.08
N HIS A 20 12.95 -2.37 -9.87
CA HIS A 20 12.34 -2.43 -11.18
C HIS A 20 10.84 -2.75 -11.04
N GLU A 21 10.49 -3.26 -9.87
CA GLU A 21 9.11 -3.61 -9.58
C GLU A 21 8.66 -3.00 -8.26
N GLY A 22 7.54 -2.29 -8.31
CA GLY A 22 7.00 -1.65 -7.13
C GLY A 22 6.26 -2.67 -6.25
N LEU A 23 6.96 -3.74 -5.91
CA LEU A 23 6.38 -4.79 -5.09
C LEU A 23 5.20 -5.41 -5.82
N GLY A 24 5.09 -5.08 -7.10
CA GLY A 24 4.00 -5.60 -7.91
C GLY A 24 2.89 -4.56 -8.08
N PHE A 25 2.88 -3.60 -7.17
CA PHE A 25 1.89 -2.54 -7.22
C PHE A 25 2.56 -1.17 -7.36
N SER A 26 1.94 -0.35 -8.21
CA SER A 26 2.46 0.99 -8.45
C SER A 26 1.87 1.98 -7.45
N ILE A 27 2.40 3.19 -7.48
CA ILE A 27 1.93 4.23 -6.57
C ILE A 27 1.74 5.53 -7.36
N ARG A 28 1.13 6.51 -6.70
CA ARG A 28 0.90 7.80 -7.32
C ARG A 28 0.71 8.87 -6.25
N GLY A 29 0.59 10.11 -6.71
CA GLY A 29 0.41 11.23 -5.80
C GLY A 29 1.76 11.84 -5.42
N GLY A 30 1.92 12.08 -4.12
CA GLY A 30 3.15 12.66 -3.61
C GLY A 30 2.88 14.02 -2.97
N SER A 31 3.82 14.44 -2.14
CA SER A 31 3.70 15.72 -1.46
C SER A 31 3.78 16.87 -2.48
N GLU A 32 4.52 16.62 -3.55
CA GLU A 32 4.68 17.60 -4.60
C GLU A 32 3.33 17.94 -5.22
N HIS A 33 2.35 17.08 -4.94
CA HIS A 33 1.01 17.28 -5.47
C HIS A 33 0.07 17.69 -4.34
N GLY A 34 0.57 17.58 -3.12
CA GLY A 34 -0.21 17.94 -1.95
C GLY A 34 -1.10 16.78 -1.51
N VAL A 35 -0.66 15.58 -1.85
CA VAL A 35 -1.42 14.38 -1.49
C VAL A 35 -0.49 13.39 -0.78
N GLY A 36 -1.10 12.40 -0.15
CA GLY A 36 -0.34 11.39 0.56
C GLY A 36 0.25 10.36 -0.40
N ILE A 37 0.00 9.09 -0.10
CA ILE A 37 0.51 8.01 -0.93
C ILE A 37 -0.62 7.01 -1.20
N TYR A 38 -0.62 6.49 -2.41
CA TYR A 38 -1.63 5.53 -2.82
C TYR A 38 -1.15 4.69 -4.00
N VAL A 39 -1.90 3.63 -4.26
CA VAL A 39 -1.56 2.72 -5.36
C VAL A 39 -2.17 3.26 -6.66
N SER A 40 -1.40 3.15 -7.73
CA SER A 40 -1.84 3.62 -9.03
C SER A 40 -2.03 2.42 -9.97
N LEU A 41 -1.36 1.34 -9.64
CA LEU A 41 -1.44 0.13 -10.44
C LEU A 41 -1.19 -1.10 -9.55
N VAL A 42 -1.88 -2.18 -9.88
CA VAL A 42 -1.74 -3.41 -9.13
C VAL A 42 -1.62 -4.59 -10.10
N GLU A 43 -0.60 -5.40 -9.87
CA GLU A 43 -0.37 -6.57 -10.71
C GLU A 43 -1.44 -7.62 -10.46
N PRO A 44 -1.88 -8.27 -11.57
CA PRO A 44 -2.91 -9.30 -11.49
C PRO A 44 -2.32 -10.60 -10.93
N GLY A 45 -3.22 -11.43 -10.41
CA GLY A 45 -2.81 -12.70 -9.84
C GLY A 45 -1.48 -12.57 -9.10
N SER A 46 -1.28 -11.40 -8.51
CA SER A 46 -0.06 -11.13 -7.77
C SER A 46 -0.32 -11.27 -6.27
N LEU A 47 0.74 -11.07 -5.50
CA LEU A 47 0.65 -11.17 -4.05
C LEU A 47 -0.16 -9.99 -3.51
N ALA A 48 0.30 -8.79 -3.88
CA ALA A 48 -0.37 -7.58 -3.44
C ALA A 48 -1.88 -7.77 -3.52
N GLU A 49 -2.36 -7.97 -4.73
CA GLU A 49 -3.79 -8.17 -4.96
C GLU A 49 -4.33 -9.23 -3.99
N LYS A 50 -3.52 -10.24 -3.74
CA LYS A 50 -3.90 -11.31 -2.84
C LYS A 50 -3.90 -10.78 -1.41
N GLU A 51 -2.99 -9.86 -1.15
CA GLU A 51 -2.89 -9.27 0.18
C GLU A 51 -4.05 -8.31 0.43
N GLY A 52 -4.65 -7.86 -0.65
CA GLY A 52 -5.78 -6.93 -0.56
C GLY A 52 -5.51 -5.66 -1.35
N LEU A 53 -4.24 -5.34 -1.49
CA LEU A 53 -3.83 -4.15 -2.21
C LEU A 53 -4.71 -3.99 -3.45
N ARG A 54 -4.83 -2.75 -3.89
CA ARG A 54 -5.64 -2.46 -5.07
C ARG A 54 -5.61 -0.95 -5.36
N VAL A 55 -5.54 -0.63 -6.65
CA VAL A 55 -5.51 0.76 -7.07
C VAL A 55 -6.58 1.55 -6.30
N GLY A 56 -6.12 2.27 -5.29
CA GLY A 56 -7.01 3.07 -4.48
C GLY A 56 -6.57 3.06 -3.00
N ASP A 57 -5.83 2.02 -2.65
CA ASP A 57 -5.34 1.88 -1.28
C ASP A 57 -4.63 3.18 -0.88
N GLN A 58 -4.15 3.18 0.36
CA GLN A 58 -3.46 4.34 0.89
C GLN A 58 -2.30 3.90 1.79
N ILE A 59 -1.09 4.12 1.31
CA ILE A 59 0.10 3.76 2.05
C ILE A 59 0.35 4.80 3.13
N LEU A 60 0.05 4.42 4.37
CA LEU A 60 0.25 5.32 5.49
C LEU A 60 1.70 5.23 5.96
N ARG A 61 2.19 4.00 6.07
CA ARG A 61 3.55 3.76 6.50
C ARG A 61 4.25 2.78 5.55
N VAL A 62 5.56 2.73 5.68
CA VAL A 62 6.36 1.84 4.85
C VAL A 62 7.45 1.19 5.70
N ASN A 63 7.33 -0.11 5.87
CA ASN A 63 8.30 -0.86 6.66
C ASN A 63 8.11 -0.53 8.14
N ASP A 64 8.32 0.75 8.46
CA ASP A 64 8.18 1.21 9.82
C ASP A 64 7.95 2.72 9.82
N LYS A 65 8.74 3.42 9.02
CA LYS A 65 8.63 4.85 8.92
C LYS A 65 7.30 5.22 8.26
N SER A 66 6.78 6.37 8.65
CA SER A 66 5.52 6.85 8.10
C SER A 66 5.77 7.94 7.07
N LEU A 67 5.18 7.73 5.90
CA LEU A 67 5.34 8.70 4.81
C LEU A 67 4.85 10.07 5.28
N ALA A 68 3.56 10.11 5.62
CA ALA A 68 2.96 11.36 6.08
C ALA A 68 3.19 12.45 5.03
N ARG A 69 2.67 12.19 3.83
CA ARG A 69 2.81 13.13 2.74
C ARG A 69 4.29 13.40 2.44
N VAL A 70 4.77 12.80 1.36
CA VAL A 70 6.15 12.96 0.97
C VAL A 70 6.25 12.88 -0.56
N THR A 71 7.19 13.64 -1.10
CA THR A 71 7.39 13.67 -2.54
C THR A 71 7.34 12.25 -3.12
N HIS A 72 6.78 12.15 -4.30
CA HIS A 72 6.66 10.86 -4.96
C HIS A 72 8.01 10.15 -4.94
N ALA A 73 9.07 10.94 -4.87
CA ALA A 73 10.41 10.41 -4.83
C ALA A 73 10.71 9.85 -3.44
N GLU A 74 10.22 10.57 -2.44
CA GLU A 74 10.42 10.16 -1.06
C GLU A 74 9.78 8.79 -0.81
N ALA A 75 8.46 8.76 -0.91
CA ALA A 75 7.72 7.54 -0.71
C ALA A 75 8.48 6.37 -1.36
N VAL A 76 8.85 6.58 -2.61
CA VAL A 76 9.57 5.57 -3.35
C VAL A 76 10.84 5.18 -2.58
N LYS A 77 11.64 6.18 -2.27
CA LYS A 77 12.87 5.96 -1.53
C LYS A 77 12.57 5.17 -0.27
N ALA A 78 11.31 5.25 0.15
CA ALA A 78 10.88 4.54 1.35
C ALA A 78 10.43 3.13 0.98
N LEU A 79 9.72 3.04 -0.15
CA LEU A 79 9.23 1.76 -0.63
C LEU A 79 10.35 1.05 -1.40
N LYS A 80 11.39 0.68 -0.66
CA LYS A 80 12.51 -0.01 -1.27
C LYS A 80 12.84 -1.27 -0.47
N GLY A 81 13.84 -2.00 -0.93
CA GLY A 81 14.25 -3.22 -0.27
C GLY A 81 14.47 -2.98 1.22
N SER A 82 14.19 -4.02 2.01
CA SER A 82 14.36 -3.93 3.45
C SER A 82 13.85 -5.21 4.11
N LYS A 83 14.43 -5.52 5.26
CA LYS A 83 14.04 -6.70 6.00
C LYS A 83 12.52 -6.78 6.08
N LYS A 84 11.94 -7.53 5.14
CA LYS A 84 10.50 -7.69 5.09
C LYS A 84 9.85 -6.32 4.97
N LEU A 85 9.32 -6.05 3.78
CA LEU A 85 8.66 -4.79 3.51
C LEU A 85 7.17 -4.91 3.83
N VAL A 86 6.79 -4.36 4.98
CA VAL A 86 5.40 -4.40 5.41
C VAL A 86 4.70 -3.09 5.00
N LEU A 87 3.85 -3.21 3.99
CA LEU A 87 3.11 -2.06 3.50
C LEU A 87 1.91 -1.80 4.41
N SER A 88 1.91 -0.62 5.01
CA SER A 88 0.83 -0.24 5.91
C SER A 88 -0.25 0.52 5.13
N VAL A 89 -1.32 -0.20 4.81
CA VAL A 89 -2.42 0.39 4.07
C VAL A 89 -3.64 0.50 4.99
N TYR A 90 -4.52 1.43 4.63
CA TYR A 90 -5.73 1.65 5.41
C TYR A 90 -6.97 1.19 4.65
N SER A 91 -7.93 0.69 5.40
CA SER A 91 -9.18 0.21 4.81
C SER A 91 -10.38 0.77 5.59
N ALA A 92 -11.52 0.77 4.91
CA ALA A 92 -12.74 1.28 5.52
C ALA A 92 -13.94 0.67 4.79
N GLY A 93 -15.03 0.54 5.54
CA GLY A 93 -16.26 -0.02 4.99
C GLY A 93 -16.03 -1.45 4.51
N ARG A 94 -17.10 -2.24 4.56
CA ARG A 94 -17.02 -3.62 4.13
C ARG A 94 -16.37 -3.72 2.74
N ILE A 95 -15.52 -4.72 2.58
CA ILE A 95 -14.84 -4.92 1.32
C ILE A 95 -15.28 -6.26 0.72
N SER A 96 -15.02 -6.41 -0.57
CA SER A 96 -15.38 -7.63 -1.27
C SER A 96 -14.11 -8.44 -1.58
N GLY A 97 -14.31 -9.75 -1.74
CA GLY A 97 -13.20 -10.64 -2.03
C GLY A 97 -13.13 -10.93 -3.53
N PRO A 98 -12.05 -11.65 -3.92
CA PRO A 98 -11.84 -12.01 -5.30
C PRO A 98 -12.78 -13.14 -5.73
N SER A 99 -12.69 -13.51 -7.00
CA SER A 99 -13.53 -14.56 -7.54
C SER A 99 -12.86 -15.92 -7.30
N SER A 100 -13.64 -16.97 -7.51
CA SER A 100 -13.15 -18.33 -7.33
C SER A 100 -12.72 -18.92 -8.68
N GLY A 101 -12.00 -20.02 -8.60
CA GLY A 101 -11.52 -20.69 -9.80
C GLY A 101 -10.00 -20.92 -9.73
N GLY A 1 -17.21 -7.94 28.49
CA GLY A 1 -17.86 -6.84 27.77
C GLY A 1 -17.53 -6.91 26.28
N SER A 2 -17.74 -5.78 25.62
CA SER A 2 -17.47 -5.70 24.19
C SER A 2 -17.73 -4.27 23.69
N SER A 3 -17.07 -3.93 22.59
CA SER A 3 -17.22 -2.61 22.01
C SER A 3 -16.97 -2.67 20.51
N GLY A 4 -17.26 -1.57 19.84
CA GLY A 4 -17.07 -1.48 18.40
C GLY A 4 -16.20 -0.28 18.03
N SER A 5 -15.64 -0.34 16.83
CA SER A 5 -14.79 0.73 16.34
C SER A 5 -14.70 0.67 14.82
N SER A 6 -14.30 1.80 14.24
CA SER A 6 -14.18 1.90 12.79
C SER A 6 -12.71 1.97 12.41
N GLY A 7 -12.46 1.86 11.10
CA GLY A 7 -11.11 1.90 10.58
C GLY A 7 -10.36 0.62 10.92
N GLU A 8 -9.74 0.05 9.89
CA GLU A 8 -8.98 -1.19 10.06
C GLU A 8 -7.79 -1.21 9.11
N VAL A 9 -6.66 -0.70 9.60
CA VAL A 9 -5.45 -0.65 8.80
C VAL A 9 -4.85 -2.06 8.71
N ARG A 10 -4.64 -2.48 7.47
CA ARG A 10 -4.08 -3.80 7.23
C ARG A 10 -2.57 -3.71 7.03
N LEU A 11 -1.92 -4.86 7.12
CA LEU A 11 -0.47 -4.92 6.96
C LEU A 11 -0.13 -5.83 5.77
N VAL A 12 0.20 -5.19 4.66
CA VAL A 12 0.55 -5.93 3.45
C VAL A 12 2.07 -6.10 3.39
N SER A 13 2.48 -7.25 2.87
CA SER A 13 3.89 -7.56 2.75
C SER A 13 4.20 -8.01 1.32
N LEU A 14 5.13 -7.30 0.70
CA LEU A 14 5.53 -7.62 -0.67
C LEU A 14 7.00 -8.00 -0.68
N ARG A 15 7.43 -8.55 -1.81
CA ARG A 15 8.82 -8.97 -1.97
C ARG A 15 9.39 -8.41 -3.28
N ARG A 16 10.69 -8.60 -3.43
CA ARG A 16 11.37 -8.13 -4.63
C ARG A 16 11.29 -6.61 -4.72
N ALA A 17 12.43 -6.00 -5.01
CA ALA A 17 12.50 -4.55 -5.13
C ALA A 17 13.95 -4.13 -5.35
N LYS A 18 14.17 -3.39 -6.43
CA LYS A 18 15.50 -2.93 -6.76
C LYS A 18 15.43 -2.07 -8.03
N ALA A 19 14.51 -1.12 -8.02
CA ALA A 19 14.35 -0.23 -9.15
C ALA A 19 13.44 -0.91 -10.19
N HIS A 20 13.91 -2.06 -10.67
CA HIS A 20 13.15 -2.80 -11.65
C HIS A 20 12.02 -3.57 -10.97
N GLU A 21 10.80 -3.15 -11.25
CA GLU A 21 9.63 -3.78 -10.67
C GLU A 21 9.58 -3.52 -9.17
N GLY A 22 8.65 -2.64 -8.79
CA GLY A 22 8.48 -2.30 -7.38
C GLY A 22 8.02 -3.51 -6.57
N LEU A 23 6.91 -3.33 -5.88
CA LEU A 23 6.35 -4.40 -5.05
C LEU A 23 5.13 -4.99 -5.76
N GLY A 24 5.12 -4.86 -7.08
CA GLY A 24 4.01 -5.37 -7.87
C GLY A 24 2.92 -4.32 -8.03
N PHE A 25 2.91 -3.37 -7.11
CA PHE A 25 1.93 -2.30 -7.13
C PHE A 25 2.60 -0.94 -7.18
N SER A 26 2.08 -0.07 -8.05
CA SER A 26 2.61 1.26 -8.19
C SER A 26 1.87 2.23 -7.26
N ILE A 27 2.53 3.34 -6.97
CA ILE A 27 1.95 4.35 -6.10
C ILE A 27 1.80 5.66 -6.88
N ARG A 28 1.02 6.56 -6.30
CA ARG A 28 0.78 7.86 -6.93
C ARG A 28 0.66 8.94 -5.85
N GLY A 29 0.53 10.18 -6.33
CA GLY A 29 0.41 11.31 -5.43
C GLY A 29 1.79 11.86 -5.05
N GLY A 30 1.94 12.17 -3.77
CA GLY A 30 3.20 12.70 -3.27
C GLY A 30 3.02 14.12 -2.76
N SER A 31 3.78 14.45 -1.72
CA SER A 31 3.72 15.78 -1.13
C SER A 31 3.76 16.84 -2.23
N GLU A 32 4.60 16.58 -3.23
CA GLU A 32 4.75 17.50 -4.34
C GLU A 32 3.37 17.97 -4.83
N HIS A 33 2.48 17.01 -4.96
CA HIS A 33 1.13 17.30 -5.42
C HIS A 33 0.30 17.85 -4.26
N GLY A 34 0.69 17.46 -3.05
CA GLY A 34 0.00 17.90 -1.85
C GLY A 34 -0.93 16.81 -1.33
N VAL A 35 -0.65 15.59 -1.73
CA VAL A 35 -1.45 14.45 -1.31
C VAL A 35 -0.56 13.40 -0.64
N GLY A 36 -1.19 12.39 -0.08
CA GLY A 36 -0.46 11.33 0.60
C GLY A 36 0.08 10.31 -0.41
N ILE A 37 0.19 9.08 0.05
CA ILE A 37 0.68 8.00 -0.79
C ILE A 37 -0.40 6.93 -0.92
N TYR A 38 -0.72 6.61 -2.17
CA TYR A 38 -1.73 5.60 -2.44
C TYR A 38 -1.32 4.72 -3.63
N VAL A 39 -2.05 3.62 -3.79
CA VAL A 39 -1.77 2.69 -4.88
C VAL A 39 -2.24 3.31 -6.20
N SER A 40 -1.39 3.17 -7.21
CA SER A 40 -1.70 3.70 -8.53
C SER A 40 -2.12 2.57 -9.47
N LEU A 41 -1.35 1.50 -9.42
CA LEU A 41 -1.62 0.33 -10.26
C LEU A 41 -1.30 -0.94 -9.49
N VAL A 42 -1.99 -2.01 -9.87
CA VAL A 42 -1.79 -3.29 -9.22
C VAL A 42 -1.73 -4.40 -10.28
N GLU A 43 -0.59 -5.06 -10.33
CA GLU A 43 -0.40 -6.13 -11.29
C GLU A 43 -1.32 -7.31 -10.97
N PRO A 44 -1.79 -8.00 -12.05
CA PRO A 44 -2.67 -9.13 -11.89
C PRO A 44 -1.90 -10.36 -11.39
N GLY A 45 -2.63 -11.28 -10.78
CA GLY A 45 -2.03 -12.49 -10.27
C GLY A 45 -0.76 -12.18 -9.48
N SER A 46 -0.68 -10.95 -8.99
CA SER A 46 0.47 -10.52 -8.22
C SER A 46 0.19 -10.70 -6.72
N LEU A 47 1.26 -10.61 -5.95
CA LEU A 47 1.15 -10.75 -4.51
C LEU A 47 0.30 -9.61 -3.94
N ALA A 48 0.68 -8.40 -4.31
CA ALA A 48 -0.02 -7.21 -3.85
C ALA A 48 -1.53 -7.49 -3.87
N GLU A 49 -1.98 -8.02 -5.00
CA GLU A 49 -3.39 -8.32 -5.16
C GLU A 49 -3.81 -9.41 -4.17
N LYS A 50 -2.96 -10.42 -4.06
CA LYS A 50 -3.22 -11.53 -3.16
C LYS A 50 -3.37 -11.00 -1.73
N GLU A 51 -2.55 -10.01 -1.41
CA GLU A 51 -2.59 -9.41 -0.08
C GLU A 51 -3.83 -8.52 0.05
N GLY A 52 -4.52 -8.33 -1.07
CA GLY A 52 -5.71 -7.51 -1.07
C GLY A 52 -5.43 -6.14 -1.71
N LEU A 53 -4.16 -5.78 -1.72
CA LEU A 53 -3.75 -4.51 -2.30
C LEU A 53 -4.55 -4.25 -3.57
N ARG A 54 -4.75 -2.97 -3.86
CA ARG A 54 -5.50 -2.58 -5.05
C ARG A 54 -5.58 -1.06 -5.14
N VAL A 55 -5.54 -0.56 -6.37
CA VAL A 55 -5.61 0.87 -6.61
C VAL A 55 -6.73 1.47 -5.76
N GLY A 56 -6.33 2.33 -4.83
CA GLY A 56 -7.29 2.98 -3.96
C GLY A 56 -6.74 3.08 -2.53
N ASP A 57 -6.15 1.98 -2.08
CA ASP A 57 -5.60 1.93 -0.74
C ASP A 57 -4.74 3.17 -0.51
N GLN A 58 -4.29 3.32 0.74
CA GLN A 58 -3.45 4.46 1.11
C GLN A 58 -2.25 3.99 1.93
N ILE A 59 -1.09 4.08 1.30
CA ILE A 59 0.15 3.67 1.95
C ILE A 59 0.48 4.67 3.07
N LEU A 60 -0.12 4.44 4.23
CA LEU A 60 0.11 5.29 5.37
C LEU A 60 1.56 5.19 5.81
N ARG A 61 1.98 3.95 6.06
CA ARG A 61 3.35 3.70 6.49
C ARG A 61 4.02 2.70 5.55
N VAL A 62 5.34 2.62 5.67
CA VAL A 62 6.11 1.70 4.84
C VAL A 62 7.26 1.12 5.67
N ASN A 63 7.11 -0.14 6.04
CA ASN A 63 8.14 -0.80 6.82
C ASN A 63 7.94 -0.47 8.31
N ASP A 64 7.84 0.83 8.57
CA ASP A 64 7.64 1.29 9.94
C ASP A 64 7.46 2.81 9.93
N LYS A 65 8.34 3.47 9.20
CA LYS A 65 8.28 4.93 9.10
C LYS A 65 7.03 5.33 8.32
N SER A 66 6.37 6.36 8.82
CA SER A 66 5.16 6.85 8.18
C SER A 66 5.50 7.97 7.19
N LEU A 67 5.11 7.75 5.94
CA LEU A 67 5.38 8.73 4.90
C LEU A 67 4.46 9.94 5.09
N ALA A 68 3.18 9.70 4.94
CA ALA A 68 2.19 10.75 5.10
C ALA A 68 2.03 11.50 3.77
N ARG A 69 3.17 11.81 3.17
CA ARG A 69 3.17 12.52 1.89
C ARG A 69 4.46 12.23 1.12
N VAL A 70 5.49 13.00 1.45
CA VAL A 70 6.78 12.83 0.80
C VAL A 70 6.59 12.88 -0.72
N THR A 71 7.70 13.09 -1.41
CA THR A 71 7.67 13.15 -2.86
C THR A 71 7.54 11.75 -3.46
N HIS A 72 6.87 11.68 -4.60
CA HIS A 72 6.68 10.41 -5.28
C HIS A 72 7.99 9.64 -5.32
N ALA A 73 9.09 10.38 -5.29
CA ALA A 73 10.40 9.77 -5.32
C ALA A 73 10.74 9.25 -3.93
N GLU A 74 10.41 10.04 -2.92
CA GLU A 74 10.67 9.67 -1.54
C GLU A 74 9.94 8.36 -1.21
N ALA A 75 8.62 8.43 -1.26
CA ALA A 75 7.80 7.27 -0.97
C ALA A 75 8.40 6.03 -1.65
N VAL A 76 8.71 6.20 -2.93
CA VAL A 76 9.29 5.11 -3.70
C VAL A 76 10.62 4.69 -3.07
N LYS A 77 11.47 5.68 -2.87
CA LYS A 77 12.78 5.43 -2.26
C LYS A 77 12.60 4.73 -0.92
N ALA A 78 11.40 4.88 -0.37
CA ALA A 78 11.09 4.27 0.91
C ALA A 78 10.51 2.88 0.68
N LEU A 79 9.70 2.77 -0.36
CA LEU A 79 9.08 1.51 -0.71
C LEU A 79 10.13 0.57 -1.30
N LYS A 80 10.76 -0.20 -0.43
CA LYS A 80 11.78 -1.14 -0.85
C LYS A 80 11.78 -2.36 0.09
N GLY A 81 11.91 -3.52 -0.53
CA GLY A 81 11.93 -4.77 0.23
C GLY A 81 12.96 -4.70 1.36
N SER A 82 14.21 -4.95 0.98
CA SER A 82 15.30 -4.92 1.94
C SER A 82 15.16 -6.09 2.91
N LYS A 83 14.28 -5.91 3.89
CA LYS A 83 14.04 -6.94 4.89
C LYS A 83 12.54 -7.01 5.19
N LYS A 84 11.88 -7.95 4.53
CA LYS A 84 10.46 -8.13 4.72
C LYS A 84 9.80 -6.78 4.99
N LEU A 85 9.40 -6.13 3.90
CA LEU A 85 8.76 -4.82 4.00
C LEU A 85 7.31 -5.01 4.45
N VAL A 86 6.81 -3.99 5.13
CA VAL A 86 5.43 -4.02 5.62
C VAL A 86 4.69 -2.80 5.10
N LEU A 87 3.88 -3.02 4.08
CA LEU A 87 3.10 -1.94 3.48
C LEU A 87 1.88 -1.66 4.36
N SER A 88 1.83 -0.43 4.86
CA SER A 88 0.72 -0.02 5.71
C SER A 88 -0.36 0.65 4.87
N VAL A 89 -1.47 -0.07 4.72
CA VAL A 89 -2.59 0.44 3.95
C VAL A 89 -3.84 0.44 4.82
N TYR A 90 -4.60 1.53 4.69
CA TYR A 90 -5.83 1.68 5.46
C TYR A 90 -7.05 1.24 4.63
N SER A 91 -7.73 0.23 5.14
CA SER A 91 -8.91 -0.29 4.47
C SER A 91 -10.17 0.26 5.12
N ALA A 92 -11.09 0.74 4.30
CA ALA A 92 -12.33 1.29 4.79
C ALA A 92 -13.45 0.97 3.80
N GLY A 93 -14.66 1.39 4.16
CA GLY A 93 -15.82 1.15 3.32
C GLY A 93 -15.53 1.54 1.86
N ARG A 94 -15.28 0.53 1.05
CA ARG A 94 -14.98 0.76 -0.36
C ARG A 94 -14.88 -0.58 -1.09
N ILE A 95 -15.52 -0.63 -2.25
CA ILE A 95 -15.50 -1.83 -3.07
C ILE A 95 -15.31 -1.45 -4.54
N SER A 96 -14.61 -2.31 -5.26
CA SER A 96 -14.35 -2.08 -6.66
C SER A 96 -13.56 -3.25 -7.26
N GLY A 97 -13.78 -3.49 -8.54
CA GLY A 97 -13.11 -4.57 -9.23
C GLY A 97 -13.78 -5.91 -8.94
N PRO A 98 -13.63 -6.85 -9.92
CA PRO A 98 -14.22 -8.17 -9.79
C PRO A 98 -13.42 -9.02 -8.80
N SER A 99 -13.85 -10.27 -8.68
CA SER A 99 -13.18 -11.20 -7.77
C SER A 99 -13.39 -12.63 -8.26
N SER A 100 -12.43 -13.48 -7.92
CA SER A 100 -12.49 -14.88 -8.31
C SER A 100 -12.72 -15.76 -7.09
N GLY A 101 -13.92 -16.31 -7.00
CA GLY A 101 -14.28 -17.17 -5.87
C GLY A 101 -15.64 -16.80 -5.31
#